data_3P7M
#
_entry.id   3P7M
#
_cell.length_a   78.740
_cell.length_b   99.147
_cell.length_c   83.345
_cell.angle_alpha   90.00
_cell.angle_beta   103.54
_cell.angle_gamma   90.00
#
_symmetry.space_group_name_H-M   'P 1 21 1'
#
loop_
_entity.id
_entity.type
_entity.pdbx_description
1 polymer 'Malate dehydrogenase'
2 non-polymer 'PHOSPHATE ION'
3 water water
#
_entity_poly.entity_id   1
_entity_poly.type   'polypeptide(L)'
_entity_poly.pdbx_seq_one_letter_code
;NA(MSE)ARKKITLVGAGNIGGTLAHLALIKQLGDVVLFDIAQG(MSE)PNGKALDLLQTCPIEGVDFKVRGTNDYKDLE
NSDVVIVTAGVPRKPG(MSE)SRDDLLGINIKV(MSE)QTVGEGIKHNCPNAFVICITNPLDI(MSE)VN(MSE)LQKFS
GVPDNKIVG(MSE)AGVLDSARFRTFLADELNVSVQQVQAYV(MSE)GGHGDT(MSE)VPLTK(MSE)SNVAGVSLEQLV
KEGKLKQERLDAIVSRTRSGGGEIVALLKTGSAYYAPAAAGIQ(MSE)AESFLKDKK(MSE)ILPCAAKVKAG(MSE)YG
LDEDLFVGVPTEISANGVRPIEVEISDKEREQLQVSINAIKDLNKAAAEILAK
;
_entity_poly.pdbx_strand_id   A,B,C,D
#
loop_
_chem_comp.id
_chem_comp.type
_chem_comp.name
_chem_comp.formula
PO4 non-polymer 'PHOSPHATE ION' 'O4 P -3'
#
# COMPACT_ATOMS: atom_id res chain seq x y z
N MSE A 3 18.00 -15.59 7.38
CA MSE A 3 17.93 -14.89 6.04
C MSE A 3 18.15 -13.37 6.19
O MSE A 3 17.46 -12.69 6.94
CB MSE A 3 16.59 -15.18 5.34
CG MSE A 3 16.35 -14.44 4.01
SE MSE A 3 17.40 -15.08 2.44
CE MSE A 3 18.04 -16.87 3.16
N ALA A 4 19.09 -12.85 5.43
CA ALA A 4 19.46 -11.46 5.53
C ALA A 4 18.32 -10.61 4.98
N ARG A 5 18.03 -9.48 5.63
CA ARG A 5 17.21 -8.48 5.00
C ARG A 5 17.87 -8.01 3.69
N LYS A 6 17.04 -7.60 2.73
CA LYS A 6 17.54 -6.99 1.54
C LYS A 6 18.15 -5.64 1.91
N LYS A 7 19.12 -5.19 1.12
CA LYS A 7 19.89 -3.97 1.40
C LYS A 7 20.13 -3.14 0.13
N ILE A 8 19.70 -1.89 0.21
CA ILE A 8 19.83 -0.90 -0.82
C ILE A 8 20.76 0.20 -0.34
N THR A 9 21.90 0.36 -1.02
CA THR A 9 22.79 1.46 -0.72
C THR A 9 22.59 2.56 -1.78
N LEU A 10 22.43 3.77 -1.26
CA LEU A 10 22.32 4.97 -2.08
C LEU A 10 23.61 5.78 -1.91
N VAL A 11 24.39 5.82 -2.97
CA VAL A 11 25.63 6.57 -2.99
C VAL A 11 25.35 7.95 -3.50
N GLY A 12 25.23 8.92 -2.57
CA GLY A 12 24.83 10.29 -2.87
C GLY A 12 23.62 10.52 -2.04
N ALA A 13 23.67 11.51 -1.13
CA ALA A 13 22.57 11.80 -0.19
C ALA A 13 22.01 13.21 -0.40
N GLY A 14 22.08 13.67 -1.67
CA GLY A 14 21.38 14.89 -2.08
C GLY A 14 19.89 14.68 -2.09
N ASN A 15 19.16 15.52 -2.79
CA ASN A 15 17.72 15.41 -2.72
C ASN A 15 17.18 14.16 -3.39
N ILE A 16 17.78 13.75 -4.48
CA ILE A 16 17.41 12.52 -5.15
C ILE A 16 17.72 11.36 -4.21
N GLY A 17 18.90 11.34 -3.61
CA GLY A 17 19.29 10.25 -2.75
C GLY A 17 18.32 10.14 -1.58
N GLY A 18 17.98 11.28 -0.98
CA GLY A 18 17.06 11.25 0.18
C GLY A 18 15.68 10.72 -0.22
N THR A 19 15.17 11.17 -1.35
CA THR A 19 13.89 10.73 -1.85
C THR A 19 13.87 9.24 -2.21
N LEU A 20 14.95 8.75 -2.81
CA LEU A 20 15.09 7.31 -3.04
C LEU A 20 14.95 6.53 -1.76
N ALA A 21 15.62 7.01 -0.72
CA ALA A 21 15.63 6.36 0.57
C ALA A 21 14.21 6.35 1.14
N HIS A 22 13.53 7.50 1.05
CA HIS A 22 12.17 7.61 1.58
C HIS A 22 11.23 6.63 0.88
N LEU A 23 11.31 6.60 -0.45
CA LEU A 23 10.48 5.67 -1.23
C LEU A 23 10.75 4.17 -0.87
N ALA A 24 12.02 3.82 -0.77
CA ALA A 24 12.45 2.47 -0.39
C ALA A 24 11.86 2.08 0.95
N LEU A 25 11.82 3.03 1.90
CA LEU A 25 11.25 2.77 3.19
C LEU A 25 9.75 2.57 3.07
N ILE A 26 9.09 3.50 2.40
CA ILE A 26 7.64 3.40 2.24
C ILE A 26 7.22 2.12 1.58
N LYS A 27 7.93 1.70 0.55
CA LYS A 27 7.59 0.50 -0.19
C LYS A 27 8.18 -0.78 0.45
N GLN A 28 8.83 -0.65 1.60
CA GLN A 28 9.35 -1.78 2.36
C GLN A 28 10.25 -2.66 1.52
N LEU A 29 11.19 -2.04 0.84
CA LEU A 29 12.04 -2.83 -0.08
C LEU A 29 13.27 -3.44 0.63
N GLY A 30 13.63 -2.93 1.80
CA GLY A 30 14.75 -3.48 2.54
C GLY A 30 15.37 -2.43 3.41
N ASP A 31 16.46 -2.77 4.05
CA ASP A 31 17.26 -1.78 4.77
C ASP A 31 17.96 -0.84 3.77
N VAL A 32 18.27 0.36 4.24
CA VAL A 32 18.85 1.36 3.39
C VAL A 32 20.10 1.94 4.01
N VAL A 33 21.12 2.09 3.18
CA VAL A 33 22.31 2.77 3.58
C VAL A 33 22.44 4.03 2.68
N LEU A 34 22.63 5.18 3.33
CA LEU A 34 22.69 6.44 2.69
C LEU A 34 24.12 6.92 2.83
N PHE A 35 24.88 6.76 1.75
CA PHE A 35 26.27 7.14 1.68
C PHE A 35 26.43 8.56 1.10
N ASP A 36 27.33 9.32 1.67
CA ASP A 36 27.74 10.60 1.11
C ASP A 36 29.12 10.94 1.66
N ILE A 37 29.86 11.67 0.84
CA ILE A 37 31.19 12.10 1.21
C ILE A 37 31.14 13.21 2.24
N ALA A 38 30.03 13.93 2.28
CA ALA A 38 29.80 15.03 3.24
C ALA A 38 29.71 14.52 4.67
N GLN A 39 30.19 15.34 5.58
CA GLN A 39 30.18 15.03 6.99
C GLN A 39 28.85 15.40 7.57
N GLY A 40 28.36 14.51 8.42
CA GLY A 40 27.12 14.71 9.14
C GLY A 40 25.84 14.55 8.34
N MSE A 41 25.76 15.20 7.20
CA MSE A 41 24.50 15.26 6.50
C MSE A 41 23.84 13.93 6.17
O MSE A 41 22.64 13.78 6.35
CB MSE A 41 24.68 16.09 5.26
CG MSE A 41 23.41 16.37 4.59
SE MSE A 41 23.14 15.02 3.27
CE MSE A 41 23.89 16.18 1.76
N PRO A 42 24.55 12.96 5.68
CA PRO A 42 23.89 11.70 5.41
C PRO A 42 23.36 11.08 6.72
N ASN A 43 24.08 11.18 7.81
CA ASN A 43 23.62 10.67 9.07
C ASN A 43 22.40 11.39 9.50
N GLY A 44 22.38 12.69 9.33
CA GLY A 44 21.23 13.46 9.68
C GLY A 44 19.97 13.13 8.91
N LYS A 45 20.08 12.97 7.60
CA LYS A 45 18.91 12.61 6.79
C LYS A 45 18.49 11.23 7.15
N ALA A 46 19.47 10.35 7.35
CA ALA A 46 19.16 8.96 7.65
C ALA A 46 18.43 8.92 8.96
N LEU A 47 18.86 9.68 9.94
CA LEU A 47 18.14 9.69 11.18
C LEU A 47 16.71 10.22 11.06
N ASP A 48 16.53 11.25 10.27
CA ASP A 48 15.21 11.83 10.01
C ASP A 48 14.30 10.81 9.30
N LEU A 49 14.83 10.14 8.31
CA LEU A 49 14.09 9.13 7.62
C LEU A 49 13.72 7.92 8.52
N LEU A 50 14.65 7.44 9.32
CA LEU A 50 14.43 6.35 10.24
C LEU A 50 13.28 6.69 11.21
N GLN A 51 13.20 7.92 11.63
CA GLN A 51 12.15 8.35 12.52
C GLN A 51 10.82 8.51 11.87
N THR A 52 10.70 8.39 10.56
CA THR A 52 9.39 8.23 9.93
C THR A 52 8.76 6.85 10.18
N CYS A 53 9.60 5.87 10.40
CA CYS A 53 9.24 4.49 10.37
C CYS A 53 8.17 4.02 11.36
N PRO A 54 8.19 4.51 12.57
CA PRO A 54 7.14 4.20 13.52
C PRO A 54 5.81 4.71 13.08
N ILE A 55 5.81 5.86 12.44
CA ILE A 55 4.56 6.43 11.91
C ILE A 55 3.99 5.54 10.83
N GLU A 56 4.84 5.04 9.95
CA GLU A 56 4.40 4.18 8.86
C GLU A 56 4.33 2.71 9.19
N GLY A 57 4.77 2.31 10.37
CA GLY A 57 4.69 0.91 10.84
C GLY A 57 5.76 0.02 10.21
N VAL A 58 6.87 0.61 9.81
CA VAL A 58 7.89 -0.06 9.04
C VAL A 58 9.07 -0.39 9.92
N ASP A 59 9.60 -1.61 9.80
CA ASP A 59 10.77 -2.05 10.61
C ASP A 59 12.10 -2.14 9.92
N PHE A 60 12.09 -1.79 8.63
CA PHE A 60 13.34 -1.64 7.91
C PHE A 60 14.05 -0.41 8.48
N LYS A 61 15.38 -0.46 8.42
CA LYS A 61 16.25 0.60 8.96
C LYS A 61 16.98 1.44 7.89
N VAL A 62 17.39 2.63 8.25
CA VAL A 62 18.19 3.45 7.37
C VAL A 62 19.32 4.07 8.18
N ARG A 63 20.55 3.95 7.68
CA ARG A 63 21.65 4.59 8.34
C ARG A 63 22.52 5.35 7.35
N GLY A 64 23.26 6.32 7.88
CA GLY A 64 24.07 7.19 7.06
C GLY A 64 25.53 6.81 7.21
N THR A 65 26.31 7.06 6.16
CA THR A 65 27.72 6.71 6.19
C THR A 65 28.60 7.50 5.24
N ASN A 66 29.88 7.58 5.60
CA ASN A 66 30.96 8.11 4.77
C ASN A 66 31.92 6.99 4.29
N ASP A 67 31.59 5.75 4.66
CA ASP A 67 32.55 4.65 4.58
C ASP A 67 32.03 3.63 3.58
N TYR A 68 32.80 3.42 2.53
CA TYR A 68 32.44 2.41 1.51
C TYR A 68 32.24 0.98 2.04
N LYS A 69 32.82 0.66 3.18
CA LYS A 69 32.73 -0.64 3.79
C LYS A 69 31.28 -0.96 4.07
N ASP A 70 30.50 0.06 4.37
CA ASP A 70 29.08 -0.07 4.66
C ASP A 70 28.26 -0.47 3.44
N LEU A 71 28.90 -0.53 2.30
CA LEU A 71 28.32 -1.06 1.09
C LEU A 71 28.21 -2.58 1.09
N GLU A 72 28.82 -3.25 2.04
N GLU A 72 28.81 -3.24 2.05
CA GLU A 72 28.87 -4.69 1.94
CA GLU A 72 28.87 -4.67 1.92
C GLU A 72 27.53 -5.35 1.83
C GLU A 72 27.53 -5.35 1.83
N ASN A 73 27.45 -6.36 0.98
CA ASN A 73 26.21 -7.13 0.76
C ASN A 73 25.01 -6.36 0.20
N SER A 74 25.24 -5.21 -0.40
CA SER A 74 24.13 -4.39 -0.89
C SER A 74 23.56 -5.18 -2.03
N ASP A 75 22.27 -5.38 -2.08
CA ASP A 75 21.65 -6.05 -3.23
C ASP A 75 21.53 -5.11 -4.43
N VAL A 76 21.29 -3.84 -4.12
CA VAL A 76 21.14 -2.77 -5.11
C VAL A 76 21.98 -1.61 -4.61
N VAL A 77 22.64 -0.96 -5.54
CA VAL A 77 23.30 0.32 -5.30
C VAL A 77 22.76 1.33 -6.34
N ILE A 78 22.26 2.45 -5.86
CA ILE A 78 21.81 3.52 -6.77
C ILE A 78 22.72 4.74 -6.58
N VAL A 79 23.41 5.11 -7.63
CA VAL A 79 24.44 6.16 -7.57
C VAL A 79 23.96 7.50 -8.10
N THR A 80 23.86 8.49 -7.22
CA THR A 80 23.50 9.88 -7.60
C THR A 80 24.63 10.88 -7.34
N ALA A 81 25.75 10.42 -6.83
CA ALA A 81 26.83 11.31 -6.39
C ALA A 81 27.47 11.97 -7.63
N GLY A 82 27.98 13.17 -7.45
CA GLY A 82 28.47 13.99 -8.59
C GLY A 82 28.14 15.46 -8.38
N VAL A 83 28.63 16.31 -9.25
CA VAL A 83 28.35 17.72 -9.15
C VAL A 83 27.48 18.07 -10.31
N PRO A 84 26.58 19.02 -10.12
CA PRO A 84 25.79 19.55 -11.22
C PRO A 84 26.62 20.54 -12.03
N ARG A 85 26.39 20.62 -13.33
CA ARG A 85 27.09 21.58 -14.15
C ARG A 85 26.58 22.95 -13.82
N LYS A 86 27.49 23.90 -13.82
CA LYS A 86 27.20 25.28 -13.49
C LYS A 86 27.96 26.19 -14.44
N PRO A 87 27.56 27.45 -14.52
CA PRO A 87 28.30 28.42 -15.29
C PRO A 87 29.62 28.59 -14.57
N GLY A 88 30.75 28.74 -15.23
CA GLY A 88 30.87 28.71 -16.66
C GLY A 88 31.59 27.41 -16.87
N MSE A 89 31.45 26.53 -15.89
CA MSE A 89 32.13 25.26 -15.86
C MSE A 89 31.78 24.61 -17.18
O MSE A 89 30.64 24.49 -17.57
CB MSE A 89 31.61 24.43 -14.70
CG MSE A 89 31.96 22.96 -14.71
SE MSE A 89 31.20 21.91 -13.23
CE MSE A 89 30.75 23.30 -12.05
N SER A 90 32.83 24.18 -17.85
CA SER A 90 32.73 23.58 -19.15
C SER A 90 32.23 22.16 -19.08
N ARG A 91 31.90 21.61 -20.22
CA ARG A 91 31.50 20.24 -20.23
C ARG A 91 32.73 19.47 -19.79
N ASP A 92 33.87 19.80 -20.32
CA ASP A 92 35.03 19.06 -19.96
C ASP A 92 35.28 19.16 -18.46
N ASP A 93 35.03 20.33 -17.87
CA ASP A 93 35.31 20.50 -16.48
C ASP A 93 34.46 19.47 -15.69
N LEU A 94 33.19 19.35 -16.04
CA LEU A 94 32.28 18.46 -15.36
C LEU A 94 32.69 17.01 -15.49
N LEU A 95 33.12 16.62 -16.69
CA LEU A 95 33.47 15.27 -16.94
C LEU A 95 34.62 14.89 -16.07
N GLY A 96 35.58 15.79 -15.97
CA GLY A 96 36.75 15.48 -15.20
C GLY A 96 36.39 15.27 -13.77
N ILE A 97 35.52 16.10 -13.28
CA ILE A 97 35.04 15.95 -11.94
C ILE A 97 34.22 14.69 -11.71
N ASN A 98 33.30 14.40 -12.59
CA ASN A 98 32.41 13.31 -12.30
C ASN A 98 33.03 11.98 -12.64
N ILE A 99 33.90 11.94 -13.62
CA ILE A 99 34.68 10.73 -13.86
C ILE A 99 35.41 10.29 -12.60
N LYS A 100 35.98 11.25 -11.89
CA LYS A 100 36.71 10.95 -10.65
C LYS A 100 35.78 10.39 -9.59
N VAL A 101 34.62 10.98 -9.41
CA VAL A 101 33.66 10.44 -8.47
C VAL A 101 33.32 9.00 -8.85
N MSE A 102 33.09 8.72 -10.13
CA MSE A 102 32.69 7.39 -10.56
C MSE A 102 33.82 6.37 -10.21
O MSE A 102 33.56 5.24 -9.76
CB MSE A 102 32.39 7.37 -12.06
CG MSE A 102 31.15 8.17 -12.52
SE MSE A 102 29.53 7.59 -11.55
CE MSE A 102 29.48 8.88 -10.09
N GLN A 103 35.06 6.80 -10.42
CA GLN A 103 36.23 6.00 -10.06
C GLN A 103 36.19 5.64 -8.57
N THR A 104 35.94 6.64 -7.72
CA THR A 104 35.90 6.41 -6.29
C THR A 104 34.72 5.50 -5.98
N VAL A 105 33.55 5.86 -6.48
CA VAL A 105 32.36 5.06 -6.26
C VAL A 105 32.51 3.63 -6.84
N GLY A 106 32.99 3.55 -8.06
CA GLY A 106 33.27 2.28 -8.71
C GLY A 106 34.14 1.35 -7.89
N GLU A 107 35.21 1.91 -7.36
CA GLU A 107 36.15 1.12 -6.60
C GLU A 107 35.43 0.65 -5.34
N GLY A 108 34.65 1.55 -4.74
CA GLY A 108 33.91 1.22 -3.53
C GLY A 108 33.00 0.00 -3.77
N ILE A 109 32.32 0.01 -4.90
CA ILE A 109 31.44 -1.10 -5.30
C ILE A 109 32.22 -2.37 -5.51
N LYS A 110 33.26 -2.25 -6.31
CA LYS A 110 34.14 -3.37 -6.62
C LYS A 110 34.65 -4.05 -5.35
N HIS A 111 35.03 -3.28 -4.34
CA HIS A 111 35.72 -3.84 -3.16
C HIS A 111 34.77 -4.30 -2.12
N ASN A 112 33.56 -3.78 -2.15
CA ASN A 112 32.63 -4.07 -1.07
C ASN A 112 31.36 -4.80 -1.41
N CYS A 113 30.81 -4.59 -2.61
CA CYS A 113 29.65 -5.36 -3.03
C CYS A 113 29.62 -5.62 -4.52
N PRO A 114 30.57 -6.42 -5.01
CA PRO A 114 30.77 -6.57 -6.45
C PRO A 114 29.63 -7.29 -7.16
N ASN A 115 28.74 -7.92 -6.38
CA ASN A 115 27.55 -8.53 -6.98
C ASN A 115 26.23 -7.78 -6.91
N ALA A 116 26.35 -6.51 -6.54
CA ALA A 116 25.18 -5.60 -6.52
C ALA A 116 24.68 -5.35 -7.92
N PHE A 117 23.40 -5.02 -8.00
CA PHE A 117 22.77 -4.49 -9.19
C PHE A 117 22.90 -2.98 -9.06
N VAL A 118 23.52 -2.35 -10.03
CA VAL A 118 23.89 -0.95 -9.95
C VAL A 118 23.08 -0.14 -10.93
N ILE A 119 22.38 0.84 -10.38
CA ILE A 119 21.65 1.80 -11.16
C ILE A 119 22.39 3.16 -11.07
N CYS A 120 22.75 3.71 -12.20
CA CYS A 120 23.46 4.98 -12.25
C CYS A 120 22.47 6.09 -12.59
N ILE A 121 22.55 7.17 -11.83
CA ILE A 121 21.75 8.38 -12.10
C ILE A 121 22.64 9.62 -12.37
N THR A 122 23.89 9.59 -11.93
CA THR A 122 24.84 10.69 -12.11
C THR A 122 24.93 11.18 -13.55
N ASN A 123 24.98 12.50 -13.76
CA ASN A 123 25.07 13.07 -15.12
C ASN A 123 26.50 13.50 -15.51
N PRO A 124 26.80 13.57 -16.82
CA PRO A 124 25.92 13.20 -17.93
C PRO A 124 25.77 11.71 -18.00
N LEU A 125 24.51 11.30 -17.92
CA LEU A 125 24.16 9.89 -17.85
C LEU A 125 24.73 9.15 -19.04
N ASP A 126 24.69 9.78 -20.21
CA ASP A 126 25.18 9.12 -21.42
C ASP A 126 26.58 8.49 -21.20
N ILE A 127 27.44 9.12 -20.45
CA ILE A 127 28.80 8.62 -20.24
C ILE A 127 29.04 8.05 -18.86
N MSE A 128 28.33 8.54 -17.84
CA MSE A 128 28.67 8.15 -16.46
C MSE A 128 28.37 6.66 -16.09
O MSE A 128 29.04 6.06 -15.25
CB MSE A 128 27.99 9.08 -15.49
CG MSE A 128 28.62 10.45 -15.35
SE MSE A 128 30.57 10.48 -15.09
CE MSE A 128 30.87 12.23 -16.01
N VAL A 129 27.39 6.05 -16.76
CA VAL A 129 27.09 4.63 -16.58
C VAL A 129 28.24 3.74 -17.10
N ASN A 130 28.79 4.15 -18.22
CA ASN A 130 29.92 3.49 -18.84
C ASN A 130 31.11 3.52 -17.87
N MSE A 131 31.37 4.70 -17.33
CA MSE A 131 32.48 4.88 -16.40
C MSE A 131 32.25 4.12 -15.09
O MSE A 131 33.16 3.51 -14.55
CB MSE A 131 32.66 6.36 -16.06
CG MSE A 131 32.96 7.24 -17.23
SE MSE A 131 34.75 6.92 -17.98
CE MSE A 131 34.29 5.62 -19.45
N LEU A 132 31.03 4.18 -14.61
CA LEU A 132 30.73 3.44 -13.40
C LEU A 132 31.03 1.93 -13.54
N GLN A 133 30.69 1.36 -14.69
CA GLN A 133 30.97 -0.07 -14.94
C GLN A 133 32.46 -0.33 -15.02
N LYS A 134 33.14 0.51 -15.80
CA LYS A 134 34.56 0.41 -15.97
C LYS A 134 35.26 0.37 -14.62
N PHE A 135 34.92 1.24 -13.69
CA PHE A 135 35.67 1.28 -12.43
C PHE A 135 35.12 0.31 -11.37
N SER A 136 33.82 0.03 -11.42
CA SER A 136 33.25 -1.00 -10.55
C SER A 136 33.60 -2.41 -10.99
N GLY A 137 33.75 -2.61 -12.29
CA GLY A 137 34.00 -3.94 -12.82
C GLY A 137 32.78 -4.87 -12.86
N VAL A 138 31.55 -4.35 -12.68
CA VAL A 138 30.36 -5.21 -12.73
C VAL A 138 30.00 -5.62 -14.16
N PRO A 139 29.45 -6.81 -14.31
CA PRO A 139 29.09 -7.30 -15.62
C PRO A 139 27.96 -6.52 -16.29
N ASP A 140 27.85 -6.68 -17.59
CA ASP A 140 26.87 -5.96 -18.41
C ASP A 140 25.43 -6.02 -17.91
N ASN A 141 25.05 -7.21 -17.42
CA ASN A 141 23.70 -7.43 -16.96
C ASN A 141 23.39 -6.82 -15.58
N LYS A 142 24.38 -6.20 -14.95
CA LYS A 142 24.24 -5.66 -13.61
C LYS A 142 24.47 -4.15 -13.52
N ILE A 143 24.53 -3.46 -14.64
CA ILE A 143 24.61 -2.02 -14.59
C ILE A 143 23.61 -1.44 -15.57
N VAL A 144 22.98 -0.35 -15.15
CA VAL A 144 21.96 0.28 -15.97
C VAL A 144 21.83 1.74 -15.56
N GLY A 145 21.46 2.59 -16.51
CA GLY A 145 21.30 3.99 -16.23
C GLY A 145 19.86 4.39 -16.27
N MSE A 146 19.46 5.24 -15.35
CA MSE A 146 18.09 5.77 -15.37
C MSE A 146 18.08 6.96 -16.27
O MSE A 146 18.90 7.87 -16.08
CB MSE A 146 17.68 6.17 -13.97
CG MSE A 146 16.25 6.57 -13.77
SE MSE A 146 15.77 8.32 -14.50
CE MSE A 146 16.58 9.50 -13.17
N ALA A 147 17.17 6.99 -17.24
CA ALA A 147 16.98 8.16 -18.06
C ALA A 147 15.59 8.12 -18.72
N GLY A 148 15.40 7.14 -19.59
CA GLY A 148 14.14 6.98 -20.31
C GLY A 148 12.90 6.99 -19.41
N VAL A 149 12.97 6.35 -18.25
CA VAL A 149 11.78 6.15 -17.45
C VAL A 149 11.27 7.54 -17.01
N LEU A 150 12.18 8.43 -16.68
CA LEU A 150 11.83 9.81 -16.34
C LEU A 150 11.16 10.51 -17.52
N ASP A 151 11.73 10.38 -18.70
CA ASP A 151 11.10 11.00 -19.86
C ASP A 151 9.69 10.44 -20.16
N SER A 152 9.60 9.13 -20.08
CA SER A 152 8.34 8.43 -20.17
C SER A 152 7.29 8.97 -19.19
N ALA A 153 7.69 9.12 -17.93
CA ALA A 153 6.82 9.64 -16.88
C ALA A 153 6.31 11.02 -17.19
N ARG A 154 7.19 11.87 -17.67
CA ARG A 154 6.78 13.21 -18.01
C ARG A 154 5.82 13.20 -19.19
N PHE A 155 6.13 12.41 -20.19
CA PHE A 155 5.35 12.35 -21.41
C PHE A 155 3.94 11.91 -21.00
N ARG A 156 3.86 10.93 -20.11
N ARG A 156 3.86 10.92 -20.11
CA ARG A 156 2.58 10.42 -19.67
CA ARG A 156 2.59 10.40 -19.66
C ARG A 156 1.79 11.47 -18.90
C ARG A 156 1.80 11.46 -18.88
N THR A 157 2.50 12.24 -18.06
CA THR A 157 1.88 13.24 -17.28
C THR A 157 1.20 14.21 -18.20
N PHE A 158 1.93 14.68 -19.17
CA PHE A 158 1.37 15.73 -20.04
C PHE A 158 0.20 15.12 -20.84
N LEU A 159 0.36 13.87 -21.27
CA LEU A 159 -0.67 13.27 -22.11
C LEU A 159 -1.96 13.06 -21.31
N ALA A 160 -1.77 12.62 -20.08
CA ALA A 160 -2.91 12.35 -19.20
C ALA A 160 -3.73 13.59 -18.90
N ASP A 161 -3.05 14.72 -18.74
CA ASP A 161 -3.74 15.96 -18.46
C ASP A 161 -4.42 16.49 -19.72
N GLU A 162 -3.70 16.43 -20.82
CA GLU A 162 -4.20 16.91 -22.09
C GLU A 162 -5.49 16.17 -22.51
N LEU A 163 -5.48 14.85 -22.36
CA LEU A 163 -6.56 13.99 -22.87
C LEU A 163 -7.57 13.57 -21.77
N ASN A 164 -7.30 14.00 -20.56
CA ASN A 164 -8.23 13.78 -19.47
C ASN A 164 -8.52 12.29 -19.18
N VAL A 165 -7.46 11.56 -18.94
CA VAL A 165 -7.55 10.15 -18.76
C VAL A 165 -6.59 9.74 -17.64
N SER A 166 -6.79 8.54 -17.16
CA SER A 166 -5.95 8.02 -16.10
C SER A 166 -4.54 7.79 -16.61
N VAL A 167 -3.57 8.08 -15.73
CA VAL A 167 -2.18 7.76 -16.05
C VAL A 167 -2.00 6.28 -16.33
N GLN A 168 -2.85 5.45 -15.76
CA GLN A 168 -2.73 3.98 -15.99
C GLN A 168 -3.16 3.52 -17.39
N GLN A 169 -3.83 4.34 -18.16
CA GLN A 169 -4.11 4.03 -19.55
C GLN A 169 -3.20 4.79 -20.55
N VAL A 170 -2.17 5.50 -20.05
CA VAL A 170 -1.26 6.21 -20.96
C VAL A 170 0.06 5.45 -20.88
N GLN A 171 0.50 4.97 -22.07
CA GLN A 171 1.85 4.45 -22.21
C GLN A 171 2.70 5.23 -23.22
N ALA A 172 3.86 5.68 -22.72
CA ALA A 172 4.75 6.55 -23.50
C ALA A 172 6.03 5.83 -23.61
N TYR A 173 6.42 5.54 -24.84
CA TYR A 173 7.67 4.86 -25.15
C TYR A 173 8.68 5.81 -25.84
N VAL A 174 9.91 5.78 -25.35
CA VAL A 174 11.01 6.62 -25.79
C VAL A 174 12.28 5.80 -25.79
N MSE A 175 13.27 6.30 -26.51
CA MSE A 175 14.55 5.67 -26.61
C MSE A 175 15.54 6.77 -26.68
O MSE A 175 15.15 7.91 -26.74
CB MSE A 175 14.66 4.88 -27.91
CG MSE A 175 14.27 3.51 -27.82
SE MSE A 175 14.54 2.72 -29.58
CE MSE A 175 15.56 1.22 -28.95
N GLY A 176 16.82 6.41 -26.69
CA GLY A 176 17.86 7.40 -26.75
C GLY A 176 18.05 8.08 -25.39
N GLY A 177 18.51 9.33 -25.40
CA GLY A 177 18.80 10.10 -24.19
C GLY A 177 17.75 11.16 -23.93
N HIS A 178 18.19 12.23 -23.27
CA HIS A 178 17.34 13.36 -22.93
C HIS A 178 17.40 14.40 -24.00
N GLY A 179 16.50 15.37 -23.90
CA GLY A 179 16.54 16.54 -24.79
C GLY A 179 16.53 16.16 -26.27
N ASP A 180 17.50 16.72 -26.99
CA ASP A 180 17.57 16.60 -28.43
C ASP A 180 17.97 15.20 -28.83
N THR A 181 18.43 14.41 -27.87
CA THR A 181 18.82 13.02 -28.16
C THR A 181 17.72 12.02 -27.85
N MSE A 182 16.61 12.48 -27.31
CA MSE A 182 15.50 11.58 -27.04
C MSE A 182 14.85 11.16 -28.31
O MSE A 182 14.79 11.92 -29.26
CB MSE A 182 14.46 12.32 -26.21
CG MSE A 182 13.43 11.43 -25.59
SE MSE A 182 12.03 12.51 -24.65
CE MSE A 182 10.83 12.87 -26.20
N VAL A 183 14.31 9.93 -28.30
CA VAL A 183 13.58 9.41 -29.42
C VAL A 183 12.15 9.04 -29.06
N PRO A 184 11.19 9.90 -29.43
CA PRO A 184 9.82 9.61 -29.13
C PRO A 184 9.27 8.57 -30.10
N LEU A 185 8.58 7.57 -29.56
CA LEU A 185 8.02 6.45 -30.34
C LEU A 185 6.51 6.56 -30.36
N THR A 186 6.06 7.36 -31.31
CA THR A 186 4.69 7.86 -31.34
C THR A 186 3.75 6.84 -31.88
N LYS A 187 4.26 5.84 -32.61
CA LYS A 187 3.41 4.73 -33.02
C LYS A 187 3.12 3.85 -31.81
N MSE A 188 4.14 3.48 -31.04
CA MSE A 188 3.94 2.55 -29.91
C MSE A 188 3.20 3.21 -28.74
O MSE A 188 2.46 2.57 -28.01
CB MSE A 188 5.27 2.04 -29.39
CG MSE A 188 6.28 1.77 -30.50
SE MSE A 188 7.78 0.70 -29.89
CE MSE A 188 7.03 -0.97 -30.61
N SER A 189 3.47 4.49 -28.51
CA SER A 189 2.86 5.22 -27.43
C SER A 189 1.37 5.30 -27.77
N ASN A 190 0.55 5.17 -26.73
CA ASN A 190 -0.86 4.99 -26.93
C ASN A 190 -1.61 5.33 -25.65
N VAL A 191 -2.85 5.74 -25.85
CA VAL A 191 -3.79 5.95 -24.76
C VAL A 191 -4.88 4.91 -24.89
N ALA A 192 -4.94 4.01 -23.90
CA ALA A 192 -5.97 2.95 -23.88
C ALA A 192 -5.98 2.17 -25.21
N GLY A 193 -4.81 1.91 -25.74
CA GLY A 193 -4.65 1.10 -26.94
C GLY A 193 -4.72 1.87 -28.28
N VAL A 194 -5.01 3.15 -28.23
CA VAL A 194 -5.04 3.95 -29.49
C VAL A 194 -3.77 4.73 -29.55
N SER A 195 -3.01 4.53 -30.61
CA SER A 195 -1.72 5.16 -30.73
C SER A 195 -1.84 6.67 -30.83
N LEU A 196 -0.80 7.35 -30.41
CA LEU A 196 -0.76 8.78 -30.46
C LEU A 196 -0.93 9.22 -31.89
N GLU A 197 -0.31 8.52 -32.80
CA GLU A 197 -0.47 8.85 -34.18
C GLU A 197 -1.90 8.70 -34.61
N GLN A 198 -2.53 7.63 -34.18
CA GLN A 198 -3.87 7.37 -34.56
C GLN A 198 -4.73 8.43 -34.04
N LEU A 199 -4.47 8.87 -32.84
CA LEU A 199 -5.32 9.91 -32.25
C LEU A 199 -5.25 11.21 -33.03
N VAL A 200 -4.12 11.43 -33.73
CA VAL A 200 -3.95 12.60 -34.59
C VAL A 200 -4.78 12.43 -35.85
N LYS A 201 -4.59 11.31 -36.56
CA LYS A 201 -5.41 10.99 -37.73
C LYS A 201 -6.87 11.21 -37.39
N GLU A 202 -7.27 10.80 -36.19
CA GLU A 202 -8.66 10.93 -35.77
C GLU A 202 -9.07 12.33 -35.33
N GLY A 203 -8.15 13.25 -35.29
CA GLY A 203 -8.49 14.61 -34.83
C GLY A 203 -8.82 14.63 -33.34
N LYS A 204 -8.42 13.59 -32.61
CA LYS A 204 -8.61 13.59 -31.16
C LYS A 204 -7.42 14.27 -30.44
N LEU A 205 -6.35 14.51 -31.20
CA LEU A 205 -5.17 15.20 -30.69
C LEU A 205 -4.53 15.91 -31.87
N LYS A 206 -4.45 17.23 -31.81
CA LYS A 206 -3.88 18.00 -32.93
C LYS A 206 -2.34 17.76 -32.98
N GLN A 207 -1.83 17.61 -34.19
CA GLN A 207 -0.41 17.42 -34.40
C GLN A 207 0.38 18.43 -33.56
N GLU A 208 -0.16 19.64 -33.51
CA GLU A 208 0.50 20.72 -32.87
C GLU A 208 0.69 20.46 -31.39
N ARG A 209 -0.38 19.99 -30.76
CA ARG A 209 -0.37 19.59 -29.37
C ARG A 209 0.58 18.42 -29.12
N LEU A 210 0.57 17.43 -30.02
CA LEU A 210 1.48 16.34 -29.85
C LEU A 210 2.87 16.86 -29.92
N ASP A 211 3.11 17.74 -30.89
CA ASP A 211 4.41 18.38 -31.02
C ASP A 211 4.83 19.17 -29.77
N ALA A 212 3.93 19.98 -29.22
CA ALA A 212 4.28 20.77 -28.05
C ALA A 212 4.58 19.85 -26.85
N ILE A 213 3.85 18.75 -26.73
CA ILE A 213 4.05 17.78 -25.65
C ILE A 213 5.38 17.02 -25.80
N VAL A 214 5.68 16.61 -27.02
CA VAL A 214 6.96 16.01 -27.29
C VAL A 214 8.07 16.96 -26.90
N SER A 215 7.97 18.17 -27.39
CA SER A 215 9.00 19.17 -27.13
C SER A 215 9.12 19.42 -25.61
N ARG A 216 7.97 19.48 -24.93
CA ARG A 216 7.94 19.80 -23.53
C ARG A 216 8.66 18.67 -22.73
N THR A 217 8.43 17.44 -23.17
CA THR A 217 9.12 16.27 -22.64
C THR A 217 10.62 16.35 -22.87
N ARG A 218 11.02 16.84 -24.03
CA ARG A 218 12.45 17.04 -24.33
C ARG A 218 13.10 17.98 -23.36
N SER A 219 12.37 19.04 -23.05
CA SER A 219 12.89 20.10 -22.21
C SER A 219 12.46 20.02 -20.76
N GLY A 220 11.93 18.85 -20.37
CA GLY A 220 11.29 18.67 -19.06
C GLY A 220 12.21 18.96 -17.88
N GLY A 221 13.46 18.56 -17.99
CA GLY A 221 14.40 18.80 -16.90
C GLY A 221 14.72 20.28 -16.73
N GLY A 222 14.89 20.95 -17.86
CA GLY A 222 15.23 22.38 -17.88
C GLY A 222 14.08 23.24 -17.41
N GLU A 223 12.86 22.85 -17.76
CA GLU A 223 11.64 23.50 -17.30
C GLU A 223 11.55 23.59 -15.76
N ILE A 224 11.86 22.49 -15.08
CA ILE A 224 11.79 22.42 -13.62
C ILE A 224 12.94 23.22 -13.04
N VAL A 225 14.14 23.04 -13.58
CA VAL A 225 15.30 23.84 -13.22
C VAL A 225 14.93 25.32 -13.22
N ALA A 226 14.34 25.79 -14.31
CA ALA A 226 13.97 27.22 -14.44
C ALA A 226 12.97 27.65 -13.35
N LEU A 227 12.06 26.76 -13.00
CA LEU A 227 11.08 27.11 -11.98
C LEU A 227 11.73 27.05 -10.63
N LEU A 228 12.57 26.06 -10.34
CA LEU A 228 13.06 25.91 -8.98
C LEU A 228 14.01 27.05 -8.63
N LYS A 229 14.77 27.51 -9.62
CA LYS A 229 15.77 28.56 -9.44
C LYS A 229 17.03 28.05 -8.66
N THR A 230 16.85 27.14 -7.70
CA THR A 230 17.95 26.31 -7.13
C THR A 230 17.77 24.78 -7.35
N GLY A 231 18.80 24.12 -7.85
CA GLY A 231 18.75 22.68 -8.10
C GLY A 231 17.88 22.20 -9.29
N SER A 232 17.70 20.89 -9.31
CA SER A 232 16.98 20.16 -10.35
C SER A 232 15.89 19.24 -9.78
N ALA A 233 15.07 18.71 -10.69
CA ALA A 233 14.04 17.75 -10.35
C ALA A 233 14.61 16.65 -9.50
N TYR A 234 13.85 16.09 -8.59
CA TYR A 234 14.33 14.94 -7.86
CA TYR A 234 14.34 14.95 -7.84
C TYR A 234 13.26 13.93 -7.49
N TYR A 235 12.01 14.36 -7.39
CA TYR A 235 10.97 13.46 -7.02
C TYR A 235 10.80 12.45 -8.15
N ALA A 236 10.55 12.92 -9.36
CA ALA A 236 10.22 11.96 -10.43
C ALA A 236 11.49 11.13 -10.76
N PRO A 237 12.68 11.75 -10.70
CA PRO A 237 13.84 10.93 -10.92
C PRO A 237 13.96 9.80 -9.89
N ALA A 238 13.76 10.09 -8.62
CA ALA A 238 13.81 9.06 -7.57
C ALA A 238 12.77 8.02 -7.80
N ALA A 239 11.55 8.43 -8.10
CA ALA A 239 10.50 7.46 -8.41
C ALA A 239 10.90 6.52 -9.50
N ALA A 240 11.60 7.05 -10.51
CA ALA A 240 12.01 6.26 -11.68
C ALA A 240 13.01 5.26 -11.24
N GLY A 241 13.97 5.73 -10.45
CA GLY A 241 15.01 4.88 -9.94
C GLY A 241 14.45 3.72 -9.13
N ILE A 242 13.48 4.01 -8.28
CA ILE A 242 12.91 3.00 -7.41
C ILE A 242 12.07 2.00 -8.25
N GLN A 243 11.42 2.48 -9.31
CA GLN A 243 10.70 1.57 -10.17
C GLN A 243 11.64 0.52 -10.76
N MSE A 244 12.77 0.95 -11.25
CA MSE A 244 13.74 0.03 -11.79
C MSE A 244 14.30 -0.91 -10.69
O MSE A 244 14.45 -2.12 -10.89
CB MSE A 244 14.88 0.85 -12.36
CG MSE A 244 14.47 1.64 -13.63
SE MSE A 244 15.70 3.10 -14.03
CE MSE A 244 17.32 2.00 -14.38
N ALA A 245 14.66 -0.35 -9.54
CA ALA A 245 15.17 -1.16 -8.46
C ALA A 245 14.17 -2.25 -8.05
N GLU A 246 12.92 -1.85 -7.94
CA GLU A 246 11.81 -2.79 -7.56
C GLU A 246 11.67 -3.90 -8.58
N SER A 247 11.82 -3.58 -9.86
CA SER A 247 11.68 -4.62 -10.85
C SER A 247 12.79 -5.63 -10.65
N PHE A 248 13.95 -5.16 -10.21
CA PHE A 248 15.04 -6.10 -9.98
C PHE A 248 14.72 -6.87 -8.72
N LEU A 249 14.31 -6.19 -7.69
CA LEU A 249 14.17 -6.82 -6.35
C LEU A 249 13.03 -7.82 -6.31
N LYS A 250 11.99 -7.52 -7.06
CA LYS A 250 10.78 -8.33 -7.10
C LYS A 250 10.73 -9.18 -8.35
N ASP A 251 11.84 -9.23 -9.08
CA ASP A 251 11.94 -10.06 -10.27
C ASP A 251 10.70 -9.85 -11.19
N LYS A 252 10.38 -8.60 -11.42
CA LYS A 252 9.15 -8.32 -12.13
C LYS A 252 9.18 -8.54 -13.63
N LYS A 253 10.37 -8.40 -14.22
CA LYS A 253 10.59 -8.52 -15.69
C LYS A 253 9.88 -7.41 -16.43
N MSE A 254 9.88 -6.22 -15.86
CA MSE A 254 9.39 -5.08 -16.59
C MSE A 254 10.33 -4.78 -17.72
O MSE A 254 11.55 -5.03 -17.63
CB MSE A 254 9.27 -3.87 -15.69
CG MSE A 254 8.13 -3.96 -14.71
SE MSE A 254 8.11 -2.38 -13.55
CE MSE A 254 7.00 -1.38 -14.85
N ILE A 255 9.77 -4.23 -18.79
CA ILE A 255 10.54 -3.69 -19.87
C ILE A 255 10.48 -2.14 -19.81
N LEU A 256 11.62 -1.51 -19.55
CA LEU A 256 11.64 -0.07 -19.38
C LEU A 256 12.80 0.56 -20.20
N PRO A 257 12.57 1.74 -20.76
CA PRO A 257 13.63 2.44 -21.45
C PRO A 257 14.74 2.91 -20.48
N CYS A 258 15.92 2.30 -20.59
CA CYS A 258 17.06 2.56 -19.71
C CYS A 258 18.38 2.58 -20.54
N ALA A 259 19.43 3.15 -19.94
CA ALA A 259 20.74 3.13 -20.58
C ALA A 259 21.32 1.79 -20.19
N ALA A 260 21.52 0.94 -21.19
CA ALA A 260 22.02 -0.40 -20.99
C ALA A 260 23.06 -0.68 -22.07
N LYS A 261 23.99 -1.57 -21.78
CA LYS A 261 24.99 -1.94 -22.79
C LYS A 261 24.33 -2.76 -23.91
N VAL A 262 24.44 -2.27 -25.13
CA VAL A 262 23.89 -2.98 -26.26
C VAL A 262 25.07 -3.57 -27.01
N LYS A 263 25.04 -4.85 -27.34
CA LYS A 263 26.18 -5.50 -28.10
C LYS A 263 26.16 -5.13 -29.58
N ALA A 264 27.34 -5.00 -30.17
CA ALA A 264 27.47 -4.77 -31.62
C ALA A 264 26.48 -5.67 -32.32
N GLY A 265 25.74 -5.16 -33.32
CA GLY A 265 24.75 -5.96 -34.11
C GLY A 265 23.29 -5.63 -33.80
N MSE A 266 23.02 -5.42 -32.53
CA MSE A 266 21.71 -4.98 -32.13
C MSE A 266 21.56 -3.49 -32.42
O MSE A 266 22.49 -2.72 -32.18
CB MSE A 266 21.48 -5.24 -30.68
CG MSE A 266 20.05 -5.09 -30.27
SE MSE A 266 19.78 -5.56 -28.35
CE MSE A 266 21.54 -6.45 -28.01
N TYR A 267 20.38 -3.13 -32.96
CA TYR A 267 20.07 -1.78 -33.39
C TYR A 267 21.09 -1.29 -34.43
N GLY A 268 21.75 -2.25 -35.10
CA GLY A 268 22.79 -1.94 -36.11
C GLY A 268 24.11 -1.37 -35.60
N LEU A 269 24.34 -1.40 -34.29
CA LEU A 269 25.61 -0.93 -33.72
C LEU A 269 26.82 -1.69 -34.25
N ASP A 270 27.87 -0.96 -34.58
CA ASP A 270 29.12 -1.57 -35.03
C ASP A 270 30.09 -1.79 -33.86
N GLU A 271 29.66 -1.45 -32.66
CA GLU A 271 30.46 -1.65 -31.47
C GLU A 271 29.51 -1.63 -30.30
N ASP A 272 29.90 -2.29 -29.22
CA ASP A 272 29.13 -2.34 -27.99
C ASP A 272 29.01 -0.93 -27.45
N LEU A 273 27.79 -0.47 -27.11
CA LEU A 273 27.60 0.84 -26.46
C LEU A 273 26.52 0.81 -25.46
N PHE A 274 26.61 1.71 -24.46
CA PHE A 274 25.48 2.03 -23.62
C PHE A 274 24.54 2.93 -24.41
N VAL A 275 23.30 2.48 -24.61
CA VAL A 275 22.27 3.27 -25.26
C VAL A 275 20.93 3.16 -24.50
N GLY A 276 20.13 4.22 -24.57
CA GLY A 276 18.77 4.18 -24.05
C GLY A 276 17.90 3.30 -24.94
N VAL A 277 17.59 2.12 -24.43
CA VAL A 277 16.78 1.16 -25.14
C VAL A 277 15.83 0.43 -24.17
N PRO A 278 14.71 -0.11 -24.70
CA PRO A 278 13.87 -0.95 -23.89
C PRO A 278 14.74 -2.06 -23.34
N THR A 279 14.67 -2.22 -22.03
CA THR A 279 15.50 -3.09 -21.25
C THR A 279 14.60 -3.91 -20.30
N GLU A 280 14.73 -5.22 -20.31
CA GLU A 280 14.05 -6.03 -19.31
C GLU A 280 14.83 -5.90 -18.01
N ILE A 281 14.15 -5.60 -16.91
CA ILE A 281 14.77 -5.72 -15.56
C ILE A 281 14.15 -6.85 -14.77
N SER A 282 14.97 -7.81 -14.36
CA SER A 282 14.52 -8.97 -13.57
C SER A 282 15.59 -9.35 -12.54
N ALA A 283 15.35 -10.41 -11.79
CA ALA A 283 16.32 -10.88 -10.78
C ALA A 283 17.64 -11.21 -11.46
N ASN A 284 17.59 -11.45 -12.76
CA ASN A 284 18.80 -11.75 -13.54
C ASN A 284 19.48 -10.48 -14.02
N GLY A 285 19.06 -9.34 -13.54
CA GLY A 285 19.65 -8.09 -14.01
C GLY A 285 18.95 -7.56 -15.24
N VAL A 286 19.71 -6.90 -16.12
CA VAL A 286 19.12 -6.24 -17.28
C VAL A 286 19.51 -6.96 -18.56
N ARG A 287 18.64 -6.79 -19.53
CA ARG A 287 18.82 -7.34 -20.85
C ARG A 287 18.16 -6.38 -21.82
N PRO A 288 18.95 -5.80 -22.73
CA PRO A 288 18.33 -4.90 -23.67
C PRO A 288 17.49 -5.70 -24.64
N ILE A 289 16.40 -5.12 -25.08
CA ILE A 289 15.51 -5.76 -26.00
C ILE A 289 15.45 -4.96 -27.28
N GLU A 290 15.53 -5.66 -28.40
CA GLU A 290 15.43 -5.02 -29.69
C GLU A 290 13.99 -4.95 -30.08
N VAL A 291 13.45 -3.74 -30.26
CA VAL A 291 12.15 -3.63 -30.91
C VAL A 291 12.33 -2.98 -32.29
N GLU A 292 11.43 -3.33 -33.20
CA GLU A 292 11.37 -2.70 -34.51
C GLU A 292 10.96 -1.24 -34.41
N ILE A 293 11.69 -0.40 -35.13
CA ILE A 293 11.40 1.01 -35.18
C ILE A 293 11.51 1.47 -36.59
N SER A 294 10.94 2.62 -36.87
CA SER A 294 10.94 3.18 -38.20
C SER A 294 12.33 3.69 -38.57
N ASP A 295 12.55 3.70 -39.85
CA ASP A 295 13.66 4.41 -40.44
C ASP A 295 13.92 5.78 -39.80
N LYS A 296 12.88 6.60 -39.72
CA LYS A 296 12.97 7.90 -39.10
C LYS A 296 13.44 7.78 -37.63
N GLU A 297 12.77 6.91 -36.89
CA GLU A 297 13.12 6.68 -35.51
C GLU A 297 14.57 6.25 -35.34
N ARG A 298 15.02 5.42 -36.28
CA ARG A 298 16.37 4.93 -36.25
C ARG A 298 17.35 6.08 -36.48
N GLU A 299 16.95 7.00 -37.34
CA GLU A 299 17.79 8.15 -37.62
C GLU A 299 17.94 8.99 -36.40
N GLN A 300 16.83 9.16 -35.68
CA GLN A 300 16.83 9.95 -34.48
C GLN A 300 17.69 9.29 -33.41
N LEU A 301 17.70 7.97 -33.35
CA LEU A 301 18.53 7.25 -32.38
C LEU A 301 20.01 7.47 -32.71
N GLN A 302 20.29 7.57 -34.00
CA GLN A 302 21.68 7.75 -34.46
C GLN A 302 22.29 9.03 -33.86
N VAL A 303 21.44 10.03 -33.65
CA VAL A 303 21.89 11.28 -33.07
C VAL A 303 22.40 11.04 -31.63
N SER A 304 21.69 10.23 -30.92
CA SER A 304 22.10 9.84 -29.57
C SER A 304 23.36 9.01 -29.62
N ILE A 305 23.35 8.06 -30.55
CA ILE A 305 24.48 7.18 -30.69
C ILE A 305 25.76 7.97 -30.96
N ASN A 306 25.68 8.95 -31.85
CA ASN A 306 26.79 9.87 -32.12
C ASN A 306 27.24 10.68 -30.87
N ALA A 307 26.28 11.20 -30.11
CA ALA A 307 26.63 11.91 -28.89
C ALA A 307 27.35 10.98 -27.89
N ILE A 308 26.89 9.75 -27.79
CA ILE A 308 27.53 8.81 -26.87
C ILE A 308 28.93 8.48 -27.34
N LYS A 309 29.08 8.19 -28.63
CA LYS A 309 30.41 7.99 -29.18
C LYS A 309 31.32 9.19 -28.90
N ASP A 310 30.77 10.38 -28.95
CA ASP A 310 31.58 11.59 -28.76
C ASP A 310 32.05 11.74 -27.31
N LEU A 311 31.12 11.54 -26.38
CA LEU A 311 31.48 11.48 -24.98
C LEU A 311 32.50 10.38 -24.67
N ASN A 312 32.31 9.19 -25.26
CA ASN A 312 33.28 8.10 -25.07
C ASN A 312 34.70 8.55 -25.49
N LYS A 313 34.83 9.26 -26.61
CA LYS A 313 36.17 9.75 -27.03
C LYS A 313 36.68 10.81 -26.02
N ALA A 314 35.82 11.75 -25.67
CA ALA A 314 36.17 12.78 -24.70
C ALA A 314 36.61 12.20 -23.36
N ALA A 315 35.91 11.14 -22.90
CA ALA A 315 36.25 10.46 -21.64
C ALA A 315 37.57 9.72 -21.71
N ALA A 316 37.77 9.03 -22.81
CA ALA A 316 39.04 8.35 -23.03
C ALA A 316 40.22 9.36 -22.95
N GLU A 317 40.06 10.49 -23.63
CA GLU A 317 41.14 11.49 -23.69
C GLU A 317 41.45 11.95 -22.28
N ILE A 318 40.42 12.39 -21.57
CA ILE A 318 40.60 12.79 -20.18
C ILE A 318 41.33 11.71 -19.35
N LEU A 319 41.00 10.44 -19.60
CA LEU A 319 41.62 9.35 -18.87
C LEU A 319 43.05 9.07 -19.23
N ALA A 320 43.55 9.71 -20.29
CA ALA A 320 44.93 9.51 -20.77
C ALA A 320 45.82 10.75 -20.61
N ALA B 2 -21.81 14.92 -8.74
CA ALA B 2 -20.46 14.42 -8.99
C ALA B 2 -19.64 14.92 -7.84
N MSE B 3 -19.10 14.01 -7.07
CA MSE B 3 -18.41 14.38 -5.88
C MSE B 3 -17.00 14.94 -6.18
O MSE B 3 -16.23 14.41 -6.99
CB MSE B 3 -18.32 13.12 -5.05
CG MSE B 3 -17.44 13.24 -3.82
SE MSE B 3 -18.37 14.10 -2.27
CE MSE B 3 -16.89 14.39 -1.33
N ALA B 4 -16.68 16.02 -5.49
CA ALA B 4 -15.39 16.66 -5.59
C ALA B 4 -14.33 15.76 -4.96
N ARG B 5 -13.12 15.85 -5.49
CA ARG B 5 -11.98 15.16 -4.94
C ARG B 5 -11.58 15.86 -3.67
N LYS B 6 -11.06 15.15 -2.70
CA LYS B 6 -10.55 15.84 -1.54
C LYS B 6 -9.44 16.82 -1.96
N LYS B 7 -9.26 17.90 -1.22
CA LYS B 7 -8.23 18.88 -1.58
C LYS B 7 -7.44 19.16 -0.33
N ILE B 8 -6.13 18.91 -0.41
CA ILE B 8 -5.20 19.32 0.65
C ILE B 8 -4.33 20.48 0.17
N THR B 9 -4.36 21.59 0.91
CA THR B 9 -3.47 22.71 0.65
C THR B 9 -2.34 22.84 1.68
N LEU B 10 -1.13 22.97 1.12
CA LEU B 10 0.08 23.08 1.85
C LEU B 10 0.56 24.52 1.74
N VAL B 11 0.46 25.28 2.83
CA VAL B 11 0.95 26.65 2.84
C VAL B 11 2.40 26.64 3.34
N GLY B 12 3.29 26.72 2.35
CA GLY B 12 4.75 26.59 2.54
C GLY B 12 5.23 25.37 1.77
N ALA B 13 6.14 25.61 0.84
CA ALA B 13 6.63 24.60 -0.09
C ALA B 13 8.13 24.37 0.06
N GLY B 14 8.65 24.57 1.27
CA GLY B 14 10.03 24.15 1.59
C GLY B 14 10.07 22.62 1.70
N ASN B 15 11.11 22.12 2.34
CA ASN B 15 11.31 20.67 2.36
C ASN B 15 10.17 19.91 3.11
N ILE B 16 9.69 20.45 4.21
CA ILE B 16 8.59 19.81 4.86
C ILE B 16 7.36 19.82 3.95
N GLY B 17 7.12 20.92 3.28
CA GLY B 17 5.93 21.03 2.45
C GLY B 17 5.95 20.13 1.26
N GLY B 18 7.11 20.03 0.61
CA GLY B 18 7.24 19.12 -0.51
C GLY B 18 7.07 17.68 -0.11
N THR B 19 7.64 17.35 1.05
CA THR B 19 7.48 16.04 1.62
C THR B 19 6.01 15.70 1.95
N LEU B 20 5.29 16.65 2.52
CA LEU B 20 3.86 16.50 2.81
C LEU B 20 3.11 16.22 1.53
N ALA B 21 3.45 16.97 0.49
CA ALA B 21 2.84 16.76 -0.83
C ALA B 21 3.09 15.33 -1.34
N HIS B 22 4.31 14.86 -1.14
CA HIS B 22 4.69 13.58 -1.72
C HIS B 22 3.92 12.46 -1.01
N LEU B 23 3.84 12.56 0.30
CA LEU B 23 3.16 11.54 1.06
C LEU B 23 1.68 11.51 0.67
N ALA B 24 1.10 12.69 0.53
CA ALA B 24 -0.29 12.81 0.16
C ALA B 24 -0.58 12.17 -1.17
N LEU B 25 0.31 12.31 -2.13
CA LEU B 25 0.18 11.60 -3.41
C LEU B 25 0.30 10.11 -3.30
N ILE B 26 1.29 9.68 -2.56
CA ILE B 26 1.56 8.27 -2.42
C ILE B 26 0.39 7.60 -1.74
N LYS B 27 -0.14 8.24 -0.71
CA LYS B 27 -1.26 7.66 0.04
C LYS B 27 -2.58 8.01 -0.62
N GLN B 28 -2.55 8.68 -1.74
CA GLN B 28 -3.77 8.98 -2.52
C GLN B 28 -4.81 9.64 -1.65
N LEU B 29 -4.39 10.63 -0.89
CA LEU B 29 -5.35 11.35 -0.04
C LEU B 29 -6.23 12.39 -0.78
N GLY B 30 -5.85 12.81 -1.97
CA GLY B 30 -6.60 13.88 -2.64
C GLY B 30 -5.69 14.70 -3.52
N ASP B 31 -6.25 15.66 -4.26
CA ASP B 31 -5.47 16.66 -4.96
C ASP B 31 -4.71 17.52 -3.95
N VAL B 32 -3.59 18.07 -4.40
CA VAL B 32 -2.72 18.83 -3.56
C VAL B 32 -2.46 20.18 -4.16
N VAL B 33 -2.49 21.21 -3.32
CA VAL B 33 -2.08 22.53 -3.74
C VAL B 33 -0.92 22.96 -2.90
N LEU B 34 0.19 23.26 -3.58
CA LEU B 34 1.44 23.69 -2.94
C LEU B 34 1.56 25.19 -3.04
N PHE B 35 1.28 25.88 -1.95
CA PHE B 35 1.39 27.31 -1.91
C PHE B 35 2.75 27.70 -1.33
N ASP B 36 3.34 28.72 -1.96
CA ASP B 36 4.48 29.44 -1.38
C ASP B 36 4.51 30.90 -1.86
N ILE B 37 5.07 31.77 -1.02
CA ILE B 37 5.20 33.20 -1.39
C ILE B 37 6.18 33.36 -2.53
N ALA B 38 7.19 32.46 -2.58
CA ALA B 38 8.28 32.47 -3.56
C ALA B 38 7.78 32.19 -5.00
N GLN B 39 8.28 32.98 -5.94
CA GLN B 39 7.88 32.82 -7.33
C GLN B 39 8.51 31.58 -7.94
N GLY B 40 7.75 30.83 -8.74
CA GLY B 40 8.27 29.69 -9.50
C GLY B 40 8.49 28.38 -8.74
N MSE B 41 9.15 28.48 -7.61
CA MSE B 41 9.58 27.33 -6.84
C MSE B 41 8.43 26.33 -6.51
O MSE B 41 8.59 25.18 -6.74
CB MSE B 41 10.36 27.81 -5.60
CG MSE B 41 11.01 26.72 -4.81
SE MSE B 41 9.68 25.87 -3.67
CE MSE B 41 10.08 27.05 -2.07
N PRO B 42 7.30 26.78 -6.01
CA PRO B 42 6.22 25.86 -5.76
C PRO B 42 5.74 25.24 -7.06
N ASN B 43 5.71 25.97 -8.15
CA ASN B 43 5.33 25.36 -9.41
C ASN B 43 6.31 24.29 -9.84
N GLY B 44 7.59 24.55 -9.64
CA GLY B 44 8.60 23.59 -9.98
C GLY B 44 8.51 22.32 -9.19
N LYS B 45 8.33 22.42 -7.90
CA LYS B 45 8.10 21.27 -7.05
C LYS B 45 6.84 20.52 -7.41
N ALA B 46 5.74 21.25 -7.64
CA ALA B 46 4.47 20.62 -8.02
C ALA B 46 4.59 19.77 -9.27
N LEU B 47 5.23 20.31 -10.29
CA LEU B 47 5.42 19.64 -11.58
C LEU B 47 6.25 18.36 -11.43
N ASP B 48 7.33 18.48 -10.70
CA ASP B 48 8.19 17.35 -10.41
C ASP B 48 7.35 16.32 -9.70
N LEU B 49 6.68 16.71 -8.60
CA LEU B 49 5.76 15.78 -7.90
C LEU B 49 4.70 15.17 -8.83
N LEU B 50 4.02 15.98 -9.63
CA LEU B 50 2.99 15.46 -10.56
C LEU B 50 3.57 14.36 -11.40
N GLN B 51 4.81 14.54 -11.80
CA GLN B 51 5.45 13.62 -12.72
C GLN B 51 5.84 12.30 -12.07
N THR B 52 5.77 12.16 -10.77
CA THR B 52 5.85 10.87 -10.15
C THR B 52 4.61 9.97 -10.38
N CYS B 53 3.46 10.56 -10.58
CA CYS B 53 2.19 9.87 -10.57
C CYS B 53 1.97 8.72 -11.59
N PRO B 54 2.43 8.90 -12.82
CA PRO B 54 2.32 7.82 -13.78
C PRO B 54 3.12 6.63 -13.30
N ILE B 55 4.24 6.82 -12.64
CA ILE B 55 5.04 5.70 -12.14
C ILE B 55 4.30 5.00 -11.01
N GLU B 56 3.62 5.76 -10.19
CA GLU B 56 2.92 5.15 -9.05
C GLU B 56 1.50 4.71 -9.42
N GLY B 57 1.03 5.05 -10.61
CA GLY B 57 -0.36 4.77 -10.99
C GLY B 57 -1.41 5.71 -10.39
N VAL B 58 -1.00 6.88 -9.94
CA VAL B 58 -1.90 7.81 -9.23
C VAL B 58 -2.49 8.92 -10.12
N ASP B 59 -3.77 9.18 -9.98
CA ASP B 59 -4.44 10.19 -10.79
C ASP B 59 -4.81 11.47 -10.02
N PHE B 60 -4.55 11.53 -8.72
CA PHE B 60 -4.59 12.81 -8.00
C PHE B 60 -3.46 13.73 -8.58
N LYS B 61 -3.76 15.02 -8.57
CA LYS B 61 -2.93 16.08 -9.14
C LYS B 61 -2.35 16.96 -8.02
N VAL B 62 -1.31 17.68 -8.40
CA VAL B 62 -0.67 18.64 -7.56
C VAL B 62 -0.30 19.82 -8.46
N ARG B 63 -0.53 21.00 -7.94
CA ARG B 63 -0.17 22.24 -8.61
C ARG B 63 0.38 23.23 -7.59
N GLY B 64 1.16 24.17 -8.11
CA GLY B 64 1.79 25.24 -7.33
C GLY B 64 1.02 26.52 -7.45
N THR B 65 1.17 27.40 -6.47
CA THR B 65 0.52 28.72 -6.52
C THR B 65 1.17 29.71 -5.58
N ASN B 66 1.06 30.99 -5.90
CA ASN B 66 1.38 32.11 -4.97
C ASN B 66 0.11 32.84 -4.47
N ASP B 67 -1.06 32.28 -4.77
CA ASP B 67 -2.34 33.00 -4.65
C ASP B 67 -3.26 32.31 -3.64
N TYR B 68 -3.70 33.06 -2.64
CA TYR B 68 -4.56 32.52 -1.60
C TYR B 68 -5.92 32.07 -2.08
N LYS B 69 -6.37 32.62 -3.18
CA LYS B 69 -7.61 32.18 -3.80
C LYS B 69 -7.65 30.69 -4.05
N ASP B 70 -6.48 30.12 -4.32
CA ASP B 70 -6.36 28.68 -4.61
C ASP B 70 -6.57 27.75 -3.37
N LEU B 71 -6.62 28.32 -2.18
CA LEU B 71 -7.00 27.54 -0.99
C LEU B 71 -8.47 27.16 -0.94
N GLU B 72 -9.26 27.70 -1.90
CA GLU B 72 -10.71 27.51 -1.94
C GLU B 72 -11.05 26.04 -1.92
N ASN B 73 -12.07 25.74 -1.11
CA ASN B 73 -12.66 24.41 -0.99
C ASN B 73 -11.68 23.38 -0.37
N SER B 74 -10.64 23.84 0.32
CA SER B 74 -9.67 22.90 0.93
C SER B 74 -10.30 22.16 2.05
N ASP B 75 -10.20 20.84 2.06
CA ASP B 75 -10.62 20.08 3.24
C ASP B 75 -9.60 20.20 4.41
N VAL B 76 -8.32 20.27 4.05
CA VAL B 76 -7.22 20.34 5.03
C VAL B 76 -6.20 21.35 4.56
N VAL B 77 -5.74 22.18 5.50
CA VAL B 77 -4.66 23.13 5.22
C VAL B 77 -3.53 22.84 6.20
N ILE B 78 -2.35 22.62 5.65
CA ILE B 78 -1.19 22.37 6.48
C ILE B 78 -0.18 23.48 6.27
N VAL B 79 0.13 24.16 7.39
CA VAL B 79 0.92 25.40 7.37
C VAL B 79 2.32 25.24 7.90
N THR B 80 3.27 25.36 6.99
CA THR B 80 4.71 25.28 7.34
C THR B 80 5.44 26.61 7.13
N ALA B 81 4.72 27.59 6.64
CA ALA B 81 5.26 28.88 6.25
C ALA B 81 5.77 29.63 7.48
N GLY B 82 6.76 30.47 7.27
CA GLY B 82 7.35 31.23 8.39
C GLY B 82 8.81 31.48 8.11
N VAL B 83 9.44 32.25 8.96
CA VAL B 83 10.83 32.53 8.83
C VAL B 83 11.56 31.84 9.94
N PRO B 84 12.58 31.05 9.60
CA PRO B 84 13.33 30.34 10.65
C PRO B 84 14.19 31.30 11.47
N ARG B 85 14.36 30.94 12.74
CA ARG B 85 15.18 31.72 13.63
C ARG B 85 16.53 31.72 12.98
N LYS B 86 17.01 32.92 12.66
CA LYS B 86 18.35 33.13 12.22
C LYS B 86 19.17 33.66 13.42
N PRO B 87 20.48 33.39 13.45
CA PRO B 87 21.26 34.12 14.44
C PRO B 87 21.78 35.36 13.77
N GLY B 88 21.68 36.52 14.39
CA GLY B 88 21.41 36.70 15.81
C GLY B 88 20.11 37.46 15.93
N MSE B 89 19.02 36.74 15.75
CA MSE B 89 17.67 37.27 15.80
C MSE B 89 17.05 37.09 17.18
O MSE B 89 17.03 35.97 17.73
CB MSE B 89 16.82 36.54 14.77
CG MSE B 89 15.37 36.93 14.73
SE MSE B 89 14.43 35.85 13.30
CE MSE B 89 15.46 36.60 11.76
N SER B 90 16.54 38.19 17.74
CA SER B 90 15.87 38.17 19.05
C SER B 90 14.54 37.43 19.01
N ARG B 91 14.13 37.00 20.20
CA ARG B 91 12.91 36.23 20.35
C ARG B 91 11.72 37.12 19.97
N ASP B 92 11.82 38.38 20.37
CA ASP B 92 10.84 39.44 20.02
C ASP B 92 10.69 39.59 18.49
N ASP B 93 11.82 39.74 17.81
CA ASP B 93 11.83 39.95 16.37
C ASP B 93 11.31 38.68 15.70
N LEU B 94 11.71 37.53 16.22
CA LEU B 94 11.23 36.28 15.68
C LEU B 94 9.70 36.15 15.70
N LEU B 95 9.16 36.39 16.88
CA LEU B 95 7.73 36.38 17.10
C LEU B 95 7.07 37.39 16.22
N GLY B 96 7.63 38.60 16.21
CA GLY B 96 7.09 39.68 15.42
C GLY B 96 6.93 39.26 13.98
N ILE B 97 7.99 38.70 13.41
CA ILE B 97 7.95 38.38 12.00
C ILE B 97 6.91 37.31 11.73
N ASN B 98 6.96 36.27 12.55
CA ASN B 98 6.08 35.14 12.32
C ASN B 98 4.64 35.39 12.65
N ILE B 99 4.37 36.22 13.67
CA ILE B 99 2.98 36.60 13.94
C ILE B 99 2.40 37.26 12.69
N LYS B 100 3.21 38.09 12.06
CA LYS B 100 2.77 38.69 10.81
C LYS B 100 2.43 37.68 9.72
N VAL B 101 3.28 36.65 9.56
CA VAL B 101 3.06 35.61 8.57
C VAL B 101 1.82 34.85 8.91
N MSE B 102 1.65 34.51 10.18
CA MSE B 102 0.44 33.83 10.61
C MSE B 102 -0.78 34.70 10.30
O MSE B 102 -1.87 34.20 9.92
CB MSE B 102 0.48 33.47 12.10
CG MSE B 102 1.50 32.43 12.43
SE MSE B 102 1.15 30.76 11.41
CE MSE B 102 2.02 31.12 9.74
N GLN B 103 -0.60 36.02 10.46
CA GLN B 103 -1.66 36.94 10.10
C GLN B 103 -2.08 36.80 8.66
N THR B 104 -1.13 36.83 7.77
CA THR B 104 -1.41 36.74 6.32
C THR B 104 -1.99 35.36 5.97
N VAL B 105 -1.36 34.31 6.49
CA VAL B 105 -1.83 32.92 6.20
C VAL B 105 -3.25 32.84 6.73
N GLY B 106 -3.42 33.29 7.97
CA GLY B 106 -4.69 33.23 8.62
C GLY B 106 -5.80 33.92 7.83
N GLU B 107 -5.52 35.10 7.31
CA GLU B 107 -6.53 35.81 6.55
C GLU B 107 -6.88 35.04 5.28
N GLY B 108 -5.86 34.48 4.65
CA GLY B 108 -6.05 33.63 3.46
C GLY B 108 -7.03 32.48 3.71
N ILE B 109 -6.85 31.84 4.84
CA ILE B 109 -7.76 30.77 5.27
C ILE B 109 -9.13 31.34 5.54
N LYS B 110 -9.18 32.44 6.28
CA LYS B 110 -10.44 33.00 6.65
C LYS B 110 -11.26 33.31 5.41
N HIS B 111 -10.59 33.85 4.40
CA HIS B 111 -11.31 34.42 3.26
C HIS B 111 -11.56 33.36 2.20
N ASN B 112 -10.83 32.25 2.27
CA ASN B 112 -10.93 31.27 1.18
C ASN B 112 -11.39 29.86 1.51
N CYS B 113 -11.07 29.38 2.71
CA CYS B 113 -11.51 28.05 3.12
C CYS B 113 -11.72 28.03 4.64
N PRO B 114 -12.64 28.86 5.15
CA PRO B 114 -12.89 28.93 6.61
C PRO B 114 -13.32 27.62 7.29
N ASN B 115 -13.89 26.68 6.53
CA ASN B 115 -14.28 25.33 7.01
C ASN B 115 -13.17 24.28 6.92
N ALA B 116 -11.97 24.68 6.56
CA ALA B 116 -10.85 23.77 6.50
C ALA B 116 -10.42 23.26 7.85
N PHE B 117 -9.88 22.04 7.85
CA PHE B 117 -9.15 21.54 9.01
C PHE B 117 -7.71 22.03 8.96
N VAL B 118 -7.25 22.72 10.00
CA VAL B 118 -5.97 23.39 9.96
C VAL B 118 -4.93 22.77 10.87
N ILE B 119 -3.86 22.27 10.22
CA ILE B 119 -2.70 21.71 10.93
C ILE B 119 -1.57 22.73 10.82
N CYS B 120 -1.10 23.16 12.00
CA CYS B 120 -0.04 24.14 12.09
C CYS B 120 1.24 23.41 12.39
N ILE B 121 2.30 23.70 11.61
CA ILE B 121 3.66 23.23 11.87
C ILE B 121 4.69 24.37 12.08
N THR B 122 4.34 25.59 11.72
CA THR B 122 5.18 26.75 11.92
C THR B 122 5.68 26.94 13.32
N ASN B 123 6.95 27.30 13.48
CA ASN B 123 7.56 27.50 14.79
C ASN B 123 7.58 28.98 15.16
N PRO B 124 7.59 29.29 16.48
CA PRO B 124 7.51 28.34 17.61
C PRO B 124 6.08 27.89 17.75
N LEU B 125 5.89 26.57 17.73
CA LEU B 125 4.57 25.97 17.61
C LEU B 125 3.69 26.35 18.81
N ASP B 126 4.33 26.45 19.96
CA ASP B 126 3.64 26.80 21.20
C ASP B 126 2.73 28.02 21.05
N ILE B 127 3.18 29.01 20.30
CA ILE B 127 2.42 30.25 20.13
C ILE B 127 1.79 30.36 18.73
N MSE B 128 2.41 29.76 17.72
CA MSE B 128 1.94 29.98 16.34
C MSE B 128 0.56 29.40 16.05
O MSE B 128 -0.20 29.96 15.26
CB MSE B 128 2.99 29.57 15.29
CG MSE B 128 4.23 30.52 15.33
SE MSE B 128 3.74 32.47 15.00
CE MSE B 128 4.92 33.41 16.21
N VAL B 129 0.24 28.30 16.75
CA VAL B 129 -1.01 27.62 16.56
C VAL B 129 -2.14 28.54 17.03
N ASN B 130 -1.90 29.21 18.16
CA ASN B 130 -2.81 30.14 18.77
C ASN B 130 -3.01 31.31 17.83
N MSE B 131 -1.90 31.85 17.31
CA MSE B 131 -1.96 33.00 16.40
C MSE B 131 -2.73 32.65 15.12
O MSE B 131 -3.56 33.43 14.63
CB MSE B 131 -0.56 33.49 16.03
CG MSE B 131 0.23 34.10 17.18
SE MSE B 131 -0.64 35.74 17.91
CE MSE B 131 -1.42 34.80 19.52
N LEU B 132 -2.43 31.50 14.57
CA LEU B 132 -3.06 31.07 13.34
C LEU B 132 -4.58 30.96 13.49
N GLN B 133 -5.04 30.44 14.65
CA GLN B 133 -6.48 30.38 14.91
C GLN B 133 -7.05 31.80 15.03
N LYS B 134 -6.33 32.62 15.77
CA LYS B 134 -6.75 33.98 15.99
C LYS B 134 -6.98 34.72 14.68
N PHE B 135 -6.10 34.58 13.70
CA PHE B 135 -6.29 35.33 12.44
C PHE B 135 -7.15 34.60 11.41
N SER B 136 -7.30 33.29 11.55
CA SER B 136 -8.12 32.56 10.56
C SER B 136 -9.56 32.48 11.01
N GLY B 137 -9.76 32.54 12.33
CA GLY B 137 -11.09 32.48 12.91
C GLY B 137 -11.64 31.06 12.97
N VAL B 138 -10.86 30.03 12.65
CA VAL B 138 -11.42 28.68 12.73
C VAL B 138 -11.73 28.30 14.21
N PRO B 139 -12.76 27.48 14.43
CA PRO B 139 -13.12 27.08 15.81
C PRO B 139 -12.10 26.12 16.43
N ASP B 140 -12.19 25.93 17.72
CA ASP B 140 -11.21 25.13 18.48
C ASP B 140 -10.97 23.69 17.98
N ASN B 141 -12.04 23.09 17.46
CA ASN B 141 -11.99 21.74 16.95
C ASN B 141 -11.46 21.63 15.51
N LYS B 142 -11.08 22.72 14.89
CA LYS B 142 -10.58 22.66 13.49
C LYS B 142 -9.18 23.23 13.31
N ILE B 143 -8.48 23.34 14.43
CA ILE B 143 -7.11 23.72 14.38
C ILE B 143 -6.29 22.93 15.37
N VAL B 144 -5.06 22.59 14.97
CA VAL B 144 -4.21 21.72 15.76
C VAL B 144 -2.76 21.92 15.34
N GLY B 145 -1.87 21.72 16.29
CA GLY B 145 -0.43 21.83 16.07
C GLY B 145 0.26 20.47 16.15
N MSE B 146 1.18 20.25 15.23
CA MSE B 146 1.97 19.03 15.17
C MSE B 146 3.20 19.26 16.04
O MSE B 146 3.93 20.19 15.80
CB MSE B 146 2.39 18.78 13.72
CG MSE B 146 3.13 17.43 13.45
SE MSE B 146 4.94 17.33 14.30
CE MSE B 146 5.90 18.50 13.02
N ALA B 147 3.45 18.40 17.00
CA ALA B 147 4.66 18.45 17.81
C ALA B 147 4.85 17.07 18.49
N GLY B 148 3.87 16.66 19.31
CA GLY B 148 3.95 15.42 20.06
C GLY B 148 4.18 14.20 19.17
N VAL B 149 3.49 14.13 18.03
CA VAL B 149 3.62 12.98 17.20
C VAL B 149 5.07 12.77 16.81
N LEU B 150 5.76 13.85 16.47
CA LEU B 150 7.19 13.79 16.16
C LEU B 150 8.04 13.28 17.32
N ASP B 151 7.83 13.79 18.51
CA ASP B 151 8.63 13.38 19.66
C ASP B 151 8.44 11.89 19.94
N SER B 152 7.20 11.47 19.81
CA SER B 152 6.82 10.11 20.01
C SER B 152 7.41 9.14 18.96
N ALA B 153 7.48 9.59 17.70
CA ALA B 153 8.11 8.83 16.62
C ALA B 153 9.60 8.65 16.95
N ARG B 154 10.22 9.71 17.39
CA ARG B 154 11.62 9.61 17.76
C ARG B 154 11.84 8.64 18.93
N PHE B 155 11.01 8.79 19.93
CA PHE B 155 11.08 8.04 21.16
C PHE B 155 10.89 6.56 20.84
N ARG B 156 9.90 6.27 20.00
CA ARG B 156 9.65 4.93 19.54
C ARG B 156 10.83 4.41 18.71
N THR B 157 11.41 5.28 17.89
CA THR B 157 12.50 4.88 17.06
C THR B 157 13.65 4.44 17.92
N PHE B 158 13.95 5.20 18.96
CA PHE B 158 15.10 4.90 19.80
C PHE B 158 14.80 3.61 20.60
N LEU B 159 13.61 3.52 21.16
CA LEU B 159 13.25 2.30 21.91
C LEU B 159 13.33 1.00 21.07
N ALA B 160 12.81 1.04 19.84
CA ALA B 160 12.77 -0.15 18.96
C ALA B 160 14.17 -0.65 18.67
N ASP B 161 15.08 0.27 18.36
CA ASP B 161 16.48 -0.09 18.16
C ASP B 161 17.15 -0.61 19.42
N GLU B 162 16.91 0.02 20.56
CA GLU B 162 17.50 -0.43 21.82
C GLU B 162 17.02 -1.83 22.19
N LEU B 163 15.73 -2.10 22.03
CA LEU B 163 15.14 -3.36 22.48
C LEU B 163 15.00 -4.46 21.40
N ASN B 164 15.40 -4.15 20.17
CA ASN B 164 15.26 -5.10 19.05
C ASN B 164 13.86 -5.70 18.87
N VAL B 165 12.92 -4.80 18.60
CA VAL B 165 11.52 -5.10 18.56
C VAL B 165 10.85 -4.23 17.47
N SER B 166 9.73 -4.70 16.97
CA SER B 166 8.99 -3.94 15.96
C SER B 166 8.53 -2.63 16.51
N VAL B 167 8.56 -1.63 15.64
CA VAL B 167 7.99 -0.35 15.96
C VAL B 167 6.51 -0.45 16.22
N GLN B 168 5.87 -1.46 15.67
CA GLN B 168 4.43 -1.63 15.90
C GLN B 168 4.07 -2.04 17.36
N GLN B 169 5.02 -2.57 18.11
CA GLN B 169 4.76 -2.97 19.48
C GLN B 169 5.29 -1.94 20.46
N VAL B 170 5.82 -0.84 19.95
CA VAL B 170 6.36 0.23 20.80
C VAL B 170 5.42 1.44 20.78
N GLN B 171 4.86 1.77 21.90
CA GLN B 171 4.02 2.95 22.02
C GLN B 171 4.63 3.84 23.03
N ALA B 172 4.88 5.08 22.56
CA ALA B 172 5.57 6.09 23.34
C ALA B 172 4.63 7.28 23.50
N TYR B 173 4.33 7.63 24.74
CA TYR B 173 3.36 8.72 25.00
C TYR B 173 4.01 9.90 25.68
N VAL B 174 3.69 11.09 25.17
CA VAL B 174 4.26 12.35 25.58
C VAL B 174 3.15 13.39 25.61
N MSE B 175 3.39 14.44 26.39
CA MSE B 175 2.61 15.67 26.28
C MSE B 175 3.56 16.85 26.39
O MSE B 175 4.79 16.68 26.53
CB MSE B 175 1.59 15.82 27.40
CG MSE B 175 1.05 14.63 27.98
SE MSE B 175 -0.01 15.09 29.67
CE MSE B 175 -0.40 16.99 29.32
N GLY B 176 2.98 18.04 26.35
CA GLY B 176 3.76 19.26 26.53
C GLY B 176 4.40 19.59 25.21
N GLY B 177 5.50 20.31 25.28
CA GLY B 177 6.16 20.86 24.09
C GLY B 177 7.36 20.01 23.71
N HIS B 178 8.32 20.62 23.02
CA HIS B 178 9.57 20.00 22.72
C HIS B 178 10.63 20.24 23.78
N GLY B 179 11.68 19.46 23.70
CA GLY B 179 12.86 19.72 24.46
C GLY B 179 12.62 19.65 25.95
N ASP B 180 13.04 20.69 26.66
CA ASP B 180 12.86 20.69 28.12
C ASP B 180 11.40 20.92 28.57
N THR B 181 10.51 21.23 27.64
CA THR B 181 9.09 21.32 27.96
C THR B 181 8.37 20.02 27.60
N MSE B 182 9.09 19.03 27.10
CA MSE B 182 8.45 17.75 26.83
C MSE B 182 8.17 16.98 28.13
O MSE B 182 9.00 16.93 29.03
CB MSE B 182 9.33 16.91 25.94
CG MSE B 182 8.64 15.69 25.41
SE MSE B 182 9.89 14.50 24.38
CE MSE B 182 11.41 14.36 25.62
N VAL B 183 6.98 16.38 28.20
CA VAL B 183 6.64 15.50 29.32
C VAL B 183 6.56 14.07 28.88
N PRO B 184 7.57 13.27 29.21
CA PRO B 184 7.48 11.87 28.89
C PRO B 184 6.58 11.10 29.83
N LEU B 185 5.65 10.34 29.28
CA LEU B 185 4.71 9.58 30.11
C LEU B 185 5.23 8.16 30.23
N THR B 186 6.16 7.94 31.15
CA THR B 186 7.00 6.76 31.09
C THR B 186 6.31 5.51 31.57
N LYS B 187 5.31 5.68 32.41
CA LYS B 187 4.58 4.56 32.93
C LYS B 187 3.60 4.05 31.90
N MSE B 188 2.93 4.95 31.16
CA MSE B 188 2.03 4.56 30.06
C MSE B 188 2.73 4.03 28.79
O MSE B 188 2.20 3.15 28.10
CB MSE B 188 1.23 5.77 29.58
CG MSE B 188 0.19 6.21 30.53
SE MSE B 188 -0.55 7.88 29.83
CE MSE B 188 -1.41 7.30 28.19
N SER B 189 3.87 4.60 28.48
CA SER B 189 4.70 4.12 27.40
C SER B 189 5.13 2.69 27.71
N ASN B 190 5.07 1.88 26.69
CA ASN B 190 5.20 0.45 26.85
C ASN B 190 5.68 -0.28 25.57
N VAL B 191 6.28 -1.45 25.76
CA VAL B 191 6.61 -2.35 24.66
C VAL B 191 5.75 -3.65 24.77
N ALA B 192 4.84 -3.84 23.83
CA ALA B 192 3.95 -5.01 23.85
C ALA B 192 3.27 -5.12 25.18
N GLY B 193 2.79 -3.96 25.62
CA GLY B 193 2.06 -3.89 26.86
C GLY B 193 2.91 -3.88 28.13
N VAL B 194 4.23 -4.07 28.04
CA VAL B 194 5.08 -3.99 29.23
C VAL B 194 5.65 -2.57 29.34
N SER B 195 5.36 -1.93 30.45
CA SER B 195 5.71 -0.52 30.59
C SER B 195 7.22 -0.37 30.61
N LEU B 196 7.69 0.77 30.15
CA LEU B 196 9.13 1.06 30.17
C LEU B 196 9.75 0.85 31.56
N GLU B 197 9.04 1.32 32.57
CA GLU B 197 9.48 1.19 33.99
C GLU B 197 9.49 -0.26 34.44
N GLN B 198 8.52 -1.01 33.98
CA GLN B 198 8.54 -2.40 34.30
C GLN B 198 9.75 -3.05 33.62
N LEU B 199 10.09 -2.64 32.39
CA LEU B 199 11.26 -3.23 31.71
C LEU B 199 12.55 -3.00 32.50
N VAL B 200 12.67 -1.80 33.07
CA VAL B 200 13.77 -1.48 33.99
C VAL B 200 13.76 -2.43 35.19
N LYS B 201 12.64 -2.44 35.93
CA LYS B 201 12.50 -3.26 37.15
C LYS B 201 12.92 -4.70 36.86
N GLU B 202 12.66 -5.15 35.63
CA GLU B 202 12.99 -6.52 35.21
C GLU B 202 14.40 -6.75 34.66
N GLY B 203 15.18 -5.68 34.52
CA GLY B 203 16.53 -5.80 33.99
C GLY B 203 16.54 -5.97 32.47
N LYS B 204 15.43 -5.66 31.82
CA LYS B 204 15.38 -5.77 30.36
C LYS B 204 15.84 -4.48 29.69
N LEU B 205 15.92 -3.41 30.48
CA LEU B 205 16.34 -2.11 30.06
C LEU B 205 17.04 -1.43 31.25
N LYS B 206 18.28 -0.99 31.04
CA LYS B 206 19.03 -0.27 32.10
C LYS B 206 18.42 1.12 32.25
N GLN B 207 18.28 1.59 33.47
CA GLN B 207 17.65 2.84 33.72
C GLN B 207 18.41 3.96 33.04
N GLU B 208 19.70 3.80 32.99
CA GLU B 208 20.53 4.78 32.36
C GLU B 208 20.18 4.87 30.89
N ARG B 209 19.99 3.72 30.26
CA ARG B 209 19.67 3.68 28.83
C ARG B 209 18.34 4.38 28.59
N LEU B 210 17.39 4.16 29.49
CA LEU B 210 16.11 4.76 29.39
C LEU B 210 16.18 6.24 29.54
N ASP B 211 16.99 6.70 30.47
CA ASP B 211 17.20 8.11 30.63
C ASP B 211 17.87 8.72 29.41
N ALA B 212 18.87 8.06 28.90
CA ALA B 212 19.54 8.55 27.73
C ALA B 212 18.52 8.68 26.57
N ILE B 213 17.64 7.71 26.43
CA ILE B 213 16.68 7.72 25.32
C ILE B 213 15.67 8.88 25.45
N VAL B 214 15.18 9.12 26.65
CA VAL B 214 14.35 10.31 26.93
C VAL B 214 15.11 11.57 26.57
N SER B 215 16.32 11.65 27.07
CA SER B 215 17.13 12.86 26.83
C SER B 215 17.35 13.05 25.34
N ARG B 216 17.69 11.97 24.65
CA ARG B 216 17.91 12.02 23.17
C ARG B 216 16.62 12.45 22.43
N THR B 217 15.47 12.00 22.91
CA THR B 217 14.18 12.46 22.34
C THR B 217 13.99 13.94 22.58
N ARG B 218 14.31 14.43 23.78
CA ARG B 218 14.17 15.87 24.06
C ARG B 218 14.91 16.72 23.03
N SER B 219 16.11 16.27 22.69
CA SER B 219 17.04 17.01 21.85
C SER B 219 17.04 16.57 20.38
N GLY B 220 16.02 15.86 19.95
CA GLY B 220 16.06 15.14 18.67
C GLY B 220 16.11 15.99 17.45
N GLY B 221 15.38 17.10 17.48
CA GLY B 221 15.47 18.11 16.41
C GLY B 221 16.85 18.73 16.27
N GLY B 222 17.42 19.17 17.40
CA GLY B 222 18.75 19.75 17.43
C GLY B 222 19.84 18.77 17.03
N GLU B 223 19.60 17.51 17.33
CA GLU B 223 20.54 16.47 16.90
C GLU B 223 20.65 16.43 15.35
N ILE B 224 19.51 16.47 14.67
CA ILE B 224 19.48 16.40 13.23
C ILE B 224 20.01 17.71 12.63
N VAL B 225 19.63 18.86 13.19
CA VAL B 225 20.17 20.19 12.75
C VAL B 225 21.70 20.21 12.78
N ALA B 226 22.32 19.78 13.89
CA ALA B 226 23.79 19.72 13.98
C ALA B 226 24.38 18.76 12.92
N LEU B 227 23.67 17.69 12.60
CA LEU B 227 24.13 16.75 11.58
C LEU B 227 24.01 17.31 10.17
N LEU B 228 22.88 17.93 9.85
CA LEU B 228 22.59 18.42 8.49
C LEU B 228 23.47 19.62 8.10
N LYS B 229 23.86 20.42 9.09
CA LYS B 229 24.69 21.60 8.85
C LYS B 229 23.85 22.74 8.22
N THR B 230 22.93 22.39 7.29
CA THR B 230 21.90 23.31 6.80
C THR B 230 20.45 22.84 6.97
N GLY B 231 19.66 23.63 7.67
CA GLY B 231 18.25 23.34 7.81
C GLY B 231 17.92 22.35 8.92
N SER B 232 16.70 21.87 8.94
CA SER B 232 16.35 20.95 9.97
C SER B 232 15.58 19.73 9.43
N ALA B 233 15.17 18.87 10.35
CA ALA B 233 14.41 17.71 10.04
C ALA B 233 13.20 18.07 9.19
N TYR B 234 12.86 17.18 8.27
CA TYR B 234 11.60 17.35 7.54
C TYR B 234 10.86 16.08 7.19
N TYR B 235 11.56 14.94 7.08
CA TYR B 235 10.87 13.68 6.74
C TYR B 235 9.90 13.27 7.84
N ALA B 236 10.38 13.22 9.09
CA ALA B 236 9.56 12.71 10.17
C ALA B 236 8.48 13.75 10.54
N PRO B 237 8.83 15.05 10.55
CA PRO B 237 7.81 16.06 10.72
C PRO B 237 6.66 15.97 9.67
N ALA B 238 7.01 15.78 8.38
CA ALA B 238 6.00 15.62 7.32
C ALA B 238 5.15 14.35 7.56
N ALA B 239 5.79 13.26 7.92
CA ALA B 239 5.06 12.00 8.19
C ALA B 239 4.02 12.16 9.37
N ALA B 240 4.41 12.93 10.38
CA ALA B 240 3.58 13.22 11.54
C ALA B 240 2.36 14.03 11.10
N GLY B 241 2.61 15.07 10.34
CA GLY B 241 1.53 15.92 9.86
C GLY B 241 0.55 15.20 8.98
N ILE B 242 1.03 14.36 8.10
CA ILE B 242 0.14 13.53 7.26
C ILE B 242 -0.63 12.48 8.06
N GLN B 243 -0.01 11.88 9.04
CA GLN B 243 -0.73 10.93 9.91
C GLN B 243 -1.93 11.64 10.54
N MSE B 244 -1.71 12.88 10.96
CA MSE B 244 -2.74 13.70 11.57
C MSE B 244 -3.83 14.02 10.56
O MSE B 244 -5.01 13.84 10.85
CB MSE B 244 -2.13 14.94 12.17
CG MSE B 244 -1.35 14.65 13.40
SE MSE B 244 -0.22 16.15 13.94
CE MSE B 244 -1.61 17.50 14.43
N ALA B 245 -3.42 14.46 9.39
CA ALA B 245 -4.37 14.83 8.32
C ALA B 245 -5.21 13.63 7.91
N GLU B 246 -4.55 12.47 7.91
CA GLU B 246 -5.16 11.23 7.43
C GLU B 246 -6.25 10.73 8.44
N SER B 247 -6.00 10.92 9.71
CA SER B 247 -7.02 10.61 10.74
C SER B 247 -8.27 11.47 10.61
N PHE B 248 -8.08 12.71 10.22
CA PHE B 248 -9.19 13.60 9.91
C PHE B 248 -9.90 13.05 8.65
N LEU B 249 -9.14 12.77 7.60
CA LEU B 249 -9.75 12.55 6.27
C LEU B 249 -10.42 11.19 6.23
N LYS B 250 -9.83 10.26 6.95
CA LYS B 250 -10.43 8.92 7.07
C LYS B 250 -11.25 8.70 8.36
N ASP B 251 -11.44 9.76 9.11
CA ASP B 251 -12.27 9.71 10.28
C ASP B 251 -11.78 8.60 11.21
N LYS B 252 -10.49 8.51 11.41
CA LYS B 252 -9.94 7.36 12.11
C LYS B 252 -10.16 7.34 13.62
N LYS B 253 -10.28 8.53 14.18
CA LYS B 253 -10.43 8.69 15.64
C LYS B 253 -9.19 8.24 16.38
N MSE B 254 -8.05 8.49 15.80
CA MSE B 254 -6.81 8.24 16.48
C MSE B 254 -6.68 9.27 17.62
O MSE B 254 -7.27 10.36 17.59
CB MSE B 254 -5.64 8.37 15.55
CG MSE B 254 -5.56 7.32 14.49
SE MSE B 254 -3.95 7.61 13.38
CE MSE B 254 -2.64 6.69 14.54
N ILE B 255 -5.96 8.86 18.65
CA ILE B 255 -5.63 9.72 19.79
C ILE B 255 -4.10 9.93 19.72
N LEU B 256 -3.73 11.20 19.59
CA LEU B 256 -2.35 11.57 19.28
C LEU B 256 -1.97 12.81 20.07
N PRO B 257 -0.71 12.86 20.51
CA PRO B 257 -0.24 13.99 21.26
C PRO B 257 -0.04 15.18 20.32
N CYS B 258 -0.89 16.18 20.47
CA CYS B 258 -0.91 17.38 19.64
C CYS B 258 -1.12 18.67 20.42
N ALA B 259 -0.74 19.79 19.77
CA ALA B 259 -1.04 21.09 20.33
C ALA B 259 -2.51 21.42 20.04
N ALA B 260 -3.33 21.34 21.07
CA ALA B 260 -4.72 21.63 20.94
C ALA B 260 -5.18 22.62 22.01
N LYS B 261 -6.29 23.30 21.72
CA LYS B 261 -6.86 24.17 22.72
C LYS B 261 -7.59 23.35 23.79
N VAL B 262 -7.07 23.44 25.00
CA VAL B 262 -7.59 22.72 26.14
C VAL B 262 -8.39 23.70 27.01
N LYS B 263 -9.55 23.28 27.50
CA LYS B 263 -10.44 24.16 28.25
C LYS B 263 -10.03 24.20 29.68
N ALA B 264 -10.32 25.31 30.31
CA ALA B 264 -9.94 25.52 31.70
C ALA B 264 -10.57 24.41 32.55
N GLY B 265 -9.81 23.88 33.49
CA GLY B 265 -10.26 22.73 34.29
C GLY B 265 -9.63 21.40 33.90
N MSE B 266 -9.38 21.20 32.61
CA MSE B 266 -8.70 20.01 32.18
C MSE B 266 -7.22 20.13 32.48
O MSE B 266 -6.63 21.18 32.31
CB MSE B 266 -8.95 19.79 30.70
CG MSE B 266 -8.69 18.37 30.28
SE MSE B 266 -9.15 18.02 28.39
CE MSE B 266 -10.27 19.73 28.06
N TYR B 267 -6.64 19.06 33.02
CA TYR B 267 -5.24 19.09 33.52
C TYR B 267 -4.90 20.23 34.50
N GLY B 268 -5.86 20.60 35.36
CA GLY B 268 -5.77 21.71 36.31
C GLY B 268 -5.49 23.10 35.76
N LEU B 269 -5.83 23.34 34.50
CA LEU B 269 -5.60 24.64 33.84
C LEU B 269 -6.57 25.67 34.41
N ASP B 270 -6.13 26.93 34.49
CA ASP B 270 -6.96 28.09 34.91
C ASP B 270 -7.65 28.81 33.83
N GLU B 271 -7.17 28.64 32.62
CA GLU B 271 -7.72 29.33 31.50
C GLU B 271 -7.51 28.43 30.33
N ASP B 272 -8.18 28.75 29.23
CA ASP B 272 -8.03 28.09 27.97
C ASP B 272 -6.63 28.31 27.41
N LEU B 273 -5.97 27.24 27.01
CA LEU B 273 -4.65 27.29 26.42
C LEU B 273 -4.49 26.17 25.42
N PHE B 274 -3.72 26.45 24.36
CA PHE B 274 -3.17 25.43 23.52
C PHE B 274 -2.06 24.77 24.29
N VAL B 275 -2.21 23.46 24.45
CA VAL B 275 -1.21 22.64 25.13
C VAL B 275 -1.08 21.32 24.38
N GLY B 276 0.16 20.81 24.34
CA GLY B 276 0.45 19.44 23.83
C GLY B 276 -0.20 18.40 24.75
N VAL B 277 -1.25 17.74 24.27
CA VAL B 277 -2.07 16.77 25.05
C VAL B 277 -2.58 15.69 24.11
N PRO B 278 -2.88 14.51 24.68
CA PRO B 278 -3.57 13.51 23.86
C PRO B 278 -4.81 14.13 23.29
N THR B 279 -4.94 14.03 21.96
CA THR B 279 -6.01 14.63 21.19
C THR B 279 -6.63 13.64 20.21
N GLU B 280 -7.96 13.54 20.21
CA GLU B 280 -8.67 12.73 19.23
C GLU B 280 -8.79 13.50 17.92
N ILE B 281 -8.44 12.87 16.82
CA ILE B 281 -8.62 13.43 15.49
C ILE B 281 -9.58 12.54 14.72
N SER B 282 -10.70 13.12 14.33
CA SER B 282 -11.74 12.45 13.55
C SER B 282 -12.26 13.39 12.51
N ALA B 283 -13.29 12.98 11.77
CA ALA B 283 -13.98 13.82 10.78
C ALA B 283 -14.61 15.09 11.41
N ASN B 284 -14.79 15.06 12.72
CA ASN B 284 -15.27 16.19 13.51
C ASN B 284 -14.14 17.11 13.99
N GLY B 285 -12.95 16.92 13.48
CA GLY B 285 -11.84 17.73 13.95
C GLY B 285 -11.22 17.14 15.20
N VAL B 286 -10.70 17.99 16.05
CA VAL B 286 -9.91 17.55 17.18
C VAL B 286 -10.64 17.80 18.49
N ARG B 287 -10.28 16.99 19.47
CA ARG B 287 -10.83 17.05 20.80
C ARG B 287 -9.76 16.54 21.76
N PRO B 288 -9.34 17.38 22.70
CA PRO B 288 -8.38 16.95 23.70
C PRO B 288 -8.97 15.94 24.69
N ILE B 289 -8.18 14.95 25.04
CA ILE B 289 -8.56 13.92 25.98
C ILE B 289 -7.76 14.10 27.24
N GLU B 290 -8.43 13.97 28.36
CA GLU B 290 -7.77 14.07 29.65
C GLU B 290 -7.39 12.66 30.10
N VAL B 291 -6.11 12.43 30.33
CA VAL B 291 -5.69 11.18 30.98
C VAL B 291 -5.03 11.51 32.33
N GLU B 292 -5.19 10.62 33.28
CA GLU B 292 -4.55 10.76 34.56
C GLU B 292 -3.03 10.70 34.43
N ILE B 293 -2.35 11.64 35.05
CA ILE B 293 -0.91 11.64 35.04
C ILE B 293 -0.43 11.78 36.46
N SER B 294 0.79 11.36 36.72
CA SER B 294 1.39 11.37 38.03
C SER B 294 1.66 12.78 38.50
N ASP B 295 1.91 12.93 39.80
CA ASP B 295 2.28 14.25 40.32
C ASP B 295 3.52 14.82 39.63
N LYS B 296 4.55 13.98 39.50
CA LYS B 296 5.79 14.35 38.87
C LYS B 296 5.53 14.84 37.44
N GLU B 297 4.76 14.07 36.68
CA GLU B 297 4.44 14.41 35.28
C GLU B 297 3.67 15.68 35.19
N ARG B 298 2.77 15.90 36.13
CA ARG B 298 2.02 17.14 36.13
C ARG B 298 2.92 18.36 36.44
N GLU B 299 3.88 18.17 37.33
CA GLU B 299 4.81 19.24 37.65
C GLU B 299 5.55 19.59 36.37
N GLN B 300 5.94 18.54 35.62
CA GLN B 300 6.68 18.76 34.38
C GLN B 300 5.79 19.41 33.36
N LEU B 301 4.50 19.11 33.38
CA LEU B 301 3.58 19.76 32.45
C LEU B 301 3.53 21.28 32.71
N GLN B 302 3.66 21.63 33.97
CA GLN B 302 3.61 23.02 34.39
C GLN B 302 4.70 23.89 33.74
N VAL B 303 5.88 23.31 33.58
CA VAL B 303 6.94 23.93 32.78
C VAL B 303 6.46 24.36 31.36
N SER B 304 5.83 23.47 30.61
CA SER B 304 5.26 23.87 29.30
C SER B 304 4.16 24.94 29.42
N ILE B 305 3.25 24.74 30.36
CA ILE B 305 2.14 25.68 30.56
C ILE B 305 2.70 27.08 30.82
N ASN B 306 3.68 27.16 31.71
CA ASN B 306 4.32 28.46 32.00
C ASN B 306 5.03 29.09 30.78
N ALA B 307 5.75 28.28 30.01
CA ALA B 307 6.40 28.77 28.82
C ALA B 307 5.35 29.27 27.81
N ILE B 308 4.23 28.56 27.69
CA ILE B 308 3.15 28.96 26.82
C ILE B 308 2.51 30.26 27.29
N LYS B 309 2.26 30.37 28.59
CA LYS B 309 1.72 31.63 29.13
C LYS B 309 2.64 32.81 28.78
N ASP B 310 3.93 32.60 28.94
CA ASP B 310 4.87 33.68 28.74
C ASP B 310 4.82 34.12 27.28
N LEU B 311 4.77 33.16 26.37
CA LEU B 311 4.65 33.46 24.95
C LEU B 311 3.32 34.13 24.63
N ASN B 312 2.23 33.68 25.24
CA ASN B 312 0.95 34.35 25.00
C ASN B 312 1.05 35.84 25.39
N LYS B 313 1.77 36.11 26.48
CA LYS B 313 1.93 37.47 27.00
C LYS B 313 2.74 38.32 26.03
N ALA B 314 3.91 37.79 25.65
CA ALA B 314 4.76 38.47 24.68
C ALA B 314 3.99 38.72 23.36
N ALA B 315 3.17 37.75 22.94
CA ALA B 315 2.37 37.86 21.70
C ALA B 315 1.36 38.97 21.80
N ALA B 316 0.67 39.06 22.92
CA ALA B 316 -0.33 40.12 23.16
C ALA B 316 0.30 41.52 23.12
N GLU B 317 1.45 41.63 23.78
CA GLU B 317 2.18 42.89 23.84
C GLU B 317 2.63 43.33 22.44
N ILE B 318 3.02 42.38 21.60
CA ILE B 318 3.35 42.71 20.22
C ILE B 318 2.12 43.21 19.48
N LEU B 319 1.00 42.47 19.58
CA LEU B 319 -0.22 42.85 18.88
C LEU B 319 -0.72 44.25 19.31
N ALA B 320 -0.44 44.63 20.56
CA ALA B 320 -0.78 45.95 21.10
C ALA B 320 0.45 46.87 21.02
N MSE C 3 -17.88 15.61 7.77
CA MSE C 3 -17.88 14.89 6.44
C MSE C 3 -18.08 13.36 6.60
O MSE C 3 -17.36 12.67 7.38
CB MSE C 3 -16.56 15.20 5.72
CG MSE C 3 -16.39 14.51 4.41
SE MSE C 3 -17.43 15.38 2.94
CE MSE C 3 -18.41 16.85 3.85
N ALA C 4 -19.06 12.81 5.86
CA ALA C 4 -19.45 11.41 5.99
C ALA C 4 -18.32 10.56 5.40
N ARG C 5 -18.04 9.40 6.00
CA ARG C 5 -17.19 8.43 5.35
C ARG C 5 -17.89 7.99 4.09
N LYS C 6 -17.11 7.59 3.10
CA LYS C 6 -17.69 6.97 1.90
C LYS C 6 -18.33 5.63 2.23
N LYS C 7 -19.31 5.21 1.43
CA LYS C 7 -20.05 4.00 1.73
C LYS C 7 -20.27 3.18 0.49
N ILE C 8 -19.85 1.91 0.59
CA ILE C 8 -20.04 0.90 -0.43
C ILE C 8 -20.96 -0.19 0.10
N THR C 9 -22.10 -0.37 -0.58
CA THR C 9 -22.99 -1.47 -0.30
C THR C 9 -22.80 -2.53 -1.35
N LEU C 10 -22.64 -3.76 -0.83
CA LEU C 10 -22.55 -4.96 -1.60
C LEU C 10 -23.83 -5.77 -1.38
N VAL C 11 -24.61 -5.90 -2.46
CA VAL C 11 -25.87 -6.63 -2.47
C VAL C 11 -25.55 -8.01 -2.99
N GLY C 12 -25.41 -8.95 -2.06
CA GLY C 12 -24.99 -10.29 -2.40
C GLY C 12 -23.75 -10.53 -1.55
N ALA C 13 -23.80 -11.54 -0.69
CA ALA C 13 -22.71 -11.85 0.22
C ALA C 13 -22.17 -13.27 -0.03
N GLY C 14 -22.28 -13.71 -1.29
CA GLY C 14 -21.60 -14.94 -1.74
C GLY C 14 -20.08 -14.74 -1.73
N ASN C 15 -19.34 -15.57 -2.44
CA ASN C 15 -17.89 -15.43 -2.40
C ASN C 15 -17.39 -14.12 -3.07
N ILE C 16 -17.98 -13.77 -4.19
CA ILE C 16 -17.65 -12.54 -4.83
C ILE C 16 -17.95 -11.42 -3.88
N GLY C 17 -19.12 -11.42 -3.28
CA GLY C 17 -19.47 -10.30 -2.44
C GLY C 17 -18.48 -10.17 -1.28
N GLY C 18 -18.15 -11.28 -0.64
CA GLY C 18 -17.23 -11.27 0.46
C GLY C 18 -15.86 -10.76 0.04
N THR C 19 -15.45 -11.15 -1.15
CA THR C 19 -14.15 -10.74 -1.62
C THR C 19 -14.11 -9.24 -1.93
N LEU C 20 -15.17 -8.73 -2.55
CA LEU C 20 -15.32 -7.30 -2.76
C LEU C 20 -15.13 -6.57 -1.44
N ALA C 21 -15.76 -7.08 -0.40
CA ALA C 21 -15.74 -6.43 0.87
C ALA C 21 -14.32 -6.40 1.44
N HIS C 22 -13.66 -7.52 1.34
CA HIS C 22 -12.30 -7.65 1.84
C HIS C 22 -11.39 -6.62 1.12
N LEU C 23 -11.50 -6.58 -0.20
CA LEU C 23 -10.73 -5.63 -1.01
C LEU C 23 -10.98 -4.14 -0.69
N ALA C 24 -12.25 -3.81 -0.53
CA ALA C 24 -12.70 -2.48 -0.13
C ALA C 24 -12.10 -2.10 1.21
N LEU C 25 -12.01 -3.04 2.13
CA LEU C 25 -11.37 -2.78 3.42
C LEU C 25 -9.85 -2.60 3.32
N ILE C 26 -9.18 -3.52 2.59
CA ILE C 26 -7.75 -3.43 2.42
C ILE C 26 -7.33 -2.16 1.71
N LYS C 27 -8.13 -1.73 0.74
CA LYS C 27 -7.81 -0.53 -0.01
C LYS C 27 -8.40 0.72 0.64
N GLN C 28 -8.98 0.58 1.81
CA GLN C 28 -9.48 1.73 2.57
C GLN C 28 -10.41 2.62 1.74
N LEU C 29 -11.35 2.01 1.04
CA LEU C 29 -12.22 2.79 0.16
C LEU C 29 -13.46 3.39 0.89
N GLY C 30 -13.76 2.91 2.09
CA GLY C 30 -14.90 3.44 2.85
C GLY C 30 -15.54 2.39 3.73
N ASP C 31 -16.62 2.78 4.41
CA ASP C 31 -17.39 1.79 5.15
C ASP C 31 -18.10 0.87 4.17
N VAL C 32 -18.37 -0.36 4.61
CA VAL C 32 -18.98 -1.38 3.77
C VAL C 32 -20.15 -1.99 4.47
N VAL C 33 -21.23 -2.14 3.69
CA VAL C 33 -22.44 -2.82 4.09
C VAL C 33 -22.59 -4.04 3.19
N LEU C 34 -22.78 -5.19 3.84
CA LEU C 34 -22.84 -6.46 3.13
C LEU C 34 -24.28 -6.94 3.31
N PHE C 35 -25.07 -6.72 2.27
CA PHE C 35 -26.47 -7.12 2.23
C PHE C 35 -26.58 -8.52 1.64
N ASP C 36 -27.49 -9.31 2.21
CA ASP C 36 -27.89 -10.59 1.61
C ASP C 36 -29.25 -10.90 2.15
N ILE C 37 -30.02 -11.63 1.36
CA ILE C 37 -31.30 -12.12 1.76
C ILE C 37 -31.17 -13.23 2.82
N ALA C 38 -30.07 -13.95 2.83
CA ALA C 38 -29.85 -15.04 3.80
C ALA C 38 -29.72 -14.55 5.24
N GLN C 39 -30.28 -15.35 6.13
CA GLN C 39 -30.22 -15.09 7.54
C GLN C 39 -28.86 -15.36 8.10
N GLY C 40 -28.39 -14.45 8.95
CA GLY C 40 -27.15 -14.65 9.67
C GLY C 40 -25.86 -14.53 8.88
N MSE C 41 -25.82 -15.12 7.69
CA MSE C 41 -24.59 -15.23 6.94
C MSE C 41 -23.90 -13.89 6.61
O MSE C 41 -22.72 -13.81 6.78
CB MSE C 41 -24.79 -16.07 5.70
CG MSE C 41 -23.53 -16.37 5.01
SE MSE C 41 -23.28 -15.01 3.68
CE MSE C 41 -24.26 -15.92 2.15
N PRO C 42 -24.60 -12.87 6.14
CA PRO C 42 -23.96 -11.59 5.86
C PRO C 42 -23.42 -11.00 7.13
N ASN C 43 -24.09 -11.19 8.23
CA ASN C 43 -23.57 -10.72 9.48
C ASN C 43 -22.31 -11.43 9.93
N GLY C 44 -22.30 -12.72 9.72
CA GLY C 44 -21.17 -13.53 10.05
C GLY C 44 -19.95 -13.21 9.25
N LYS C 45 -20.09 -13.02 7.96
CA LYS C 45 -18.95 -12.68 7.13
C LYS C 45 -18.52 -11.30 7.51
N ALA C 46 -19.47 -10.39 7.63
CA ALA C 46 -19.11 -9.03 7.92
C ALA C 46 -18.37 -8.96 9.28
N LEU C 47 -18.84 -9.71 10.27
CA LEU C 47 -18.12 -9.72 11.58
C LEU C 47 -16.67 -10.23 11.39
N ASP C 48 -16.53 -11.29 10.61
CA ASP C 48 -15.21 -11.86 10.36
C ASP C 48 -14.28 -10.81 9.73
N LEU C 49 -14.81 -10.14 8.71
CA LEU C 49 -14.07 -9.16 7.95
C LEU C 49 -13.71 -7.98 8.85
N LEU C 50 -14.68 -7.54 9.64
CA LEU C 50 -14.47 -6.41 10.52
C LEU C 50 -13.30 -6.73 11.51
N GLN C 51 -13.19 -8.00 11.91
CA GLN C 51 -12.10 -8.35 12.79
C GLN C 51 -10.73 -8.47 12.10
N THR C 52 -10.65 -8.36 10.80
CA THR C 52 -9.37 -8.20 10.13
C THR C 52 -8.76 -6.81 10.35
N CYS C 53 -9.62 -5.85 10.60
CA CYS C 53 -9.25 -4.47 10.59
C CYS C 53 -8.19 -4.06 11.58
N PRO C 54 -8.19 -4.56 12.79
CA PRO C 54 -7.11 -4.24 13.71
C PRO C 54 -5.74 -4.73 13.23
N ILE C 55 -5.72 -5.84 12.54
CA ILE C 55 -4.50 -6.44 12.03
C ILE C 55 -3.96 -5.54 10.95
N GLU C 56 -4.82 -5.06 10.08
CA GLU C 56 -4.40 -4.23 8.95
C GLU C 56 -4.33 -2.70 9.28
N GLY C 57 -4.69 -2.35 10.52
CA GLY C 57 -4.67 -1.00 11.03
C GLY C 57 -5.72 -0.10 10.38
N VAL C 58 -6.82 -0.67 9.92
CA VAL C 58 -7.85 0.05 9.18
C VAL C 58 -8.99 0.40 10.16
N ASP C 59 -9.61 1.59 10.00
CA ASP C 59 -10.72 2.03 10.85
C ASP C 59 -12.03 2.15 10.13
N PHE C 60 -12.07 1.78 8.88
CA PHE C 60 -13.36 1.59 8.17
C PHE C 60 -14.04 0.36 8.76
N LYS C 61 -15.38 0.38 8.73
CA LYS C 61 -16.23 -0.65 9.30
C LYS C 61 -16.98 -1.40 8.21
N VAL C 62 -17.42 -2.61 8.55
CA VAL C 62 -18.25 -3.43 7.71
C VAL C 62 -19.33 -4.04 8.56
N ARG C 63 -20.56 -3.94 8.10
CA ARG C 63 -21.70 -4.55 8.77
C ARG C 63 -22.55 -5.36 7.77
N GLY C 64 -23.28 -6.33 8.29
CA GLY C 64 -24.14 -7.21 7.49
C GLY C 64 -25.59 -6.83 7.66
N THR C 65 -26.41 -7.13 6.67
CA THR C 65 -27.82 -6.75 6.74
C THR C 65 -28.69 -7.57 5.78
N ASN C 66 -29.96 -7.67 6.16
CA ASN C 66 -31.03 -8.20 5.35
C ASN C 66 -31.99 -7.07 4.90
N ASP C 67 -31.68 -5.83 5.25
CA ASP C 67 -32.66 -4.70 5.19
C ASP C 67 -32.21 -3.65 4.14
N TYR C 68 -33.00 -3.47 3.09
CA TYR C 68 -32.68 -2.43 2.09
C TYR C 68 -32.49 -1.03 2.66
N LYS C 69 -33.06 -0.74 3.81
CA LYS C 69 -32.86 0.57 4.44
C LYS C 69 -31.37 0.86 4.69
N ASP C 70 -30.60 -0.17 5.00
CA ASP C 70 -29.18 0.04 5.21
C ASP C 70 -28.39 0.39 3.93
N LEU C 71 -29.04 0.36 2.76
CA LEU C 71 -28.40 0.95 1.57
C LEU C 71 -28.35 2.48 1.62
N GLU C 72 -29.03 3.11 2.57
CA GLU C 72 -29.17 4.58 2.54
C GLU C 72 -27.78 5.26 2.47
N ASN C 73 -27.66 6.24 1.57
CA ASN C 73 -26.44 7.06 1.35
C ASN C 73 -25.23 6.34 0.80
N SER C 74 -25.46 5.20 0.15
CA SER C 74 -24.37 4.42 -0.38
C SER C 74 -23.80 5.24 -1.55
N ASP C 75 -22.49 5.43 -1.61
CA ASP C 75 -21.89 6.05 -2.78
C ASP C 75 -21.82 5.06 -3.97
N VAL C 76 -21.51 3.82 -3.64
CA VAL C 76 -21.43 2.75 -4.65
C VAL C 76 -22.24 1.56 -4.14
N VAL C 77 -22.91 0.90 -5.06
CA VAL C 77 -23.56 -0.37 -4.82
C VAL C 77 -23.10 -1.33 -5.92
N ILE C 78 -22.57 -2.48 -5.49
CA ILE C 78 -22.11 -3.52 -6.36
C ILE C 78 -23.03 -4.72 -6.15
N VAL C 79 -23.72 -5.13 -7.21
CA VAL C 79 -24.74 -6.16 -7.13
C VAL C 79 -24.23 -7.49 -7.70
N THR C 80 -24.17 -8.50 -6.80
CA THR C 80 -23.77 -9.86 -7.18
C THR C 80 -24.87 -10.85 -6.92
N ALA C 81 -26.03 -10.41 -6.41
CA ALA C 81 -27.09 -11.34 -6.03
C ALA C 81 -27.65 -12.01 -7.28
N GLY C 82 -28.17 -13.22 -7.12
CA GLY C 82 -28.72 -13.98 -8.24
C GLY C 82 -28.44 -15.45 -8.08
N VAL C 83 -29.07 -16.27 -8.90
CA VAL C 83 -28.88 -17.70 -8.84
C VAL C 83 -27.97 -18.03 -9.99
N PRO C 84 -26.89 -18.82 -9.75
CA PRO C 84 -26.15 -19.34 -10.93
C PRO C 84 -26.97 -20.36 -11.72
N ARG C 85 -26.85 -20.31 -13.05
CA ARG C 85 -27.46 -21.30 -13.91
C ARG C 85 -26.97 -22.68 -13.48
N LYS C 86 -27.83 -23.67 -13.63
CA LYS C 86 -27.46 -25.07 -13.31
C LYS C 86 -28.11 -25.99 -14.34
N PRO C 87 -27.71 -27.25 -14.35
CA PRO C 87 -28.42 -28.17 -15.21
C PRO C 87 -29.73 -28.61 -14.55
N GLY C 88 -30.81 -28.86 -15.30
CA GLY C 88 -30.92 -28.59 -16.72
C GLY C 88 -31.77 -27.35 -16.83
N MSE C 89 -31.40 -26.32 -16.06
CA MSE C 89 -32.17 -25.10 -16.02
C MSE C 89 -32.14 -24.39 -17.34
O MSE C 89 -31.11 -24.11 -17.89
CB MSE C 89 -31.65 -24.19 -14.91
CG MSE C 89 -32.30 -22.84 -14.85
SE MSE C 89 -31.44 -21.65 -13.63
CE MSE C 89 -31.64 -22.59 -12.04
N SER C 90 -33.32 -24.08 -17.83
CA SER C 90 -33.50 -23.39 -19.06
C SER C 90 -33.09 -21.95 -18.93
N ARG C 91 -32.76 -21.35 -20.05
CA ARG C 91 -32.38 -19.98 -20.02
C ARG C 91 -33.56 -19.20 -19.55
N ASP C 92 -34.74 -19.57 -20.00
CA ASP C 92 -35.91 -18.87 -19.55
C ASP C 92 -36.02 -18.96 -18.05
N ASP C 93 -35.71 -20.10 -17.46
CA ASP C 93 -35.82 -20.17 -16.03
C ASP C 93 -34.83 -19.23 -15.30
N LEU C 94 -33.57 -19.26 -15.69
CA LEU C 94 -32.55 -18.34 -15.10
C LEU C 94 -32.94 -16.85 -15.17
N LEU C 95 -33.41 -16.50 -16.36
CA LEU C 95 -33.92 -15.19 -16.63
C LEU C 95 -35.05 -14.79 -15.73
N GLY C 96 -36.08 -15.64 -15.69
CA GLY C 96 -37.24 -15.46 -14.81
C GLY C 96 -36.80 -15.20 -13.39
N ILE C 97 -35.85 -16.02 -12.90
CA ILE C 97 -35.40 -15.96 -11.50
C ILE C 97 -34.62 -14.64 -11.28
N ASN C 98 -33.63 -14.37 -12.11
CA ASN C 98 -32.76 -13.26 -11.86
C ASN C 98 -33.39 -11.90 -12.18
N ILE C 99 -34.32 -11.89 -13.12
CA ILE C 99 -35.13 -10.68 -13.31
C ILE C 99 -35.79 -10.25 -12.01
N LYS C 100 -36.43 -11.20 -11.32
CA LYS C 100 -37.10 -10.93 -10.05
C LYS C 100 -36.12 -10.47 -8.91
N VAL C 101 -34.91 -11.04 -8.87
CA VAL C 101 -33.88 -10.48 -7.97
C VAL C 101 -33.53 -9.00 -8.37
N MSE C 102 -33.41 -8.75 -9.64
CA MSE C 102 -33.08 -7.41 -10.09
C MSE C 102 -34.18 -6.42 -9.69
O MSE C 102 -33.91 -5.28 -9.30
CB MSE C 102 -32.80 -7.39 -11.59
CG MSE C 102 -31.52 -8.16 -12.03
SE MSE C 102 -29.84 -7.54 -11.15
CE MSE C 102 -29.71 -8.77 -9.62
N GLN C 103 -35.42 -6.87 -9.77
CA GLN C 103 -36.56 -6.09 -9.33
C GLN C 103 -36.43 -5.75 -7.86
N THR C 104 -36.21 -6.76 -7.04
CA THR C 104 -36.15 -6.56 -5.60
C THR C 104 -34.95 -5.67 -5.30
N VAL C 105 -33.83 -5.95 -5.94
CA VAL C 105 -32.63 -5.13 -5.74
C VAL C 105 -32.78 -3.72 -6.34
N GLY C 106 -33.35 -3.64 -7.53
CA GLY C 106 -33.64 -2.32 -8.14
C GLY C 106 -34.47 -1.42 -7.23
N GLU C 107 -35.54 -1.97 -6.68
CA GLU C 107 -36.44 -1.20 -5.85
C GLU C 107 -35.78 -0.77 -4.55
N GLY C 108 -34.91 -1.65 -4.04
CA GLY C 108 -34.11 -1.33 -2.87
C GLY C 108 -33.24 -0.13 -3.12
N ILE C 109 -32.59 -0.09 -4.28
CA ILE C 109 -31.73 1.02 -4.69
C ILE C 109 -32.53 2.29 -4.85
N LYS C 110 -33.57 2.19 -5.66
CA LYS C 110 -34.43 3.33 -5.97
C LYS C 110 -34.99 3.98 -4.72
N HIS C 111 -35.33 3.18 -3.71
CA HIS C 111 -35.98 3.72 -2.53
C HIS C 111 -35.03 4.14 -1.46
N ASN C 112 -33.80 3.68 -1.53
CA ASN C 112 -32.90 3.92 -0.43
C ASN C 112 -31.61 4.67 -0.79
N CYS C 113 -31.06 4.48 -2.00
CA CYS C 113 -29.90 5.27 -2.45
C CYS C 113 -29.95 5.47 -3.95
N PRO C 114 -30.94 6.24 -4.44
CA PRO C 114 -31.13 6.44 -5.87
C PRO C 114 -29.98 7.17 -6.57
N ASN C 115 -29.10 7.83 -5.81
CA ASN C 115 -27.92 8.48 -6.39
C ASN C 115 -26.60 7.74 -6.30
N ALA C 116 -26.68 6.45 -5.98
CA ALA C 116 -25.50 5.57 -5.96
C ALA C 116 -25.00 5.31 -7.36
N PHE C 117 -23.71 4.97 -7.44
CA PHE C 117 -23.11 4.46 -8.64
C PHE C 117 -23.25 2.95 -8.54
N VAL C 118 -23.88 2.37 -9.55
CA VAL C 118 -24.26 0.97 -9.49
C VAL C 118 -23.44 0.13 -10.47
N ILE C 119 -22.75 -0.87 -9.93
CA ILE C 119 -22.00 -1.84 -10.71
C ILE C 119 -22.71 -3.17 -10.60
N CYS C 120 -23.05 -3.73 -11.76
CA CYS C 120 -23.82 -4.97 -11.84
C CYS C 120 -22.83 -6.07 -12.18
N ILE C 121 -22.90 -7.16 -11.43
CA ILE C 121 -22.11 -8.35 -11.71
C ILE C 121 -23.02 -9.56 -11.95
N THR C 122 -24.28 -9.49 -11.57
CA THR C 122 -25.26 -10.59 -11.74
C THR C 122 -25.35 -11.10 -13.19
N ASN C 123 -25.39 -12.42 -13.37
CA ASN C 123 -25.47 -13.03 -14.74
C ASN C 123 -26.92 -13.37 -15.07
N PRO C 124 -27.26 -13.46 -16.36
CA PRO C 124 -26.41 -13.12 -17.51
C PRO C 124 -26.23 -11.61 -17.57
N LEU C 125 -24.98 -11.23 -17.49
CA LEU C 125 -24.62 -9.82 -17.44
C LEU C 125 -25.20 -9.05 -18.64
N ASP C 126 -25.18 -9.66 -19.82
CA ASP C 126 -25.70 -8.99 -21.01
C ASP C 126 -27.10 -8.35 -20.80
N ILE C 127 -27.95 -9.00 -20.03
CA ILE C 127 -29.30 -8.52 -19.79
C ILE C 127 -29.50 -7.96 -18.35
N MSE C 128 -28.77 -8.47 -17.38
CA MSE C 128 -29.04 -8.10 -15.96
C MSE C 128 -28.72 -6.66 -15.62
O MSE C 128 -29.41 -6.03 -14.81
CB MSE C 128 -28.39 -9.06 -14.99
CG MSE C 128 -29.13 -10.38 -14.85
SE MSE C 128 -31.15 -10.42 -14.74
CE MSE C 128 -31.29 -12.13 -15.78
N VAL C 129 -27.72 -6.11 -16.29
CA VAL C 129 -27.44 -4.68 -16.14
C VAL C 129 -28.62 -3.78 -16.58
N ASN C 130 -29.20 -4.15 -17.71
CA ASN C 130 -30.35 -3.45 -18.31
C ASN C 130 -31.53 -3.48 -17.35
N MSE C 131 -31.84 -4.69 -16.84
CA MSE C 131 -32.91 -4.87 -15.89
C MSE C 131 -32.65 -4.11 -14.59
O MSE C 131 -33.55 -3.52 -14.03
CB MSE C 131 -33.07 -6.35 -15.52
CG MSE C 131 -33.41 -7.24 -16.69
SE MSE C 131 -35.17 -6.87 -17.45
CE MSE C 131 -34.83 -5.44 -18.78
N LEU C 132 -31.40 -4.15 -14.12
CA LEU C 132 -31.07 -3.47 -12.86
C LEU C 132 -31.34 -1.94 -13.00
N GLN C 133 -31.07 -1.39 -14.18
CA GLN C 133 -31.39 0.03 -14.40
C GLN C 133 -32.89 0.24 -14.39
N LYS C 134 -33.59 -0.57 -15.18
CA LYS C 134 -35.03 -0.48 -15.34
C LYS C 134 -35.72 -0.45 -13.98
N PHE C 135 -35.35 -1.34 -13.07
CA PHE C 135 -36.01 -1.37 -11.75
C PHE C 135 -35.42 -0.42 -10.67
N SER C 136 -34.15 -0.09 -10.80
CA SER C 136 -33.57 0.93 -9.93
C SER C 136 -33.98 2.34 -10.34
N GLY C 137 -34.14 2.58 -11.63
CA GLY C 137 -34.40 3.92 -12.16
C GLY C 137 -33.19 4.84 -12.22
N VAL C 138 -31.97 4.32 -12.06
CA VAL C 138 -30.77 5.18 -12.12
C VAL C 138 -30.46 5.60 -13.57
N PRO C 139 -29.91 6.81 -13.74
CA PRO C 139 -29.57 7.31 -15.08
C PRO C 139 -28.44 6.55 -15.74
N ASP C 140 -28.42 6.60 -17.07
CA ASP C 140 -27.38 5.87 -17.89
C ASP C 140 -25.93 6.02 -17.36
N ASN C 141 -25.58 7.22 -16.92
CA ASN C 141 -24.21 7.43 -16.47
C ASN C 141 -23.91 6.76 -15.09
N LYS C 142 -24.92 6.22 -14.41
CA LYS C 142 -24.71 5.68 -13.06
C LYS C 142 -24.90 4.17 -12.91
N ILE C 143 -25.02 3.47 -14.05
CA ILE C 143 -25.08 2.04 -14.06
C ILE C 143 -24.09 1.48 -15.11
N VAL C 144 -23.47 0.36 -14.76
CA VAL C 144 -22.42 -0.25 -15.54
C VAL C 144 -22.29 -1.71 -15.13
N GLY C 145 -21.97 -2.56 -16.08
CA GLY C 145 -21.74 -3.97 -15.83
C GLY C 145 -20.29 -4.37 -15.91
N MSE C 146 -19.86 -5.22 -15.01
CA MSE C 146 -18.50 -5.77 -15.03
C MSE C 146 -18.49 -7.02 -15.89
O MSE C 146 -19.24 -7.93 -15.65
CB MSE C 146 -18.06 -6.09 -13.62
CG MSE C 146 -16.64 -6.53 -13.47
SE MSE C 146 -16.18 -8.27 -14.19
CE MSE C 146 -16.98 -9.41 -12.85
N ALA C 147 -17.68 -7.05 -16.93
CA ALA C 147 -17.52 -8.21 -17.78
C ALA C 147 -16.15 -8.08 -18.46
N GLY C 148 -15.96 -7.08 -19.32
CA GLY C 148 -14.70 -6.93 -20.07
C GLY C 148 -13.45 -6.91 -19.21
N VAL C 149 -13.51 -6.28 -18.04
CA VAL C 149 -12.27 -6.12 -17.25
C VAL C 149 -11.77 -7.48 -16.84
N LEU C 150 -12.69 -8.39 -16.53
CA LEU C 150 -12.30 -9.77 -16.17
C LEU C 150 -11.62 -10.48 -17.31
N ASP C 151 -12.21 -10.38 -18.51
CA ASP C 151 -11.61 -11.01 -19.72
C ASP C 151 -10.19 -10.48 -20.01
N SER C 152 -10.10 -9.17 -19.89
CA SER C 152 -8.83 -8.44 -19.99
C SER C 152 -7.81 -9.00 -19.02
N ALA C 153 -8.19 -9.08 -17.75
CA ALA C 153 -7.22 -9.60 -16.73
C ALA C 153 -6.70 -11.04 -17.09
N ARG C 154 -7.61 -11.87 -17.55
CA ARG C 154 -7.27 -13.21 -17.89
C ARG C 154 -6.31 -13.19 -19.07
N PHE C 155 -6.68 -12.43 -20.09
CA PHE C 155 -5.91 -12.32 -21.32
C PHE C 155 -4.50 -11.85 -20.96
N ARG C 156 -4.41 -10.85 -20.10
CA ARG C 156 -3.09 -10.36 -19.66
CA ARG C 156 -3.09 -10.35 -19.65
C ARG C 156 -2.29 -11.41 -18.89
N THR C 157 -2.96 -12.15 -17.99
CA THR C 157 -2.33 -13.18 -17.23
C THR C 157 -1.67 -14.16 -18.18
N PHE C 158 -2.41 -14.63 -19.19
CA PHE C 158 -1.88 -15.67 -20.09
C PHE C 158 -0.73 -15.11 -20.92
N LEU C 159 -0.88 -13.85 -21.35
CA LEU C 159 0.15 -13.20 -22.17
C LEU C 159 1.44 -13.09 -21.38
N ALA C 160 1.32 -12.62 -20.14
CA ALA C 160 2.46 -12.32 -19.27
C ALA C 160 3.29 -13.58 -19.01
N ASP C 161 2.60 -14.69 -18.81
CA ASP C 161 3.27 -15.95 -18.55
C ASP C 161 3.89 -16.51 -19.83
N GLU C 162 3.13 -16.39 -20.92
CA GLU C 162 3.61 -16.86 -22.21
C GLU C 162 4.88 -16.09 -22.65
N LEU C 163 4.89 -14.78 -22.51
CA LEU C 163 6.01 -13.98 -23.04
C LEU C 163 7.05 -13.61 -21.98
N ASN C 164 6.82 -14.06 -20.77
CA ASN C 164 7.74 -13.79 -19.71
C ASN C 164 8.00 -12.30 -19.42
N VAL C 165 6.93 -11.55 -19.17
CA VAL C 165 7.06 -10.13 -18.95
C VAL C 165 6.08 -9.72 -17.84
N SER C 166 6.29 -8.52 -17.29
CA SER C 166 5.47 -8.00 -16.19
C SER C 166 4.07 -7.78 -16.68
N VAL C 167 3.11 -8.07 -15.82
CA VAL C 167 1.73 -7.74 -16.15
C VAL C 167 1.54 -6.24 -16.40
N GLN C 168 2.41 -5.42 -15.83
CA GLN C 168 2.25 -4.00 -16.02
C GLN C 168 2.56 -3.56 -17.47
N GLN C 169 3.31 -4.34 -18.21
CA GLN C 169 3.61 -4.06 -19.62
C GLN C 169 2.65 -4.82 -20.60
N VAL C 170 1.66 -5.55 -20.06
CA VAL C 170 0.70 -6.21 -20.92
C VAL C 170 -0.62 -5.47 -20.89
N GLN C 171 -1.09 -5.03 -22.07
CA GLN C 171 -2.43 -4.48 -22.16
C GLN C 171 -3.27 -5.25 -23.13
N ALA C 172 -4.43 -5.67 -22.65
CA ALA C 172 -5.35 -6.52 -23.41
C ALA C 172 -6.65 -5.77 -23.54
N TYR C 173 -7.05 -5.52 -24.77
CA TYR C 173 -8.32 -4.79 -25.02
C TYR C 173 -9.29 -5.75 -25.67
N VAL C 174 -10.50 -5.73 -25.12
CA VAL C 174 -11.61 -6.57 -25.58
C VAL C 174 -12.90 -5.75 -25.59
N MSE C 175 -13.90 -6.25 -26.30
CA MSE C 175 -15.19 -5.63 -26.36
C MSE C 175 -16.18 -6.72 -26.38
O MSE C 175 -15.81 -7.88 -26.47
CB MSE C 175 -15.32 -4.83 -27.66
CG MSE C 175 -14.87 -3.46 -27.55
SE MSE C 175 -15.09 -2.64 -29.37
CE MSE C 175 -16.21 -1.16 -28.71
N GLY C 176 -17.46 -6.36 -26.32
CA GLY C 176 -18.53 -7.34 -26.42
C GLY C 176 -18.76 -8.05 -25.11
N GLY C 177 -19.16 -9.32 -25.18
CA GLY C 177 -19.44 -10.12 -23.94
C GLY C 177 -18.37 -11.16 -23.63
N HIS C 178 -18.79 -12.23 -22.97
CA HIS C 178 -17.89 -13.31 -22.66
C HIS C 178 -17.95 -14.36 -23.76
N GLY C 179 -17.08 -15.35 -23.66
CA GLY C 179 -17.14 -16.51 -24.53
C GLY C 179 -17.13 -16.11 -25.99
N ASP C 180 -18.13 -16.63 -26.68
CA ASP C 180 -18.24 -16.50 -28.12
C ASP C 180 -18.64 -15.11 -28.55
N THR C 181 -19.10 -14.29 -27.60
CA THR C 181 -19.51 -12.93 -27.92
C THR C 181 -18.38 -11.91 -27.64
N MSE C 182 -17.29 -12.36 -27.03
CA MSE C 182 -16.13 -11.52 -26.80
C MSE C 182 -15.48 -11.09 -28.11
O MSE C 182 -15.42 -11.84 -29.07
CB MSE C 182 -15.06 -12.28 -26.00
CG MSE C 182 -14.03 -11.38 -25.33
SE MSE C 182 -12.63 -12.38 -24.38
CE MSE C 182 -11.56 -12.94 -25.98
N VAL C 183 -14.98 -9.86 -28.11
CA VAL C 183 -14.25 -9.34 -29.27
C VAL C 183 -12.83 -8.99 -28.86
N PRO C 184 -11.87 -9.84 -29.23
CA PRO C 184 -10.48 -9.55 -28.93
C PRO C 184 -9.97 -8.51 -29.94
N LEU C 185 -9.29 -7.48 -29.44
CA LEU C 185 -8.75 -6.38 -30.24
C LEU C 185 -7.23 -6.54 -30.29
N THR C 186 -6.78 -7.31 -31.27
CA THR C 186 -5.37 -7.78 -31.31
C THR C 186 -4.43 -6.73 -31.86
N LYS C 187 -4.99 -5.69 -32.48
CA LYS C 187 -4.19 -4.57 -32.90
C LYS C 187 -3.87 -3.65 -31.71
N MSE C 188 -4.88 -3.36 -30.90
CA MSE C 188 -4.72 -2.45 -29.75
C MSE C 188 -3.95 -3.09 -28.62
O MSE C 188 -3.19 -2.43 -27.91
CB MSE C 188 -6.07 -1.99 -29.21
CG MSE C 188 -7.07 -1.66 -30.31
SE MSE C 188 -8.59 -0.53 -29.76
CE MSE C 188 -7.97 1.15 -30.52
N SER C 189 -4.17 -4.37 -28.43
CA SER C 189 -3.54 -5.12 -27.36
C SER C 189 -2.09 -5.20 -27.71
N ASN C 190 -1.27 -5.14 -26.69
CA ASN C 190 0.14 -4.96 -26.89
C ASN C 190 0.92 -5.35 -25.62
N VAL C 191 2.17 -5.73 -25.84
CA VAL C 191 3.20 -5.94 -24.82
C VAL C 191 4.26 -4.82 -24.98
N ALA C 192 4.39 -3.96 -23.98
CA ALA C 192 5.39 -2.94 -23.99
C ALA C 192 5.35 -2.20 -25.34
N GLY C 193 4.13 -1.91 -25.77
CA GLY C 193 3.94 -1.10 -26.98
C GLY C 193 4.01 -1.85 -28.29
N VAL C 194 4.33 -3.13 -28.24
CA VAL C 194 4.35 -3.94 -29.49
C VAL C 194 3.03 -4.74 -29.60
N SER C 195 2.26 -4.49 -30.64
CA SER C 195 0.92 -5.07 -30.71
C SER C 195 1.03 -6.57 -30.85
N LEU C 196 0.01 -7.27 -30.37
CA LEU C 196 -0.02 -8.72 -30.45
C LEU C 196 0.09 -9.20 -31.92
N GLU C 197 -0.62 -8.54 -32.81
CA GLU C 197 -0.48 -8.99 -34.25
C GLU C 197 0.90 -8.69 -34.80
N GLN C 198 1.53 -7.61 -34.29
CA GLN C 198 2.88 -7.29 -34.71
C GLN C 198 3.82 -8.36 -34.17
N LEU C 199 3.66 -8.78 -32.92
CA LEU C 199 4.52 -9.86 -32.37
C LEU C 199 4.41 -11.16 -33.19
N VAL C 200 3.26 -11.36 -33.83
CA VAL C 200 3.07 -12.53 -34.68
C VAL C 200 3.89 -12.36 -35.97
N LYS C 201 3.70 -11.25 -36.68
CA LYS C 201 4.52 -10.90 -37.84
C LYS C 201 6.00 -11.08 -37.56
N GLU C 202 6.45 -10.66 -36.38
CA GLU C 202 7.85 -10.80 -35.98
C GLU C 202 8.25 -12.21 -35.58
N GLY C 203 7.31 -13.15 -35.55
CA GLY C 203 7.63 -14.50 -35.09
C GLY C 203 7.95 -14.56 -33.60
N LYS C 204 7.61 -13.51 -32.84
CA LYS C 204 7.87 -13.55 -31.39
C LYS C 204 6.74 -14.24 -30.65
N LEU C 205 5.62 -14.40 -31.35
CA LEU C 205 4.46 -15.09 -30.84
C LEU C 205 3.80 -15.83 -31.99
N LYS C 206 3.72 -17.16 -31.89
CA LYS C 206 3.13 -17.91 -32.99
C LYS C 206 1.64 -17.62 -33.04
N GLN C 207 1.08 -17.56 -34.23
CA GLN C 207 -0.33 -17.33 -34.36
C GLN C 207 -1.12 -18.44 -33.63
N GLU C 208 -0.58 -19.64 -33.56
CA GLU C 208 -1.26 -20.71 -32.84
C GLU C 208 -1.40 -20.38 -31.39
N ARG C 209 -0.31 -19.87 -30.81
CA ARG C 209 -0.27 -19.47 -29.42
C ARG C 209 -1.23 -18.32 -29.13
N LEU C 210 -1.28 -17.35 -30.04
CA LEU C 210 -2.17 -16.27 -29.84
C LEU C 210 -3.56 -16.82 -29.86
N ASP C 211 -3.84 -17.70 -30.81
CA ASP C 211 -5.15 -18.30 -30.96
C ASP C 211 -5.54 -19.10 -29.72
N ALA C 212 -4.65 -19.90 -29.16
CA ALA C 212 -4.98 -20.67 -27.98
C ALA C 212 -5.27 -19.72 -26.81
N ILE C 213 -4.52 -18.62 -26.74
CA ILE C 213 -4.63 -17.70 -25.61
C ILE C 213 -6.00 -16.98 -25.70
N VAL C 214 -6.38 -16.57 -26.93
CA VAL C 214 -7.67 -15.96 -27.20
C VAL C 214 -8.79 -16.94 -26.82
N SER C 215 -8.66 -18.16 -27.28
CA SER C 215 -9.65 -19.17 -26.98
C SER C 215 -9.74 -19.45 -25.45
N ARG C 216 -8.59 -19.52 -24.81
CA ARG C 216 -8.55 -19.78 -23.38
C ARG C 216 -9.25 -18.68 -22.60
N THR C 217 -9.05 -17.44 -23.02
CA THR C 217 -9.73 -16.29 -22.44
C THR C 217 -11.23 -16.36 -22.66
N ARG C 218 -11.68 -16.78 -23.86
CA ARG C 218 -13.12 -16.92 -24.12
C ARG C 218 -13.77 -17.88 -23.09
N SER C 219 -13.04 -18.95 -22.77
CA SER C 219 -13.56 -20.02 -21.93
C SER C 219 -13.10 -19.91 -20.48
N GLY C 220 -12.46 -18.79 -20.16
CA GLY C 220 -11.76 -18.64 -18.88
C GLY C 220 -12.62 -18.97 -17.70
N GLY C 221 -13.86 -18.50 -17.74
CA GLY C 221 -14.80 -18.74 -16.66
C GLY C 221 -15.12 -20.22 -16.45
N GLY C 222 -15.38 -20.89 -17.57
CA GLY C 222 -15.71 -22.31 -17.57
C GLY C 222 -14.55 -23.17 -17.14
N GLU C 223 -13.34 -22.75 -17.51
CA GLU C 223 -12.12 -23.44 -17.10
C GLU C 223 -12.02 -23.56 -15.57
N ILE C 224 -12.27 -22.44 -14.90
CA ILE C 224 -12.19 -22.41 -13.46
C ILE C 224 -13.34 -23.19 -12.82
N VAL C 225 -14.54 -23.05 -13.38
CA VAL C 225 -15.68 -23.84 -13.00
C VAL C 225 -15.31 -25.32 -12.99
N ALA C 226 -14.80 -25.80 -14.12
CA ALA C 226 -14.45 -27.23 -14.26
C ALA C 226 -13.39 -27.65 -13.22
N LEU C 227 -12.45 -26.79 -12.89
CA LEU C 227 -11.46 -27.15 -11.85
C LEU C 227 -12.03 -27.09 -10.45
N LEU C 228 -12.93 -26.15 -10.18
CA LEU C 228 -13.39 -25.99 -8.80
C LEU C 228 -14.33 -27.11 -8.45
N LYS C 229 -15.15 -27.51 -9.44
CA LYS C 229 -16.14 -28.59 -9.26
C LYS C 229 -17.41 -28.11 -8.48
N THR C 230 -17.22 -27.20 -7.52
CA THR C 230 -18.29 -26.35 -6.94
C THR C 230 -18.06 -24.85 -7.16
N GLY C 231 -19.08 -24.13 -7.63
CA GLY C 231 -19.03 -22.67 -7.85
C GLY C 231 -18.17 -22.15 -9.00
N SER C 232 -18.06 -20.83 -9.05
CA SER C 232 -17.39 -20.09 -10.10
C SER C 232 -16.26 -19.27 -9.57
N ALA C 233 -15.50 -18.68 -10.48
CA ALA C 233 -14.41 -17.77 -10.12
C ALA C 233 -14.99 -16.63 -9.27
N TYR C 234 -14.17 -16.10 -8.39
N TYR C 234 -14.16 -16.11 -8.39
CA TYR C 234 -14.64 -14.95 -7.60
CA TYR C 234 -14.62 -14.98 -7.58
C TYR C 234 -13.56 -13.96 -7.20
C TYR C 234 -13.56 -13.96 -7.21
N TYR C 235 -12.30 -14.38 -7.12
CA TYR C 235 -11.24 -13.46 -6.79
C TYR C 235 -11.05 -12.42 -7.91
N ALA C 236 -10.88 -12.90 -9.14
CA ALA C 236 -10.59 -12.00 -10.24
C ALA C 236 -11.83 -11.15 -10.54
N PRO C 237 -13.03 -11.74 -10.53
CA PRO C 237 -14.22 -10.90 -10.65
C PRO C 237 -14.34 -9.78 -9.59
N ALA C 238 -14.05 -10.10 -8.34
CA ALA C 238 -14.04 -9.10 -7.26
C ALA C 238 -12.95 -8.03 -7.51
N ALA C 239 -11.77 -8.47 -7.92
CA ALA C 239 -10.73 -7.48 -8.24
C ALA C 239 -11.22 -6.54 -9.31
N ALA C 240 -11.90 -7.07 -10.33
CA ALA C 240 -12.37 -6.25 -11.46
C ALA C 240 -13.37 -5.24 -10.96
N GLY C 241 -14.33 -5.72 -10.19
CA GLY C 241 -15.34 -4.88 -9.64
C GLY C 241 -14.78 -3.77 -8.79
N ILE C 242 -13.79 -4.09 -7.96
CA ILE C 242 -13.20 -3.05 -7.12
C ILE C 242 -12.39 -2.06 -7.92
N GLN C 243 -11.78 -2.50 -9.04
CA GLN C 243 -11.05 -1.57 -9.88
C GLN C 243 -12.01 -0.53 -10.41
N MSE C 244 -13.15 -0.99 -10.88
CA MSE C 244 -14.14 -0.07 -11.47
C MSE C 244 -14.67 0.86 -10.40
O MSE C 244 -14.80 2.04 -10.62
CB MSE C 244 -15.28 -0.85 -12.05
CG MSE C 244 -14.88 -1.58 -13.30
SE MSE C 244 -16.11 -2.97 -13.74
CE MSE C 244 -17.69 -1.75 -14.13
N ALA C 245 -14.93 0.33 -9.23
CA ALA C 245 -15.42 1.16 -8.16
C ALA C 245 -14.38 2.25 -7.74
N GLU C 246 -13.11 1.86 -7.68
CA GLU C 246 -12.03 2.76 -7.30
C GLU C 246 -11.93 3.89 -8.30
N SER C 247 -12.18 3.56 -9.57
CA SER C 247 -12.10 4.58 -10.57
C SER C 247 -13.17 5.64 -10.37
N PHE C 248 -14.34 5.22 -9.95
CA PHE C 248 -15.42 6.16 -9.62
C PHE C 248 -15.11 6.97 -8.35
N LEU C 249 -14.70 6.25 -7.30
CA LEU C 249 -14.49 6.83 -5.99
C LEU C 249 -13.33 7.81 -6.03
N LYS C 250 -12.27 7.47 -6.74
CA LYS C 250 -11.08 8.32 -6.82
C LYS C 250 -11.04 9.19 -8.06
N ASP C 251 -12.14 9.20 -8.79
CA ASP C 251 -12.29 10.04 -9.99
C ASP C 251 -11.13 9.86 -10.96
N LYS C 252 -10.74 8.61 -11.13
CA LYS C 252 -9.52 8.30 -11.91
C LYS C 252 -9.63 8.53 -13.40
N LYS C 253 -10.82 8.41 -13.97
CA LYS C 253 -11.06 8.54 -15.40
C LYS C 253 -10.37 7.44 -16.16
N MSE C 254 -10.30 6.25 -15.58
CA MSE C 254 -9.82 5.11 -16.35
C MSE C 254 -10.80 4.82 -17.51
O MSE C 254 -12.01 5.10 -17.43
CB MSE C 254 -9.69 3.89 -15.45
CG MSE C 254 -8.53 3.99 -14.47
SE MSE C 254 -8.52 2.39 -13.27
CE MSE C 254 -7.54 1.28 -14.61
N ILE C 255 -10.26 4.26 -18.57
CA ILE C 255 -11.07 3.70 -19.64
C ILE C 255 -10.94 2.20 -19.54
N LEU C 256 -12.06 1.56 -19.27
CA LEU C 256 -12.09 0.15 -19.09
C LEU C 256 -13.22 -0.42 -19.93
N PRO C 257 -13.03 -1.61 -20.51
CA PRO C 257 -14.14 -2.30 -21.22
C PRO C 257 -15.26 -2.76 -20.22
N CYS C 258 -16.45 -2.16 -20.31
CA CYS C 258 -17.58 -2.47 -19.44
C CYS C 258 -18.89 -2.49 -20.24
N ALA C 259 -19.90 -3.12 -19.67
CA ALA C 259 -21.21 -3.08 -20.25
C ALA C 259 -21.81 -1.73 -19.79
N ALA C 260 -21.99 -0.83 -20.75
CA ALA C 260 -22.53 0.47 -20.51
C ALA C 260 -23.59 0.71 -21.57
N LYS C 261 -24.54 1.59 -21.27
CA LYS C 261 -25.56 1.98 -22.26
C LYS C 261 -24.94 2.80 -23.38
N VAL C 262 -25.07 2.33 -24.61
CA VAL C 262 -24.57 3.06 -25.78
C VAL C 262 -25.75 3.66 -26.58
N LYS C 263 -25.73 4.95 -26.84
CA LYS C 263 -26.86 5.59 -27.57
C LYS C 263 -26.87 5.16 -29.04
N ALA C 264 -28.06 5.08 -29.62
CA ALA C 264 -28.20 4.85 -31.07
C ALA C 264 -27.25 5.81 -31.81
N GLY C 265 -26.55 5.29 -32.83
CA GLY C 265 -25.55 6.04 -33.62
C GLY C 265 -24.10 5.57 -33.39
N MSE C 266 -23.72 5.53 -32.10
CA MSE C 266 -22.41 5.09 -31.70
C MSE C 266 -22.29 3.62 -32.02
O MSE C 266 -23.23 2.85 -31.76
CB MSE C 266 -22.18 5.33 -30.21
CG MSE C 266 -20.76 5.15 -29.79
SE MSE C 266 -20.39 5.67 -27.91
CE MSE C 266 -22.16 6.45 -27.37
N TYR C 267 -21.14 3.26 -32.60
CA TYR C 267 -20.82 1.90 -33.04
C TYR C 267 -21.83 1.41 -34.07
N GLY C 268 -22.52 2.33 -34.72
CA GLY C 268 -23.56 2.01 -35.69
C GLY C 268 -24.86 1.43 -35.14
N LEU C 269 -25.08 1.52 -33.83
CA LEU C 269 -26.33 1.03 -33.25
C LEU C 269 -27.54 1.75 -33.83
N ASP C 270 -28.63 1.00 -34.10
CA ASP C 270 -29.91 1.58 -34.51
C ASP C 270 -30.87 1.77 -33.34
N GLU C 271 -30.38 1.55 -32.11
CA GLU C 271 -31.13 1.79 -30.90
C GLU C 271 -30.16 1.79 -29.73
N ASP C 272 -30.56 2.42 -28.63
CA ASP C 272 -29.79 2.43 -27.41
C ASP C 272 -29.58 0.98 -26.95
N LEU C 273 -28.37 0.61 -26.54
CA LEU C 273 -28.16 -0.73 -25.93
C LEU C 273 -27.06 -0.71 -24.91
N PHE C 274 -27.19 -1.61 -23.95
CA PHE C 274 -26.04 -1.95 -23.11
C PHE C 274 -25.14 -2.88 -23.93
N VAL C 275 -23.89 -2.44 -24.17
CA VAL C 275 -22.88 -3.22 -24.87
C VAL C 275 -21.53 -3.12 -24.14
N GLY C 276 -20.73 -4.17 -24.20
CA GLY C 276 -19.37 -4.14 -23.66
C GLY C 276 -18.49 -3.25 -24.55
N VAL C 277 -18.18 -2.06 -24.04
CA VAL C 277 -17.38 -1.10 -24.78
C VAL C 277 -16.38 -0.43 -23.86
N PRO C 278 -15.37 0.21 -24.44
CA PRO C 278 -14.48 1.01 -23.58
C PRO C 278 -15.32 2.12 -22.98
N THR C 279 -15.16 2.30 -21.68
CA THR C 279 -16.02 3.17 -20.90
C THR C 279 -15.16 3.97 -19.96
N GLU C 280 -15.32 5.28 -19.96
CA GLU C 280 -14.64 6.08 -18.98
C GLU C 280 -15.36 5.96 -17.62
N ILE C 281 -14.62 5.68 -16.55
CA ILE C 281 -15.18 5.73 -15.19
C ILE C 281 -14.52 6.83 -14.37
N SER C 282 -15.33 7.82 -14.00
CA SER C 282 -14.87 8.97 -13.20
C SER C 282 -15.94 9.33 -12.13
N ALA C 283 -15.74 10.46 -11.43
CA ALA C 283 -16.71 10.89 -10.42
C ALA C 283 -18.04 11.23 -11.09
N ASN C 284 -18.04 11.46 -12.39
CA ASN C 284 -19.24 11.75 -13.11
C ASN C 284 -19.95 10.51 -13.54
N GLY C 285 -19.48 9.36 -13.12
CA GLY C 285 -20.04 8.08 -13.60
C GLY C 285 -19.33 7.54 -14.83
N VAL C 286 -20.10 6.90 -15.70
CA VAL C 286 -19.55 6.24 -16.88
C VAL C 286 -20.00 6.94 -18.12
N ARG C 287 -19.18 6.77 -19.14
CA ARG C 287 -19.37 7.33 -20.45
C ARG C 287 -18.73 6.33 -21.42
N PRO C 288 -19.54 5.73 -22.31
CA PRO C 288 -18.94 4.90 -23.30
C PRO C 288 -18.12 5.70 -24.31
N ILE C 289 -17.04 5.13 -24.80
CA ILE C 289 -16.13 5.80 -25.71
C ILE C 289 -16.11 5.01 -26.99
N GLU C 290 -16.23 5.71 -28.10
CA GLU C 290 -16.18 5.07 -29.39
C GLU C 290 -14.75 5.03 -29.86
N VAL C 291 -14.17 3.84 -30.01
CA VAL C 291 -12.88 3.74 -30.71
C VAL C 291 -13.09 3.13 -32.08
N GLU C 292 -12.18 3.45 -32.98
CA GLU C 292 -12.10 2.81 -34.28
C GLU C 292 -11.65 1.35 -34.19
N ILE C 293 -12.38 0.52 -34.90
CA ILE C 293 -12.12 -0.92 -34.94
C ILE C 293 -12.27 -1.35 -36.38
N SER C 294 -11.66 -2.48 -36.69
CA SER C 294 -11.70 -3.03 -38.01
C SER C 294 -13.10 -3.51 -38.34
N ASP C 295 -13.33 -3.56 -39.62
CA ASP C 295 -14.44 -4.28 -40.18
C ASP C 295 -14.69 -5.66 -39.52
N LYS C 296 -13.66 -6.47 -39.51
CA LYS C 296 -13.76 -7.76 -38.88
C LYS C 296 -14.18 -7.62 -37.42
N GLU C 297 -13.54 -6.73 -36.72
CA GLU C 297 -13.83 -6.55 -35.31
C GLU C 297 -15.30 -6.13 -35.10
N ARG C 298 -15.77 -5.28 -36.01
CA ARG C 298 -17.15 -4.80 -35.99
C ARG C 298 -18.13 -5.98 -36.17
N GLU C 299 -17.82 -6.88 -37.07
CA GLU C 299 -18.65 -8.05 -37.32
C GLU C 299 -18.77 -8.92 -36.10
N GLN C 300 -17.65 -9.09 -35.42
CA GLN C 300 -17.62 -9.85 -34.19
C GLN C 300 -18.52 -9.19 -33.17
N LEU C 301 -18.45 -7.86 -33.09
CA LEU C 301 -19.24 -7.15 -32.10
C LEU C 301 -20.72 -7.31 -32.41
N GLN C 302 -21.03 -7.40 -33.71
CA GLN C 302 -22.42 -7.65 -34.15
C GLN C 302 -23.02 -8.90 -33.52
N VAL C 303 -22.21 -9.92 -33.34
CA VAL C 303 -22.65 -11.17 -32.73
C VAL C 303 -23.17 -10.91 -31.32
N SER C 304 -22.41 -10.13 -30.57
CA SER C 304 -22.75 -9.79 -29.21
C SER C 304 -24.02 -8.93 -29.26
N ILE C 305 -24.04 -7.98 -30.18
CA ILE C 305 -25.17 -7.09 -30.30
C ILE C 305 -26.45 -7.89 -30.53
N ASN C 306 -26.37 -8.87 -31.43
CA ASN C 306 -27.50 -9.77 -31.70
C ASN C 306 -27.95 -10.53 -30.44
N ALA C 307 -26.99 -11.09 -29.71
CA ALA C 307 -27.27 -11.86 -28.50
C ALA C 307 -27.96 -10.96 -27.42
N ILE C 308 -27.55 -9.70 -27.35
CA ILE C 308 -28.18 -8.74 -26.39
C ILE C 308 -29.63 -8.44 -26.80
N LYS C 309 -29.82 -8.08 -28.07
CA LYS C 309 -31.15 -7.86 -28.64
C LYS C 309 -32.08 -9.03 -28.43
N ASP C 310 -31.50 -10.23 -28.50
CA ASP C 310 -32.27 -11.41 -28.29
C ASP C 310 -32.70 -11.56 -26.82
N LEU C 311 -31.76 -11.44 -25.91
CA LEU C 311 -32.09 -11.40 -24.51
C LEU C 311 -33.10 -10.30 -24.18
N ASN C 312 -32.96 -9.13 -24.81
CA ASN C 312 -33.90 -8.03 -24.57
C ASN C 312 -35.31 -8.44 -24.95
N LYS C 313 -35.48 -9.16 -26.07
CA LYS C 313 -36.81 -9.65 -26.46
C LYS C 313 -37.33 -10.70 -25.44
N ALA C 314 -36.47 -11.65 -25.10
CA ALA C 314 -36.84 -12.68 -24.13
C ALA C 314 -37.28 -12.02 -22.81
N ALA C 315 -36.52 -11.04 -22.32
CA ALA C 315 -36.84 -10.37 -21.01
C ALA C 315 -38.17 -9.63 -21.05
N ALA C 316 -38.43 -8.98 -22.19
CA ALA C 316 -39.66 -8.24 -22.44
C ALA C 316 -40.82 -9.18 -22.39
N GLU C 317 -40.69 -10.36 -23.00
CA GLU C 317 -41.75 -11.36 -22.99
C GLU C 317 -42.05 -11.82 -21.55
N ILE C 318 -41.01 -12.27 -20.86
CA ILE C 318 -41.15 -12.74 -19.50
C ILE C 318 -41.90 -11.68 -18.67
N LEU C 319 -41.57 -10.42 -18.88
CA LEU C 319 -42.17 -9.34 -18.09
C LEU C 319 -43.63 -9.07 -18.44
N ALA C 320 -44.12 -9.62 -19.55
CA ALA C 320 -45.52 -9.42 -20.01
C ALA C 320 -46.38 -10.67 -19.91
N ASN D 1 24.69 -14.37 -8.99
CA ASN D 1 23.75 -15.56 -9.08
C ASN D 1 22.36 -15.06 -8.76
N ALA D 2 21.42 -15.23 -9.70
CA ALA D 2 20.11 -14.65 -9.54
C ALA D 2 19.41 -15.06 -8.22
N MSE D 3 18.76 -14.08 -7.59
CA MSE D 3 18.05 -14.34 -6.35
C MSE D 3 16.66 -14.94 -6.60
O MSE D 3 15.86 -14.47 -7.41
CB MSE D 3 17.96 -13.05 -5.54
CG MSE D 3 17.15 -13.18 -4.27
SE MSE D 3 18.13 -14.04 -2.72
CE MSE D 3 19.64 -14.52 -3.46
N ALA D 4 16.37 -16.00 -5.85
CA ALA D 4 15.09 -16.65 -5.96
C ALA D 4 14.04 -15.78 -5.29
N ARG D 5 12.85 -15.76 -5.85
CA ARG D 5 11.73 -15.11 -5.22
C ARG D 5 11.39 -15.86 -3.93
N LYS D 6 10.75 -15.17 -2.98
CA LYS D 6 10.25 -15.82 -1.80
C LYS D 6 9.13 -16.77 -2.23
N LYS D 7 8.96 -17.81 -1.46
CA LYS D 7 7.98 -18.83 -1.78
C LYS D 7 7.23 -19.15 -0.50
N ILE D 8 5.94 -18.91 -0.53
CA ILE D 8 5.03 -19.28 0.52
C ILE D 8 4.16 -20.46 0.07
N THR D 9 4.16 -21.55 0.86
CA THR D 9 3.26 -22.66 0.59
C THR D 9 2.17 -22.78 1.64
N LEU D 10 0.96 -22.88 1.08
CA LEU D 10 -0.23 -23.00 1.86
C LEU D 10 -0.75 -24.45 1.75
N VAL D 11 -0.63 -25.22 2.84
CA VAL D 11 -1.07 -26.61 2.88
C VAL D 11 -2.50 -26.60 3.40
N GLY D 12 -3.42 -26.67 2.45
CA GLY D 12 -4.83 -26.55 2.70
C GLY D 12 -5.34 -25.36 1.94
N ALA D 13 -6.24 -25.63 0.99
CA ALA D 13 -6.75 -24.64 0.05
C ALA D 13 -8.24 -24.38 0.26
N GLY D 14 -8.72 -24.53 1.49
CA GLY D 14 -10.07 -24.11 1.83
C GLY D 14 -10.18 -22.59 1.86
N ASN D 15 -11.17 -22.09 2.57
CA ASN D 15 -11.42 -20.67 2.59
C ASN D 15 -10.34 -19.92 3.30
N ILE D 16 -9.81 -20.45 4.40
CA ILE D 16 -8.67 -19.82 5.04
C ILE D 16 -7.44 -19.76 4.14
N GLY D 17 -7.21 -20.88 3.45
CA GLY D 17 -6.06 -21.04 2.57
C GLY D 17 -6.10 -20.12 1.38
N GLY D 18 -7.26 -20.01 0.74
CA GLY D 18 -7.43 -19.10 -0.36
C GLY D 18 -7.28 -17.64 0.07
N THR D 19 -7.79 -17.33 1.26
CA THR D 19 -7.62 -16.00 1.82
C THR D 19 -6.14 -15.67 2.13
N LEU D 20 -5.41 -16.62 2.71
CA LEU D 20 -3.96 -16.45 2.91
C LEU D 20 -3.29 -16.13 1.57
N ALA D 21 -3.71 -16.86 0.53
CA ALA D 21 -3.08 -16.72 -0.77
C ALA D 21 -3.33 -15.34 -1.27
N HIS D 22 -4.55 -14.87 -1.09
CA HIS D 22 -4.94 -13.55 -1.62
C HIS D 22 -4.23 -12.42 -0.93
N LEU D 23 -4.07 -12.55 0.36
CA LEU D 23 -3.36 -11.54 1.11
C LEU D 23 -1.89 -11.54 0.72
N ALA D 24 -1.30 -12.72 0.62
CA ALA D 24 0.12 -12.85 0.20
C ALA D 24 0.42 -12.17 -1.15
N LEU D 25 -0.50 -12.29 -2.10
CA LEU D 25 -0.40 -11.59 -3.37
C LEU D 25 -0.53 -10.07 -3.25
N ILE D 26 -1.50 -9.62 -2.50
CA ILE D 26 -1.78 -8.20 -2.37
C ILE D 26 -0.58 -7.56 -1.69
N LYS D 27 -0.04 -8.22 -0.68
CA LYS D 27 1.04 -7.61 0.03
C LYS D 27 2.34 -7.91 -0.66
N GLN D 28 2.29 -8.62 -1.79
CA GLN D 28 3.49 -8.92 -2.56
C GLN D 28 4.59 -9.61 -1.73
N LEU D 29 4.20 -10.61 -0.98
CA LEU D 29 5.14 -11.32 -0.13
C LEU D 29 5.98 -12.37 -0.87
N GLY D 30 5.58 -12.76 -2.07
CA GLY D 30 6.35 -13.77 -2.81
C GLY D 30 5.43 -14.64 -3.65
N ASP D 31 5.99 -15.62 -4.34
CA ASP D 31 5.19 -16.62 -5.06
C ASP D 31 4.46 -17.48 -4.05
N VAL D 32 3.32 -17.99 -4.48
CA VAL D 32 2.46 -18.76 -3.63
C VAL D 32 2.18 -20.14 -4.22
N VAL D 33 2.26 -21.17 -3.38
CA VAL D 33 1.83 -22.49 -3.78
C VAL D 33 0.63 -22.87 -2.91
N LEU D 34 -0.46 -23.22 -3.59
CA LEU D 34 -1.69 -23.68 -2.95
C LEU D 34 -1.86 -25.17 -3.00
N PHE D 35 -1.56 -25.83 -1.89
CA PHE D 35 -1.66 -27.26 -1.84
C PHE D 35 -2.93 -27.72 -1.23
N ASP D 36 -3.53 -28.72 -1.86
CA ASP D 36 -4.68 -29.44 -1.25
C ASP D 36 -4.76 -30.88 -1.76
N ILE D 37 -5.28 -31.77 -0.91
CA ILE D 37 -5.45 -33.19 -1.32
C ILE D 37 -6.51 -33.33 -2.43
N ALA D 38 -7.48 -32.43 -2.45
CA ALA D 38 -8.61 -32.47 -3.43
C ALA D 38 -8.14 -32.16 -4.81
N GLN D 39 -8.59 -32.94 -5.78
CA GLN D 39 -8.22 -32.76 -7.19
C GLN D 39 -8.86 -31.52 -7.75
N GLY D 40 -8.12 -30.77 -8.58
CA GLY D 40 -8.66 -29.64 -9.37
C GLY D 40 -8.91 -28.36 -8.57
N MSE D 41 -9.50 -28.49 -7.40
CA MSE D 41 -9.90 -27.32 -6.61
C MSE D 41 -8.75 -26.32 -6.28
O MSE D 41 -8.89 -25.11 -6.51
CB MSE D 41 -10.64 -27.77 -5.36
CG MSE D 41 -11.29 -26.66 -4.58
SE MSE D 41 -9.99 -25.82 -3.40
CE MSE D 41 -10.46 -26.96 -1.79
N PRO D 42 -7.59 -26.79 -5.86
CA PRO D 42 -6.45 -25.91 -5.63
C PRO D 42 -6.00 -25.23 -6.93
N ASN D 43 -6.04 -25.93 -8.04
CA ASN D 43 -5.70 -25.34 -9.31
C ASN D 43 -6.68 -24.25 -9.71
N GLY D 44 -7.95 -24.49 -9.50
CA GLY D 44 -8.98 -23.55 -9.83
C GLY D 44 -8.87 -22.28 -9.03
N LYS D 45 -8.64 -22.41 -7.75
CA LYS D 45 -8.40 -21.25 -6.87
C LYS D 45 -7.12 -20.50 -7.23
N ALA D 46 -6.06 -21.22 -7.50
CA ALA D 46 -4.81 -20.60 -7.96
C ALA D 46 -5.00 -19.76 -9.21
N LEU D 47 -5.63 -20.34 -10.24
CA LEU D 47 -5.86 -19.68 -11.48
C LEU D 47 -6.66 -18.39 -11.29
N ASP D 48 -7.73 -18.48 -10.52
CA ASP D 48 -8.58 -17.34 -10.21
C ASP D 48 -7.70 -16.28 -9.54
N LEU D 49 -6.99 -16.66 -8.47
CA LEU D 49 -6.08 -15.74 -7.79
C LEU D 49 -5.05 -15.15 -8.74
N LEU D 50 -4.42 -15.96 -9.57
CA LEU D 50 -3.42 -15.49 -10.52
C LEU D 50 -3.96 -14.40 -11.42
N GLN D 51 -5.24 -14.50 -11.76
CA GLN D 51 -5.87 -13.55 -12.67
C GLN D 51 -6.26 -12.21 -12.01
N THR D 52 -6.15 -12.11 -10.71
CA THR D 52 -6.23 -10.86 -10.01
C THR D 52 -5.00 -10.00 -10.30
N CYS D 53 -3.88 -10.62 -10.52
CA CYS D 53 -2.59 -9.95 -10.57
C CYS D 53 -2.42 -8.82 -11.60
N PRO D 54 -2.96 -8.94 -12.79
CA PRO D 54 -2.90 -7.83 -13.73
C PRO D 54 -3.65 -6.61 -13.19
N ILE D 55 -4.76 -6.82 -12.52
CA ILE D 55 -5.54 -5.70 -11.96
C ILE D 55 -4.74 -5.01 -10.90
N GLU D 56 -4.03 -5.79 -10.10
CA GLU D 56 -3.31 -5.21 -8.98
C GLU D 56 -1.91 -4.79 -9.35
N GLY D 57 -1.46 -5.07 -10.57
CA GLY D 57 -0.13 -4.71 -10.98
C GLY D 57 0.94 -5.63 -10.40
N VAL D 58 0.56 -6.79 -9.92
CA VAL D 58 1.50 -7.71 -9.24
C VAL D 58 2.07 -8.81 -10.18
N ASP D 59 3.34 -9.09 -10.03
CA ASP D 59 4.00 -10.12 -10.89
C ASP D 59 4.41 -11.40 -10.13
N PHE D 60 4.15 -11.47 -8.84
CA PHE D 60 4.21 -12.77 -8.11
C PHE D 60 3.15 -13.71 -8.68
N LYS D 61 3.46 -15.00 -8.66
CA LYS D 61 2.59 -16.04 -9.20
C LYS D 61 2.06 -16.99 -8.13
N VAL D 62 1.00 -17.68 -8.51
CA VAL D 62 0.34 -18.63 -7.64
C VAL D 62 -0.05 -19.84 -8.47
N ARG D 63 0.23 -21.00 -7.92
CA ARG D 63 -0.05 -22.23 -8.56
C ARG D 63 -0.67 -23.25 -7.60
N GLY D 64 -1.53 -24.12 -8.13
CA GLY D 64 -2.18 -25.21 -7.36
C GLY D 64 -1.44 -26.54 -7.48
N THR D 65 -1.54 -27.36 -6.47
CA THR D 65 -0.90 -28.64 -6.46
C THR D 65 -1.54 -29.63 -5.49
N ASN D 66 -1.41 -30.90 -5.82
CA ASN D 66 -1.68 -31.99 -4.94
C ASN D 66 -0.38 -32.71 -4.52
N ASP D 67 0.76 -32.17 -4.85
CA ASP D 67 2.02 -32.86 -4.63
C ASP D 67 2.96 -32.20 -3.67
N TYR D 68 3.47 -32.93 -2.70
CA TYR D 68 4.37 -32.43 -1.69
C TYR D 68 5.72 -32.00 -2.17
N LYS D 69 6.12 -32.50 -3.30
CA LYS D 69 7.36 -32.09 -3.86
C LYS D 69 7.32 -30.58 -4.14
N ASP D 70 6.17 -30.03 -4.49
CA ASP D 70 6.06 -28.63 -4.81
C ASP D 70 6.25 -27.74 -3.59
N LEU D 71 6.39 -28.32 -2.40
CA LEU D 71 6.82 -27.53 -1.24
C LEU D 71 8.28 -27.19 -1.25
N GLU D 72 9.05 -27.71 -2.22
CA GLU D 72 10.50 -27.50 -2.23
C GLU D 72 10.85 -26.01 -2.17
N ASN D 73 11.89 -25.74 -1.38
CA ASN D 73 12.46 -24.39 -1.25
C ASN D 73 11.44 -23.38 -0.65
N SER D 74 10.39 -23.83 0.02
CA SER D 74 9.47 -22.89 0.65
C SER D 74 10.15 -22.13 1.81
N ASP D 75 10.04 -20.81 1.84
CA ASP D 75 10.48 -20.03 3.00
C ASP D 75 9.50 -20.14 4.15
N VAL D 76 8.21 -20.18 3.81
CA VAL D 76 7.15 -20.29 4.79
C VAL D 76 6.14 -21.32 4.35
N VAL D 77 5.71 -22.14 5.30
CA VAL D 77 4.62 -23.08 5.08
C VAL D 77 3.54 -22.78 6.09
N ILE D 78 2.32 -22.55 5.60
CA ILE D 78 1.18 -22.30 6.45
C ILE D 78 0.11 -23.38 6.31
N VAL D 79 -0.15 -24.08 7.43
CA VAL D 79 -0.95 -25.32 7.44
C VAL D 79 -2.34 -25.12 7.99
N THR D 80 -3.32 -25.26 7.11
CA THR D 80 -4.72 -25.20 7.45
C THR D 80 -5.39 -26.54 7.24
N ALA D 81 -4.69 -27.52 6.71
CA ALA D 81 -5.30 -28.81 6.37
C ALA D 81 -5.79 -29.53 7.65
N GLY D 82 -6.80 -30.36 7.49
CA GLY D 82 -7.28 -31.14 8.60
C GLY D 82 -8.71 -31.40 8.34
N VAL D 83 -9.34 -32.21 9.19
CA VAL D 83 -10.74 -32.52 9.07
C VAL D 83 -11.46 -31.80 10.20
N PRO D 84 -12.52 -31.04 9.88
CA PRO D 84 -13.31 -30.41 10.95
C PRO D 84 -14.14 -31.39 11.80
N ARG D 85 -14.31 -31.04 13.07
CA ARG D 85 -15.17 -31.83 13.98
C ARG D 85 -16.58 -31.94 13.40
N GLY D 88 -21.60 -36.61 14.80
CA GLY D 88 -21.19 -36.86 16.19
C GLY D 88 -19.90 -37.62 16.32
N MSE D 89 -18.80 -36.88 16.14
CA MSE D 89 -17.46 -37.42 16.18
C MSE D 89 -16.84 -37.26 17.58
O MSE D 89 -16.85 -36.15 18.13
CB MSE D 89 -16.63 -36.67 15.16
CG MSE D 89 -15.18 -37.11 15.11
SE MSE D 89 -14.27 -36.35 13.61
CE MSE D 89 -15.55 -36.74 12.14
N SER D 90 -16.29 -38.34 18.10
CA SER D 90 -15.57 -38.28 19.40
C SER D 90 -14.25 -37.49 19.36
N ARG D 91 -13.80 -37.08 20.54
CA ARG D 91 -12.56 -36.31 20.68
C ARG D 91 -11.36 -37.20 20.31
N ASP D 92 -11.48 -38.48 20.63
CA ASP D 92 -10.49 -39.52 20.26
C ASP D 92 -10.35 -39.67 18.75
N ASP D 93 -11.48 -39.83 18.06
CA ASP D 93 -11.53 -40.03 16.61
C ASP D 93 -11.06 -38.74 15.94
N LEU D 94 -11.46 -37.60 16.49
CA LEU D 94 -11.01 -36.32 15.90
C LEU D 94 -9.48 -36.19 15.90
N LEU D 95 -8.90 -36.42 17.06
CA LEU D 95 -7.45 -36.39 17.26
C LEU D 95 -6.74 -37.39 16.37
N GLY D 96 -7.32 -38.59 16.30
CA GLY D 96 -6.78 -39.66 15.46
C GLY D 96 -6.67 -39.21 14.02
N ILE D 97 -7.78 -38.74 13.46
CA ILE D 97 -7.80 -38.36 12.03
C ILE D 97 -6.77 -37.24 11.74
N ASN D 98 -6.78 -36.25 12.62
CA ASN D 98 -5.94 -35.08 12.41
C ASN D 98 -4.47 -35.32 12.76
N ILE D 99 -4.17 -36.13 13.76
CA ILE D 99 -2.79 -36.52 13.97
C ILE D 99 -2.22 -37.17 12.71
N LYS D 100 -3.01 -38.05 12.11
CA LYS D 100 -2.70 -38.64 10.80
C LYS D 100 -2.38 -37.59 9.74
N VAL D 101 -3.24 -36.57 9.64
CA VAL D 101 -3.06 -35.48 8.66
C VAL D 101 -1.82 -34.71 9.00
N MSE D 102 -1.59 -34.47 10.27
CA MSE D 102 -0.33 -33.79 10.66
C MSE D 102 0.88 -34.66 10.35
O MSE D 102 1.96 -34.14 10.06
CB MSE D 102 -0.35 -33.42 12.12
CG MSE D 102 -1.41 -32.40 12.46
SE MSE D 102 -1.26 -30.56 11.59
CE MSE D 102 -2.11 -30.92 9.84
N GLN D 103 0.72 -35.98 10.44
CA GLN D 103 1.77 -36.90 10.02
C GLN D 103 2.09 -36.73 8.56
N THR D 104 1.09 -36.77 7.70
CA THR D 104 1.32 -36.62 6.23
C THR D 104 1.92 -35.24 5.89
N VAL D 105 1.30 -34.17 6.41
CA VAL D 105 1.79 -32.80 6.13
C VAL D 105 3.24 -32.70 6.66
N GLY D 106 3.45 -33.19 7.87
CA GLY D 106 4.77 -33.13 8.51
C GLY D 106 5.87 -33.82 7.71
N GLU D 107 5.57 -35.00 7.15
CA GLU D 107 6.56 -35.73 6.36
C GLU D 107 6.83 -34.98 5.09
N GLY D 108 5.78 -34.41 4.49
CA GLY D 108 5.91 -33.60 3.29
C GLY D 108 6.91 -32.48 3.53
N ILE D 109 6.76 -31.79 4.66
CA ILE D 109 7.69 -30.74 5.08
C ILE D 109 9.08 -31.29 5.32
N LYS D 110 9.14 -32.40 6.02
CA LYS D 110 10.43 -32.95 6.36
C LYS D 110 11.21 -33.26 5.10
N HIS D 111 10.52 -33.82 4.11
CA HIS D 111 11.18 -34.34 2.94
C HIS D 111 11.41 -33.29 1.88
N ASN D 112 10.65 -32.22 1.92
CA ASN D 112 10.76 -31.22 0.84
C ASN D 112 11.25 -29.80 1.23
N CYS D 113 10.96 -29.31 2.44
CA CYS D 113 11.45 -27.98 2.83
C CYS D 113 11.70 -27.95 4.36
N PRO D 114 12.63 -28.78 4.82
CA PRO D 114 12.93 -28.87 6.25
C PRO D 114 13.40 -27.57 6.90
N ASN D 115 13.86 -26.59 6.11
CA ASN D 115 14.25 -25.27 6.63
C ASN D 115 13.16 -24.20 6.58
N ALA D 116 11.95 -24.59 6.19
CA ALA D 116 10.84 -23.65 6.17
C ALA D 116 10.44 -23.16 7.55
N PHE D 117 9.89 -21.93 7.60
CA PHE D 117 9.21 -21.45 8.81
C PHE D 117 7.78 -21.93 8.76
N VAL D 118 7.36 -22.64 9.79
CA VAL D 118 6.07 -23.34 9.79
C VAL D 118 5.01 -22.71 10.71
N ILE D 119 3.94 -22.19 10.12
CA ILE D 119 2.78 -21.63 10.86
C ILE D 119 1.63 -22.60 10.83
N CYS D 120 1.22 -23.10 11.99
CA CYS D 120 0.13 -24.11 12.09
C CYS D 120 -1.15 -23.38 12.41
N ILE D 121 -2.20 -23.65 11.64
CA ILE D 121 -3.55 -23.12 11.92
C ILE D 121 -4.56 -24.25 12.22
N THR D 122 -4.27 -25.45 11.77
CA THR D 122 -5.11 -26.63 12.06
C THR D 122 -5.55 -26.79 13.51
N ASN D 123 -6.83 -27.20 13.66
CA ASN D 123 -7.40 -27.47 14.96
C ASN D 123 -7.42 -28.95 15.29
N PRO D 124 -7.38 -29.28 16.59
CA PRO D 124 -7.22 -28.33 17.72
C PRO D 124 -5.79 -27.83 17.86
N LEU D 125 -5.65 -26.52 17.84
CA LEU D 125 -4.32 -25.92 17.69
C LEU D 125 -3.44 -26.26 18.87
N ASP D 126 -4.03 -26.38 20.03
CA ASP D 126 -3.30 -26.76 21.23
C ASP D 126 -2.34 -27.96 21.01
N ILE D 127 -2.81 -29.00 20.36
CA ILE D 127 -2.06 -30.21 20.16
C ILE D 127 -1.49 -30.36 18.74
N MSE D 128 -2.16 -29.78 17.72
CA MSE D 128 -1.76 -30.00 16.32
C MSE D 128 -0.36 -29.40 15.97
O MSE D 128 0.38 -29.97 15.17
CB MSE D 128 -2.84 -29.54 15.35
CG MSE D 128 -4.13 -30.40 15.43
SE MSE D 128 -3.70 -32.26 15.13
CE MSE D 128 -4.79 -33.33 16.35
N VAL D 129 -0.04 -28.31 16.64
CA VAL D 129 1.24 -27.61 16.44
C VAL D 129 2.36 -28.51 16.98
N ASN D 130 2.09 -29.19 18.07
CA ASN D 130 3.05 -30.14 18.67
C ASN D 130 3.23 -31.33 17.74
N MSE D 131 2.12 -31.86 17.26
CA MSE D 131 2.17 -32.99 16.33
C MSE D 131 2.90 -32.65 15.03
O MSE D 131 3.74 -33.41 14.55
CB MSE D 131 0.75 -33.46 15.98
CG MSE D 131 -0.02 -34.03 17.15
SE MSE D 131 0.88 -35.59 17.96
CE MSE D 131 1.76 -34.71 19.50
N LEU D 132 2.60 -31.49 14.48
CA LEU D 132 3.23 -31.08 13.21
C LEU D 132 4.75 -30.90 13.38
N GLN D 133 5.21 -30.35 14.51
CA GLN D 133 6.66 -30.34 14.76
C GLN D 133 7.22 -31.76 14.82
N LYS D 134 6.52 -32.60 15.55
CA LYS D 134 6.99 -33.95 15.81
C LYS D 134 7.20 -34.73 14.51
N PHE D 135 6.30 -34.57 13.54
CA PHE D 135 6.45 -35.29 12.26
C PHE D 135 7.21 -34.57 11.15
N SER D 136 7.42 -33.26 11.28
CA SER D 136 8.20 -32.51 10.30
C SER D 136 9.63 -32.37 10.76
N GLY D 137 9.86 -32.46 12.06
CA GLY D 137 11.19 -32.43 12.59
C GLY D 137 11.81 -31.06 12.71
N VAL D 138 11.06 -30.00 12.37
CA VAL D 138 11.60 -28.64 12.41
C VAL D 138 11.90 -28.24 13.88
N PRO D 139 12.95 -27.45 14.09
CA PRO D 139 13.32 -27.06 15.47
C PRO D 139 12.33 -26.09 16.07
N ASP D 140 12.45 -25.87 17.38
CA ASP D 140 11.48 -25.10 18.14
C ASP D 140 11.26 -23.69 17.60
N ASN D 141 12.31 -23.09 17.08
CA ASN D 141 12.21 -21.74 16.64
C ASN D 141 11.64 -21.62 15.20
N LYS D 142 11.28 -22.71 14.56
CA LYS D 142 10.77 -22.63 13.21
C LYS D 142 9.34 -23.13 13.05
N ILE D 143 8.63 -23.25 14.19
CA ILE D 143 7.23 -23.63 14.18
C ILE D 143 6.44 -22.90 15.27
N VAL D 144 5.26 -22.50 14.88
CA VAL D 144 4.42 -21.64 15.68
C VAL D 144 2.96 -21.86 15.25
N GLY D 145 2.07 -21.64 16.21
CA GLY D 145 0.65 -21.82 16.00
C GLY D 145 -0.04 -20.48 16.16
N MSE D 146 -0.99 -20.26 15.28
CA MSE D 146 -1.82 -19.06 15.23
C MSE D 146 -3.06 -19.25 16.08
O MSE D 146 -3.84 -20.19 15.89
CB MSE D 146 -2.27 -18.80 13.76
CG MSE D 146 -2.99 -17.48 13.49
SE MSE D 146 -4.75 -17.29 14.38
CE MSE D 146 -5.86 -18.36 13.19
N ALA D 147 -3.23 -18.37 17.04
CA ALA D 147 -4.40 -18.42 17.89
C ALA D 147 -4.53 -17.06 18.61
N GLY D 148 -3.55 -16.72 19.43
CA GLY D 148 -3.64 -15.45 20.17
C GLY D 148 -3.93 -14.24 19.31
N VAL D 149 -3.32 -14.17 18.13
CA VAL D 149 -3.48 -12.98 17.32
C VAL D 149 -4.93 -12.79 16.94
N LEU D 150 -5.66 -13.87 16.72
CA LEU D 150 -7.07 -13.77 16.35
C LEU D 150 -7.94 -13.29 17.54
N ASP D 151 -7.71 -13.85 18.70
CA ASP D 151 -8.45 -13.44 19.88
C ASP D 151 -8.17 -11.98 20.16
N SER D 152 -6.92 -11.59 19.97
CA SER D 152 -6.57 -10.20 20.15
C SER D 152 -7.21 -9.26 19.11
N ALA D 153 -7.26 -9.66 17.86
CA ALA D 153 -7.95 -8.87 16.84
C ALA D 153 -9.43 -8.71 17.18
N ARG D 154 -10.04 -9.78 17.65
CA ARG D 154 -11.41 -9.68 18.01
C ARG D 154 -11.62 -8.69 19.16
N PHE D 155 -10.83 -8.86 20.19
CA PHE D 155 -10.88 -8.09 21.39
C PHE D 155 -10.65 -6.63 21.05
N ARG D 156 -9.66 -6.36 20.21
CA ARG D 156 -9.41 -5.00 19.78
C ARG D 156 -10.61 -4.43 19.01
N THR D 157 -11.23 -5.26 18.19
CA THR D 157 -12.35 -4.82 17.41
C THR D 157 -13.50 -4.40 18.31
N PHE D 158 -13.76 -5.19 19.32
CA PHE D 158 -14.85 -4.90 20.21
C PHE D 158 -14.57 -3.63 21.02
N LEU D 159 -13.36 -3.53 21.52
CA LEU D 159 -13.01 -2.35 22.27
C LEU D 159 -13.07 -1.04 21.42
N ALA D 160 -12.63 -1.10 20.18
CA ALA D 160 -12.60 0.06 19.31
C ALA D 160 -13.98 0.59 19.03
N ASP D 161 -14.93 -0.32 18.74
CA ASP D 161 -16.32 0.04 18.57
C ASP D 161 -16.93 0.57 19.86
N GLU D 162 -16.71 -0.10 20.98
CA GLU D 162 -17.26 0.38 22.29
C GLU D 162 -16.74 1.76 22.64
N LEU D 163 -15.46 1.99 22.47
CA LEU D 163 -14.87 3.24 22.93
C LEU D 163 -14.76 4.33 21.83
N ASN D 164 -15.17 4.03 20.62
CA ASN D 164 -15.04 4.98 19.53
C ASN D 164 -13.62 5.57 19.32
N VAL D 165 -12.71 4.68 19.00
CA VAL D 165 -11.31 5.02 18.98
C VAL D 165 -10.71 4.17 17.86
N SER D 166 -9.58 4.60 17.31
CA SER D 166 -8.91 3.88 16.25
C SER D 166 -8.41 2.58 16.76
N VAL D 167 -8.49 1.57 15.89
CA VAL D 167 -7.90 0.28 16.18
C VAL D 167 -6.42 0.36 16.39
N GLN D 168 -5.80 1.39 15.84
CA GLN D 168 -4.36 1.60 16.04
C GLN D 168 -3.95 2.05 17.47
N GLN D 169 -4.89 2.59 18.24
CA GLN D 169 -4.63 2.96 19.65
C GLN D 169 -5.15 1.86 20.65
N VAL D 170 -5.67 0.76 20.14
CA VAL D 170 -6.19 -0.32 21.00
C VAL D 170 -5.22 -1.49 20.96
N GLN D 171 -4.65 -1.86 22.10
CA GLN D 171 -3.82 -3.03 22.21
C GLN D 171 -4.43 -3.99 23.21
N ALA D 172 -4.71 -5.17 22.71
CA ALA D 172 -5.36 -6.21 23.48
C ALA D 172 -4.39 -7.38 23.59
N TYR D 173 -4.07 -7.76 24.82
CA TYR D 173 -3.11 -8.83 25.07
C TYR D 173 -3.78 -10.02 25.75
N VAL D 174 -3.45 -11.19 25.19
CA VAL D 174 -3.93 -12.48 25.61
C VAL D 174 -2.80 -13.51 25.62
N MSE D 175 -2.98 -14.57 26.40
CA MSE D 175 -2.17 -15.77 26.30
C MSE D 175 -3.09 -16.97 26.51
O MSE D 175 -4.28 -16.81 26.70
CB MSE D 175 -1.13 -15.86 27.40
CG MSE D 175 -0.59 -14.65 27.93
SE MSE D 175 0.71 -15.14 29.36
CE MSE D 175 0.78 -17.09 29.32
N GLY D 176 -2.53 -18.16 26.52
CA GLY D 176 -3.32 -19.35 26.68
C GLY D 176 -3.96 -19.70 25.34
N GLY D 177 -5.03 -20.50 25.39
CA GLY D 177 -5.76 -20.96 24.22
C GLY D 177 -6.96 -20.08 23.85
N HIS D 178 -7.93 -20.71 23.20
CA HIS D 178 -9.23 -20.10 22.91
C HIS D 178 -10.27 -20.37 23.99
N GLY D 179 -11.31 -19.57 23.95
CA GLY D 179 -12.49 -19.87 24.75
C GLY D 179 -12.20 -19.78 26.23
N ASP D 180 -12.62 -20.79 26.94
CA ASP D 180 -12.41 -20.81 28.38
C ASP D 180 -10.96 -21.00 28.82
N THR D 181 -10.06 -21.26 27.87
CA THR D 181 -8.63 -21.37 28.14
C THR D 181 -7.87 -20.11 27.82
N MSE D 182 -8.57 -19.11 27.27
CA MSE D 182 -7.96 -17.82 26.99
C MSE D 182 -7.71 -17.04 28.30
O MSE D 182 -8.56 -16.98 29.18
CB MSE D 182 -8.87 -17.01 26.09
CG MSE D 182 -8.24 -15.82 25.56
SE MSE D 182 -9.55 -14.66 24.62
CE MSE D 182 -10.98 -14.51 25.91
N VAL D 183 -6.54 -16.43 28.39
CA VAL D 183 -6.20 -15.60 29.52
C VAL D 183 -6.15 -14.16 29.03
N PRO D 184 -7.11 -13.34 29.45
CA PRO D 184 -7.08 -11.94 29.06
C PRO D 184 -6.15 -11.19 30.00
N LEU D 185 -5.24 -10.42 29.42
CA LEU D 185 -4.28 -9.66 30.23
C LEU D 185 -4.80 -8.25 30.30
N THR D 186 -5.73 -8.04 31.22
CA THR D 186 -6.56 -6.83 31.19
C THR D 186 -5.84 -5.63 31.72
N LYS D 187 -4.82 -5.82 32.55
CA LYS D 187 -4.05 -4.66 33.05
C LYS D 187 -3.12 -4.10 31.97
N MSE D 188 -2.45 -4.97 31.23
CA MSE D 188 -1.59 -4.60 30.09
C MSE D 188 -2.36 -4.15 28.84
O MSE D 188 -1.90 -3.36 28.05
CB MSE D 188 -0.78 -5.79 29.63
CG MSE D 188 0.28 -6.24 30.54
SE MSE D 188 1.07 -7.88 29.81
CE MSE D 188 1.62 -7.25 28.06
N SER D 189 -3.53 -4.72 28.62
CA SER D 189 -4.37 -4.24 27.55
C SER D 189 -4.75 -2.82 27.90
N ASN D 190 -4.74 -1.99 26.85
CA ASN D 190 -4.88 -0.55 27.02
C ASN D 190 -5.36 0.15 25.75
N VAL D 191 -5.93 1.34 25.96
CA VAL D 191 -6.29 2.26 24.87
C VAL D 191 -5.46 3.53 24.99
N ALA D 192 -4.61 3.75 23.99
CA ALA D 192 -3.74 4.92 23.95
C ALA D 192 -3.04 5.06 25.33
N GLY D 193 -2.59 3.92 25.83
CA GLY D 193 -1.74 3.90 27.02
C GLY D 193 -2.48 3.84 28.32
N VAL D 194 -3.79 4.02 28.26
CA VAL D 194 -4.63 3.91 29.45
C VAL D 194 -5.15 2.47 29.57
N SER D 195 -4.81 1.80 30.67
CA SER D 195 -5.21 0.41 30.83
C SER D 195 -6.75 0.24 30.92
N LEU D 196 -7.24 -0.88 30.41
CA LEU D 196 -8.69 -1.17 30.43
C LEU D 196 -9.31 -1.08 31.84
N GLU D 197 -8.56 -1.57 32.84
CA GLU D 197 -8.93 -1.40 34.26
C GLU D 197 -8.92 0.02 34.75
N GLN D 198 -7.95 0.82 34.28
CA GLN D 198 -8.00 2.26 34.59
C GLN D 198 -9.26 2.90 33.95
N LEU D 199 -9.59 2.53 32.73
CA LEU D 199 -10.79 3.10 32.07
C LEU D 199 -12.07 2.83 32.88
N VAL D 200 -12.18 1.61 33.42
CA VAL D 200 -13.26 1.28 34.36
C VAL D 200 -13.21 2.22 35.60
N LYS D 201 -12.09 2.26 36.29
CA LYS D 201 -11.95 3.07 37.50
C LYS D 201 -12.35 4.50 37.23
N GLU D 202 -12.12 4.97 36.01
CA GLU D 202 -12.45 6.33 35.61
C GLU D 202 -13.90 6.50 35.16
N GLY D 203 -14.63 5.41 35.03
CA GLY D 203 -16.00 5.49 34.54
C GLY D 203 -16.06 5.71 33.06
N LYS D 204 -14.97 5.46 32.36
CA LYS D 204 -14.98 5.62 30.92
C LYS D 204 -15.46 4.35 30.26
N LEU D 205 -15.44 3.27 31.02
CA LEU D 205 -15.87 1.98 30.56
C LEU D 205 -16.51 1.20 31.71
N LYS D 206 -17.76 0.77 31.51
CA LYS D 206 -18.49 0.01 32.52
C LYS D 206 -17.85 -1.39 32.68
N GLN D 207 -17.72 -1.83 33.92
CA GLN D 207 -17.13 -3.11 34.22
C GLN D 207 -17.93 -4.21 33.56
N GLU D 208 -19.24 -4.01 33.49
CA GLU D 208 -20.11 -4.95 32.82
C GLU D 208 -19.78 -5.04 31.36
N ARG D 209 -19.53 -3.89 30.72
CA ARG D 209 -19.20 -3.86 29.31
C ARG D 209 -17.88 -4.60 29.02
N LEU D 210 -16.90 -4.40 29.89
CA LEU D 210 -15.63 -5.05 29.76
C LEU D 210 -15.74 -6.57 29.91
N ASP D 211 -16.52 -7.00 30.86
CA ASP D 211 -16.75 -8.37 31.09
C ASP D 211 -17.47 -8.95 29.88
N ALA D 212 -18.42 -8.22 29.33
CA ALA D 212 -19.16 -8.75 28.17
C ALA D 212 -18.24 -8.84 26.96
N ILE D 213 -17.34 -7.89 26.80
CA ILE D 213 -16.40 -7.88 25.68
C ILE D 213 -15.39 -9.05 25.77
N VAL D 214 -14.86 -9.27 26.98
CA VAL D 214 -13.97 -10.42 27.25
C VAL D 214 -14.70 -11.69 26.92
N SER D 215 -15.90 -11.79 27.47
CA SER D 215 -16.73 -12.96 27.22
C SER D 215 -17.00 -13.14 25.72
N ARG D 216 -17.29 -12.04 25.04
CA ARG D 216 -17.57 -12.15 23.59
C ARG D 216 -16.33 -12.56 22.79
N THR D 217 -15.16 -12.18 23.28
CA THR D 217 -13.89 -12.58 22.67
C THR D 217 -13.63 -14.08 22.86
N ARG D 218 -13.88 -14.60 24.07
CA ARG D 218 -13.77 -16.03 24.36
C ARG D 218 -14.59 -16.85 23.36
N SER D 219 -15.80 -16.38 23.11
CA SER D 219 -16.75 -17.07 22.27
C SER D 219 -16.80 -16.66 20.81
N GLY D 220 -15.84 -15.85 20.39
CA GLY D 220 -15.90 -15.20 19.09
C GLY D 220 -15.97 -16.08 17.85
N GLY D 221 -15.21 -17.17 17.84
CA GLY D 221 -15.31 -18.18 16.76
C GLY D 221 -16.71 -18.77 16.67
N GLY D 222 -17.21 -19.24 17.81
CA GLY D 222 -18.54 -19.85 17.88
C GLY D 222 -19.59 -18.84 17.42
N GLU D 223 -19.37 -17.57 17.78
CA GLU D 223 -20.34 -16.56 17.38
C GLU D 223 -20.50 -16.51 15.82
N ILE D 224 -19.37 -16.60 15.10
CA ILE D 224 -19.39 -16.49 13.66
C ILE D 224 -19.91 -17.77 13.03
N VAL D 225 -19.52 -18.90 13.61
CA VAL D 225 -20.07 -20.17 13.20
C VAL D 225 -21.59 -20.13 13.24
N ALA D 226 -22.16 -19.71 14.38
CA ALA D 226 -23.63 -19.66 14.52
C ALA D 226 -24.24 -18.72 13.48
N LEU D 227 -23.50 -17.67 13.12
CA LEU D 227 -24.01 -16.75 12.13
C LEU D 227 -23.92 -17.29 10.72
N LEU D 228 -22.82 -17.96 10.42
CA LEU D 228 -22.57 -18.40 9.05
C LEU D 228 -23.49 -19.53 8.58
N LYS D 229 -23.89 -20.39 9.51
CA LYS D 229 -24.75 -21.54 9.20
C LYS D 229 -23.93 -22.67 8.65
N THR D 230 -22.97 -22.36 7.81
CA THR D 230 -21.97 -23.31 7.29
C THR D 230 -20.52 -22.86 7.45
N GLY D 231 -19.69 -23.66 8.08
CA GLY D 231 -18.27 -23.34 8.18
C GLY D 231 -17.97 -22.33 9.25
N SER D 232 -16.73 -21.91 9.30
CA SER D 232 -16.31 -21.01 10.34
C SER D 232 -15.57 -19.78 9.78
N ALA D 233 -15.17 -18.90 10.68
CA ALA D 233 -14.40 -17.71 10.37
C ALA D 233 -13.19 -18.04 9.48
N TYR D 234 -12.89 -17.17 8.54
CA TYR D 234 -11.66 -17.33 7.78
C TYR D 234 -10.90 -16.03 7.44
N TYR D 235 -11.58 -14.89 7.33
CA TYR D 235 -10.89 -13.64 7.00
C TYR D 235 -9.90 -13.20 8.11
N ALA D 236 -10.36 -13.15 9.33
CA ALA D 236 -9.48 -12.71 10.42
C ALA D 236 -8.43 -13.76 10.72
N PRO D 237 -8.80 -15.06 10.72
CA PRO D 237 -7.76 -16.05 10.91
C PRO D 237 -6.63 -15.90 9.83
N ALA D 238 -6.99 -15.70 8.54
CA ALA D 238 -6.00 -15.53 7.48
C ALA D 238 -5.19 -14.29 7.72
N ALA D 239 -5.86 -13.21 8.08
CA ALA D 239 -5.14 -11.97 8.37
C ALA D 239 -4.07 -12.14 9.46
N ALA D 240 -4.40 -12.92 10.48
CA ALA D 240 -3.51 -13.19 11.59
C ALA D 240 -2.31 -13.99 11.11
N GLY D 241 -2.59 -15.03 10.32
CA GLY D 241 -1.52 -15.88 9.80
C GLY D 241 -0.52 -15.11 8.94
N ILE D 242 -1.04 -14.29 8.04
CA ILE D 242 -0.17 -13.50 7.19
C ILE D 242 0.62 -12.47 8.03
N GLN D 243 -0.02 -11.90 9.03
CA GLN D 243 0.67 -10.94 9.90
C GLN D 243 1.94 -11.61 10.46
N MSE D 244 1.77 -12.83 10.93
CA MSE D 244 2.84 -13.59 11.50
C MSE D 244 3.88 -13.94 10.48
O MSE D 244 5.07 -13.79 10.74
CB MSE D 244 2.26 -14.88 12.11
CG MSE D 244 1.50 -14.59 13.41
SE MSE D 244 0.32 -16.10 13.94
CE MSE D 244 1.75 -17.39 14.37
N ALA D 245 3.43 -14.41 9.31
CA ALA D 245 4.33 -14.79 8.23
C ALA D 245 5.15 -13.59 7.81
N GLU D 246 4.47 -12.45 7.76
CA GLU D 246 5.11 -11.22 7.30
C GLU D 246 6.20 -10.76 8.28
N SER D 247 5.96 -10.94 9.58
CA SER D 247 6.98 -10.59 10.56
C SER D 247 8.23 -11.47 10.38
N PHE D 248 8.04 -12.70 9.95
CA PHE D 248 9.16 -13.54 9.66
C PHE D 248 9.84 -13.02 8.41
N LEU D 249 9.05 -12.81 7.36
CA LEU D 249 9.62 -12.53 6.03
C LEU D 249 10.32 -11.19 6.00
N LYS D 250 9.77 -10.23 6.73
CA LYS D 250 10.38 -8.88 6.80
C LYS D 250 11.20 -8.67 8.06
N ASP D 251 11.41 -9.73 8.82
CA ASP D 251 12.30 -9.64 9.99
C ASP D 251 11.87 -8.51 10.89
N LYS D 252 10.58 -8.42 11.17
CA LYS D 252 10.06 -7.23 11.88
C LYS D 252 10.31 -7.21 13.37
N LYS D 253 10.45 -8.40 13.96
CA LYS D 253 10.59 -8.59 15.38
C LYS D 253 9.34 -8.19 16.14
N MSE D 254 8.18 -8.47 15.57
CA MSE D 254 6.94 -8.20 16.30
C MSE D 254 6.84 -9.19 17.43
O MSE D 254 7.40 -10.24 17.35
CB MSE D 254 5.75 -8.37 15.40
CG MSE D 254 5.73 -7.36 14.33
SE MSE D 254 4.11 -7.67 13.26
CE MSE D 254 2.95 -6.62 14.52
N ILE D 255 6.13 -8.79 18.48
CA ILE D 255 5.84 -9.66 19.61
C ILE D 255 4.36 -9.85 19.56
N LEU D 256 3.96 -11.12 19.49
CA LEU D 256 2.57 -11.50 19.23
C LEU D 256 2.22 -12.77 20.00
N PRO D 257 1.00 -12.82 20.50
CA PRO D 257 0.51 -14.01 21.22
C PRO D 257 0.27 -15.17 20.27
N CYS D 258 1.13 -16.18 20.38
CA CYS D 258 1.12 -17.32 19.49
C CYS D 258 1.39 -18.57 20.33
N ALA D 259 1.03 -19.72 19.75
CA ALA D 259 1.33 -21.01 20.32
C ALA D 259 2.78 -21.34 19.97
N ALA D 260 3.63 -21.28 20.99
CA ALA D 260 5.02 -21.48 20.83
C ALA D 260 5.52 -22.39 21.88
N LYS D 261 6.54 -23.18 21.53
CA LYS D 261 7.15 -24.05 22.51
C LYS D 261 7.89 -23.22 23.58
N VAL D 262 7.45 -23.34 24.80
CA VAL D 262 8.01 -22.64 25.93
C VAL D 262 8.89 -23.59 26.68
N LYS D 263 10.06 -23.14 27.07
CA LYS D 263 10.98 -24.01 27.82
C LYS D 263 10.56 -24.11 29.27
N ALA D 264 10.91 -25.22 29.90
CA ALA D 264 10.61 -25.49 31.32
C ALA D 264 11.22 -24.37 32.11
N GLY D 265 10.51 -23.89 33.15
CA GLY D 265 10.94 -22.76 34.02
C GLY D 265 10.21 -21.45 33.71
N MSE D 266 10.00 -21.19 32.41
CA MSE D 266 9.30 -20.00 32.01
C MSE D 266 7.84 -20.20 32.33
O MSE D 266 7.30 -21.26 32.04
CB MSE D 266 9.53 -19.77 30.54
CG MSE D 266 9.28 -18.36 30.10
SE MSE D 266 9.75 -18.12 28.18
CE MSE D 266 10.76 -19.79 27.91
N TYR D 267 7.21 -19.20 32.92
CA TYR D 267 5.80 -19.31 33.35
C TYR D 267 5.57 -20.55 34.29
N GLY D 268 6.55 -20.81 35.15
CA GLY D 268 6.50 -21.91 36.12
C GLY D 268 6.28 -23.30 35.55
N LEU D 269 6.56 -23.51 34.26
CA LEU D 269 6.32 -24.78 33.59
C LEU D 269 7.31 -25.87 34.00
N ASP D 270 6.84 -27.10 34.14
CA ASP D 270 7.69 -28.24 34.59
C ASP D 270 8.41 -28.88 33.42
N GLU D 271 7.85 -28.67 32.25
CA GLU D 271 8.35 -29.31 31.07
C GLU D 271 8.07 -28.46 29.87
N ASP D 272 8.78 -28.73 28.78
CA ASP D 272 8.56 -28.00 27.56
C ASP D 272 7.15 -28.25 27.04
N LEU D 273 6.47 -27.16 26.70
CA LEU D 273 5.13 -27.25 26.21
C LEU D 273 4.90 -26.13 25.20
N PHE D 274 4.10 -26.44 24.19
CA PHE D 274 3.50 -25.42 23.34
C PHE D 274 2.38 -24.79 24.12
N VAL D 275 2.48 -23.47 24.26
CA VAL D 275 1.54 -22.65 25.00
C VAL D 275 1.38 -21.30 24.28
N GLY D 276 0.16 -20.75 24.33
CA GLY D 276 -0.09 -19.41 23.84
C GLY D 276 0.60 -18.37 24.74
N VAL D 277 1.66 -17.74 24.24
CA VAL D 277 2.47 -16.79 25.01
C VAL D 277 2.93 -15.72 24.07
N PRO D 278 3.28 -14.54 24.63
CA PRO D 278 3.87 -13.51 23.77
C PRO D 278 5.14 -14.12 23.14
N THR D 279 5.21 -13.99 21.82
CA THR D 279 6.26 -14.57 21.00
C THR D 279 6.85 -13.59 20.02
N GLU D 280 8.17 -13.45 20.03
CA GLU D 280 8.86 -12.66 19.03
C GLU D 280 8.94 -13.42 17.70
N ILE D 281 8.60 -12.74 16.61
CA ILE D 281 8.73 -13.32 15.26
C ILE D 281 9.67 -12.47 14.43
N SER D 282 10.81 -13.06 14.04
CA SER D 282 11.85 -12.41 13.26
C SER D 282 12.37 -13.36 12.20
N ALA D 283 13.37 -12.95 11.45
CA ALA D 283 14.03 -13.78 10.42
C ALA D 283 14.62 -15.07 11.01
N ASN D 284 14.90 -15.04 12.32
CA ASN D 284 15.40 -16.16 13.13
C ASN D 284 14.28 -17.05 13.65
N GLY D 285 13.05 -16.86 13.17
CA GLY D 285 11.94 -17.67 13.60
C GLY D 285 11.31 -17.09 14.88
N VAL D 286 10.85 -17.96 15.77
CA VAL D 286 10.10 -17.50 16.92
C VAL D 286 10.90 -17.68 18.23
N ARG D 287 10.50 -16.90 19.21
CA ARG D 287 11.11 -17.00 20.51
C ARG D 287 10.07 -16.50 21.51
N PRO D 288 9.72 -17.36 22.49
CA PRO D 288 8.77 -16.93 23.51
C PRO D 288 9.36 -15.94 24.47
N ILE D 289 8.55 -14.97 24.87
CA ILE D 289 8.95 -13.95 25.78
C ILE D 289 8.20 -14.17 27.09
N GLU D 290 8.92 -14.05 28.18
CA GLU D 290 8.32 -14.14 29.50
C GLU D 290 7.95 -12.76 29.95
N VAL D 291 6.66 -12.49 30.17
CA VAL D 291 6.24 -11.22 30.78
C VAL D 291 5.65 -11.55 32.13
N GLU D 292 5.74 -10.60 33.06
N GLU D 292 5.74 -10.59 33.04
CA GLU D 292 5.18 -10.74 34.39
CA GLU D 292 5.15 -10.72 34.35
C GLU D 292 3.65 -10.65 34.33
C GLU D 292 3.63 -10.70 34.25
N ILE D 293 2.98 -11.61 34.97
CA ILE D 293 1.53 -11.63 35.01
C ILE D 293 1.09 -11.72 36.48
N SER D 294 -0.16 -11.32 36.73
CA SER D 294 -0.72 -11.32 38.08
C SER D 294 -1.03 -12.76 38.52
N ASP D 295 -1.20 -12.96 39.82
CA ASP D 295 -1.53 -14.27 40.36
C ASP D 295 -2.80 -14.80 39.73
N LYS D 296 -3.77 -13.94 39.52
CA LYS D 296 -5.02 -14.34 38.91
C LYS D 296 -4.83 -14.85 37.48
N GLU D 297 -4.13 -14.07 36.68
CA GLU D 297 -3.89 -14.45 35.28
C GLU D 297 -3.10 -15.77 35.22
N ARG D 298 -2.21 -15.99 36.16
CA ARG D 298 -1.42 -17.20 36.18
CA ARG D 298 -1.42 -17.20 36.13
C ARG D 298 -2.26 -18.41 36.54
N GLU D 299 -3.18 -18.21 37.46
CA GLU D 299 -4.09 -19.30 37.80
C GLU D 299 -4.87 -19.63 36.54
N GLN D 300 -5.28 -18.62 35.79
CA GLN D 300 -6.05 -18.83 34.57
C GLN D 300 -5.20 -19.48 33.53
N LEU D 301 -3.93 -19.12 33.47
CA LEU D 301 -3.04 -19.80 32.51
C LEU D 301 -2.95 -21.32 32.76
N GLN D 302 -3.06 -21.69 34.03
CA GLN D 302 -2.93 -23.08 34.47
C GLN D 302 -4.01 -23.96 33.87
N VAL D 303 -5.22 -23.43 33.73
CA VAL D 303 -6.29 -24.10 32.97
C VAL D 303 -5.79 -24.54 31.60
N SER D 304 -5.28 -23.61 30.80
N SER D 304 -5.28 -23.60 30.82
CA SER D 304 -4.78 -23.96 29.47
CA SER D 304 -4.77 -23.90 29.50
C SER D 304 -3.66 -25.00 29.54
C SER D 304 -3.67 -24.96 29.52
N ILE D 305 -2.74 -24.82 30.47
CA ILE D 305 -1.62 -25.72 30.59
C ILE D 305 -2.11 -27.11 30.89
N ASN D 306 -2.98 -27.23 31.88
CA ASN D 306 -3.63 -28.52 32.16
C ASN D 306 -4.43 -29.10 30.97
N ALA D 307 -5.15 -28.29 30.21
CA ALA D 307 -5.86 -28.84 29.03
C ALA D 307 -4.83 -29.40 28.05
N ILE D 308 -3.77 -28.63 27.82
CA ILE D 308 -2.70 -29.02 26.89
C ILE D 308 -2.01 -30.31 27.35
N LYS D 309 -1.69 -30.40 28.63
CA LYS D 309 -1.13 -31.62 29.13
C LYS D 309 -2.06 -32.79 28.86
N ASP D 310 -3.37 -32.59 29.04
CA ASP D 310 -4.32 -33.68 28.87
C ASP D 310 -4.32 -34.14 27.42
N LEU D 311 -4.36 -33.17 26.51
CA LEU D 311 -4.26 -33.51 25.10
C LEU D 311 -2.92 -34.18 24.76
N ASN D 312 -1.81 -33.69 25.32
CA ASN D 312 -0.52 -34.33 25.03
C ASN D 312 -0.55 -35.79 25.40
N LYS D 313 -1.23 -36.10 26.51
CA LYS D 313 -1.31 -37.49 27.01
C LYS D 313 -2.15 -38.32 26.04
N ALA D 314 -3.37 -37.88 25.72
CA ALA D 314 -4.23 -38.54 24.72
C ALA D 314 -3.46 -38.81 23.39
N ALA D 315 -2.75 -37.80 22.90
CA ALA D 315 -1.94 -37.91 21.68
C ALA D 315 -0.83 -38.98 21.79
N ALA D 316 -0.17 -39.04 22.93
CA ALA D 316 0.87 -40.05 23.18
C ALA D 316 0.27 -41.45 23.13
N GLU D 317 -0.86 -41.62 23.81
CA GLU D 317 -1.57 -42.90 23.82
C GLU D 317 -1.91 -43.25 22.37
N ILE D 318 -2.45 -42.31 21.58
CA ILE D 318 -2.82 -42.67 20.22
C ILE D 318 -1.59 -43.13 19.45
N LEU D 319 -0.49 -42.41 19.60
CA LEU D 319 0.75 -42.79 18.92
C LEU D 319 1.38 -44.13 19.32
N ALA D 320 1.04 -44.62 20.51
CA ALA D 320 1.43 -45.95 20.97
C ALA D 320 0.22 -46.89 20.99
P PO4 E . -27.20 -2.59 -34.87
O1 PO4 E . -27.56 -1.86 -36.16
O2 PO4 E . -25.73 -2.49 -34.57
O3 PO4 E . -27.96 -1.93 -33.75
O4 PO4 E . -27.45 -4.07 -34.95
P PO4 F . -6.02 -9.28 35.93
O1 PO4 F . -6.74 -10.60 35.76
O2 PO4 F . -5.66 -8.88 34.48
O3 PO4 F . -6.88 -8.17 36.48
O4 PO4 F . -4.85 -9.48 36.86
#